data_7WKU
#
_entry.id   7WKU
#
_cell.length_a   122.292
_cell.length_b   122.292
_cell.length_c   289.754
_cell.angle_alpha   90.000
_cell.angle_beta   90.000
_cell.angle_gamma   120.000
#
_symmetry.space_group_name_H-M   'P 61'
#
loop_
_entity.id
_entity.type
_entity.pdbx_description
1 polymer 'Peptidase C30'
2 polymer N-[(5-METHYLISOXAZOL-3-YL)CARBONYL]ALANYL-L-VALYL-N~1~-((1R,2Z)-4-(BENZYLOXY)-4-OXO-1-{[(3R)-2-OXOPYRROLIDIN-3-YL]METHYL}BUT-2-ENYL)-L-LEUCINAMIDE
3 water water
#
loop_
_entity_poly.entity_id
_entity_poly.type
_entity_poly.pdbx_seq_one_letter_code
_entity_poly.pdbx_strand_id
1 'polypeptide(L)'
;SAGIKILLHPSGVVERCMVSVVYNGSALNGIWLKNVVYCPRHVIGKFRGDQWTHMVSIADCRDFIVKCPIQGIQLNVQSV
KMVGALLQLTVHTNNTATPDYKFERLQPGSSMTIACAYDGIVRHVYHVVLQLNNLIYASFLNGACGSVGYTLKGKTLYLH
YMHHIEFNNKTHSGTDLEGNFYGPYVDEEVIQQQTAFQYYTDNVVAQLYAHLLTVDARPKWLAQSQISIEDFNSWAANNS
FANFPCEQTNMSYIMGLSQTARVPVERILNTIIQLTTNRDGACIMGSYDFECDWTPEMVYNQAPISLQ
;
A,B,C,D,E,F
2 'polypeptide(L)' (02J)AVL(PJE)(010) H,I,J,K,L,M
#
loop_
_chem_comp.id
_chem_comp.type
_chem_comp.name
_chem_comp.formula
010 non-polymer phenylmethanol 'C7 H8 O'
02J peptide-like '5-methyl-1,2-oxazole-3-carboxylic acid' 'C5 H5 N O3'
PJE peptide-like '(E,4S)-4-azanyl-5-[(3S)-2-oxidanylidenepyrrolidin-3-yl]pent-2-enoic acid' 'C9 H14 N2 O3'
#
# COMPACT_ATOMS: atom_id res chain seq x y z
N ALA A 2 11.12 -30.07 -24.65
CA ALA A 2 10.06 -29.57 -25.51
C ALA A 2 8.68 -30.01 -25.01
N GLY A 3 8.48 -31.31 -24.89
CA GLY A 3 7.24 -31.87 -24.38
C GLY A 3 7.41 -32.31 -22.94
N ILE A 4 6.44 -31.95 -22.11
CA ILE A 4 6.45 -32.26 -20.68
C ILE A 4 5.37 -33.30 -20.43
N LYS A 5 5.78 -34.47 -19.95
CA LYS A 5 4.86 -35.58 -19.70
C LYS A 5 4.97 -36.00 -18.24
N ILE A 6 4.00 -36.80 -17.80
CA ILE A 6 4.05 -37.43 -16.48
C ILE A 6 5.05 -38.57 -16.57
N LEU A 7 6.25 -38.38 -16.01
CA LEU A 7 7.30 -39.38 -16.09
C LEU A 7 7.16 -40.40 -14.97
N LEU A 8 7.23 -41.68 -15.33
CA LEU A 8 7.13 -42.77 -14.36
C LEU A 8 8.46 -43.51 -14.29
N HIS A 9 8.70 -44.15 -13.14
CA HIS A 9 9.97 -44.88 -13.02
C HIS A 9 9.80 -46.32 -13.50
N PRO A 10 10.81 -46.85 -14.18
CA PRO A 10 10.74 -48.24 -14.68
C PRO A 10 10.47 -49.23 -13.56
N SER A 11 9.55 -50.15 -13.80
CA SER A 11 9.05 -51.07 -12.79
C SER A 11 9.76 -52.42 -12.80
N GLY A 12 10.78 -52.59 -13.63
CA GLY A 12 11.44 -53.88 -13.73
C GLY A 12 12.08 -54.31 -12.41
N VAL A 13 12.74 -53.39 -11.73
CA VAL A 13 13.35 -53.71 -10.44
C VAL A 13 12.31 -54.17 -9.44
N VAL A 14 11.15 -53.53 -9.42
CA VAL A 14 10.10 -53.91 -8.50
C VAL A 14 9.50 -55.23 -8.90
N GLU A 15 9.33 -55.45 -10.19
CA GLU A 15 8.74 -56.71 -10.66
C GLU A 15 9.53 -57.91 -10.19
N ARG A 16 10.87 -57.83 -10.27
CA ARG A 16 11.71 -58.96 -9.88
C ARG A 16 11.65 -59.25 -8.39
N CYS A 17 11.14 -58.34 -7.57
CA CYS A 17 11.05 -58.54 -6.14
C CYS A 17 9.63 -58.83 -5.65
N MET A 18 8.64 -58.71 -6.50
CA MET A 18 7.28 -58.92 -6.09
C MET A 18 6.97 -60.36 -5.85
N VAL A 19 6.21 -60.63 -4.80
CA VAL A 19 5.81 -61.99 -4.50
C VAL A 19 4.33 -61.97 -4.11
N SER A 20 3.74 -63.16 -4.09
CA SER A 20 2.37 -63.34 -3.64
C SER A 20 2.38 -64.00 -2.27
N VAL A 21 1.53 -63.50 -1.38
CA VAL A 21 1.39 -64.03 -0.03
C VAL A 21 -0.05 -64.50 0.15
N VAL A 22 -0.21 -65.77 0.46
CA VAL A 22 -1.52 -66.34 0.66
C VAL A 22 -1.56 -67.03 2.01
N TYR A 23 -2.29 -66.47 2.95
CA TYR A 23 -2.47 -67.01 4.30
C TYR A 23 -3.91 -67.48 4.41
N ASN A 24 -4.11 -68.79 4.35
CA ASN A 24 -5.43 -69.38 4.42
C ASN A 24 -6.37 -68.77 3.38
N GLY A 25 -7.27 -67.89 3.81
CA GLY A 25 -8.26 -67.33 2.92
C GLY A 25 -7.79 -66.13 2.10
N SER A 26 -6.98 -65.27 2.70
CA SER A 26 -6.58 -64.03 2.05
C SER A 26 -5.38 -64.25 1.15
N ALA A 27 -5.39 -63.57 0.00
CA ALA A 27 -4.29 -63.61 -0.95
C ALA A 27 -3.99 -62.19 -1.41
N LEU A 28 -2.79 -61.71 -1.13
CA LEU A 28 -2.36 -60.38 -1.54
C LEU A 28 -0.91 -60.47 -2.01
N ASN A 29 -0.28 -59.31 -2.18
CA ASN A 29 1.07 -59.21 -2.70
C ASN A 29 2.04 -58.79 -1.60
N GLY A 30 3.31 -59.00 -1.88
CA GLY A 30 4.37 -58.56 -0.98
C GLY A 30 5.64 -58.33 -1.77
N ILE A 31 6.57 -57.60 -1.15
CA ILE A 31 7.86 -57.34 -1.75
C ILE A 31 8.92 -58.14 -0.99
N TRP A 32 9.88 -58.70 -1.73
CA TRP A 32 10.93 -59.54 -1.17
C TRP A 32 12.27 -58.91 -1.35
N LEU A 33 12.83 -58.41 -0.27
CA LEU A 33 14.13 -57.76 -0.26
C LEU A 33 15.05 -58.53 0.67
N LYS A 34 16.25 -58.84 0.18
CA LYS A 34 17.21 -59.67 0.90
C LYS A 34 16.54 -60.98 1.30
N ASN A 35 16.46 -61.25 2.61
CA ASN A 35 15.83 -62.46 3.11
C ASN A 35 14.52 -62.16 3.83
N VAL A 36 13.94 -60.99 3.59
CA VAL A 36 12.71 -60.55 4.25
C VAL A 36 11.64 -60.28 3.20
N VAL A 37 10.43 -60.73 3.49
CA VAL A 37 9.25 -60.45 2.66
C VAL A 37 8.35 -59.53 3.46
N TYR A 38 8.03 -58.37 2.88
CA TYR A 38 7.17 -57.37 3.51
C TYR A 38 5.79 -57.46 2.88
N CYS A 39 4.75 -57.42 3.71
CA CYS A 39 3.37 -57.53 3.23
C CYS A 39 2.44 -56.98 4.30
N PRO A 40 1.25 -56.52 3.92
CA PRO A 40 0.30 -56.02 4.92
C PRO A 40 -0.09 -57.08 5.93
N ARG A 41 -0.30 -56.65 7.16
CA ARG A 41 -0.62 -57.58 8.23
C ARG A 41 -2.01 -58.14 8.17
N HIS A 42 -2.92 -57.44 7.50
CA HIS A 42 -4.31 -57.94 7.53
C HIS A 42 -4.50 -59.17 6.69
N VAL A 43 -3.43 -59.76 6.15
CA VAL A 43 -3.53 -61.04 5.48
C VAL A 43 -3.85 -62.17 6.45
N ILE A 44 -3.59 -61.98 7.75
CA ILE A 44 -3.89 -63.00 8.74
C ILE A 44 -5.27 -62.83 9.36
N GLY A 45 -6.03 -61.85 8.94
CA GLY A 45 -7.36 -61.59 9.46
C GLY A 45 -7.66 -60.11 9.52
N LYS A 46 -8.94 -59.83 9.64
CA LYS A 46 -9.39 -58.47 9.73
C LYS A 46 -9.61 -58.11 11.16
N PHE A 47 -8.55 -57.76 11.84
CA PHE A 47 -8.59 -57.41 13.24
C PHE A 47 -8.51 -55.93 13.46
N ARG A 48 -8.53 -55.49 14.69
CA ARG A 48 -8.55 -54.08 14.99
C ARG A 48 -7.80 -53.70 16.23
N GLY A 49 -7.53 -52.42 16.37
CA GLY A 49 -6.91 -51.92 17.58
C GLY A 49 -5.59 -52.59 17.96
N ASP A 50 -5.59 -53.30 19.08
CA ASP A 50 -4.35 -53.82 19.65
C ASP A 50 -4.35 -55.33 19.80
N GLN A 51 -5.11 -56.03 18.96
CA GLN A 51 -5.12 -57.47 19.00
C GLN A 51 -4.14 -58.04 18.01
N TRP A 52 -3.49 -57.19 17.24
CA TRP A 52 -2.56 -57.65 16.21
C TRP A 52 -1.35 -58.37 16.81
N THR A 53 -0.88 -57.93 17.97
CA THR A 53 0.31 -58.53 18.58
C THR A 53 0.08 -59.99 18.89
N HIS A 54 -1.06 -60.31 19.54
CA HIS A 54 -1.33 -61.70 19.89
C HIS A 54 -1.68 -62.52 18.64
N MET A 55 -2.44 -61.94 17.71
CA MET A 55 -2.84 -62.68 16.52
C MET A 55 -1.63 -63.04 15.65
N VAL A 56 -0.69 -62.12 15.52
CA VAL A 56 0.51 -62.41 14.72
C VAL A 56 1.41 -63.41 15.44
N SER A 57 1.51 -63.29 16.77
CA SER A 57 2.39 -64.17 17.52
C SER A 57 1.95 -65.62 17.49
N ILE A 58 0.68 -65.89 17.18
CA ILE A 58 0.17 -67.25 17.10
C ILE A 58 -0.09 -67.68 15.66
N ALA A 59 0.37 -66.91 14.68
CA ALA A 59 0.19 -67.25 13.28
C ALA A 59 1.22 -68.30 12.85
N ASP A 60 0.74 -69.38 12.24
CA ASP A 60 1.62 -70.46 11.83
C ASP A 60 2.43 -70.06 10.61
N CYS A 61 3.74 -70.27 10.68
CA CYS A 61 4.60 -69.98 9.53
C CYS A 61 4.26 -70.87 8.34
N ARG A 62 3.79 -72.10 8.59
CA ARG A 62 3.48 -73.00 7.50
C ARG A 62 2.25 -72.56 6.71
N ASP A 63 1.37 -71.75 7.31
CA ASP A 63 0.18 -71.27 6.62
C ASP A 63 0.50 -70.15 5.63
N PHE A 64 1.71 -69.61 5.64
CA PHE A 64 2.12 -68.55 4.73
C PHE A 64 2.66 -69.18 3.44
N ILE A 65 1.90 -69.08 2.37
CA ILE A 65 2.33 -69.56 1.06
C ILE A 65 2.86 -68.35 0.29
N VAL A 66 4.18 -68.32 0.09
CA VAL A 66 4.85 -67.20 -0.58
C VAL A 66 5.51 -67.71 -1.84
N LYS A 67 5.17 -67.07 -2.97
CA LYS A 67 5.68 -67.47 -4.28
C LYS A 67 6.17 -66.24 -5.03
N CYS A 68 7.36 -66.35 -5.61
CA CYS A 68 7.89 -65.32 -6.50
C CYS A 68 7.61 -65.72 -7.95
N PRO A 69 6.61 -65.13 -8.60
CA PRO A 69 6.25 -65.60 -9.95
C PRO A 69 7.30 -65.32 -11.00
N ILE A 70 7.97 -64.17 -10.95
CA ILE A 70 8.95 -63.83 -11.97
C ILE A 70 10.11 -64.81 -11.95
N GLN A 71 10.63 -65.12 -10.76
CA GLN A 71 11.75 -66.04 -10.63
C GLN A 71 11.31 -67.50 -10.53
N GLY A 72 10.00 -67.76 -10.49
CA GLY A 72 9.51 -69.12 -10.37
C GLY A 72 9.99 -69.85 -9.13
N ILE A 73 9.99 -69.16 -7.98
CA ILE A 73 10.53 -69.69 -6.74
C ILE A 73 9.45 -69.63 -5.67
N GLN A 74 9.22 -70.76 -5.01
CA GLN A 74 8.34 -70.80 -3.84
C GLN A 74 9.19 -70.62 -2.58
N LEU A 75 8.74 -69.75 -1.69
CA LEU A 75 9.50 -69.41 -0.50
C LEU A 75 8.90 -70.09 0.73
N ASN A 76 9.74 -70.25 1.77
CA ASN A 76 9.34 -70.85 3.03
C ASN A 76 9.67 -69.88 4.16
N VAL A 77 8.67 -69.57 4.97
CA VAL A 77 8.80 -68.57 6.03
C VAL A 77 9.32 -69.25 7.29
N GLN A 78 10.42 -68.75 7.82
CA GLN A 78 11.00 -69.26 9.06
CA GLN A 78 10.97 -69.27 9.07
C GLN A 78 10.59 -68.44 10.28
N SER A 79 10.49 -67.12 10.17
CA SER A 79 9.94 -66.28 11.23
C SER A 79 8.98 -65.19 10.82
N VAL A 80 8.14 -64.76 11.75
CA VAL A 80 7.16 -63.73 11.47
C VAL A 80 7.33 -62.60 12.45
N LYS A 81 7.45 -61.39 11.96
CA LYS A 81 7.62 -60.20 12.80
C LYS A 81 6.70 -59.11 12.30
N MET A 82 5.94 -58.51 13.21
CA MET A 82 5.07 -57.39 12.87
C MET A 82 5.82 -56.08 13.16
N VAL A 83 6.06 -55.31 12.10
CA VAL A 83 6.70 -54.00 12.21
C VAL A 83 5.68 -52.97 11.76
N GLY A 84 5.12 -52.24 12.71
CA GLY A 84 4.04 -51.33 12.38
C GLY A 84 2.83 -52.11 11.91
N ALA A 85 2.25 -51.69 10.79
CA ALA A 85 1.11 -52.40 10.21
C ALA A 85 1.52 -53.40 9.14
N LEU A 86 2.79 -53.75 9.11
CA LEU A 86 3.27 -54.69 8.15
C LEU A 86 3.81 -55.94 8.79
N LEU A 87 3.99 -56.98 8.00
CA LEU A 87 4.58 -58.20 8.50
C LEU A 87 5.92 -58.35 7.84
N GLN A 88 6.95 -58.65 8.59
CA GLN A 88 8.30 -58.91 8.09
C GLN A 88 8.52 -60.42 8.16
N LEU A 89 8.31 -61.10 7.04
CA LEU A 89 8.46 -62.54 6.97
C LEU A 89 9.90 -62.87 6.58
N THR A 90 10.67 -63.39 7.53
CA THR A 90 12.01 -63.88 7.21
C THR A 90 11.91 -65.18 6.44
N VAL A 91 12.61 -65.27 5.31
CA VAL A 91 12.60 -66.47 4.48
C VAL A 91 14.03 -67.02 4.42
N HIS A 92 14.12 -68.29 4.01
CA HIS A 92 15.42 -68.94 3.94
C HIS A 92 16.24 -68.42 2.76
N THR A 93 15.59 -68.17 1.63
CA THR A 93 16.28 -67.79 0.41
C THR A 93 16.47 -66.28 0.35
N ASN A 94 17.69 -65.86 0.03
CA ASN A 94 18.00 -64.44 -0.16
C ASN A 94 17.75 -64.07 -1.62
N ASN A 95 16.99 -63.00 -1.86
CA ASN A 95 16.70 -62.55 -3.21
C ASN A 95 17.91 -62.02 -3.89
N THR A 96 18.34 -62.74 -4.91
CA THR A 96 19.49 -62.30 -5.66
C THR A 96 19.21 -61.05 -6.49
N ALA A 97 17.94 -60.75 -6.74
CA ALA A 97 17.56 -59.55 -7.48
C ALA A 97 17.36 -58.34 -6.58
N THR A 98 17.72 -58.44 -5.30
CA THR A 98 17.55 -57.32 -4.39
C THR A 98 18.48 -56.17 -4.77
N PRO A 99 17.95 -55.00 -5.10
CA PRO A 99 18.82 -53.87 -5.43
C PRO A 99 19.24 -53.10 -4.19
N ASP A 100 20.08 -52.10 -4.37
CA ASP A 100 20.32 -51.11 -3.32
C ASP A 100 19.02 -50.34 -3.10
N TYR A 101 18.39 -50.55 -1.95
CA TYR A 101 17.09 -49.94 -1.68
C TYR A 101 17.15 -49.08 -0.42
N LYS A 102 16.15 -48.21 -0.30
CA LYS A 102 16.00 -47.32 0.85
C LYS A 102 14.52 -47.20 1.16
N PHE A 103 14.19 -47.17 2.45
CA PHE A 103 12.83 -46.93 2.92
C PHE A 103 12.72 -45.44 3.23
N GLU A 104 12.13 -44.70 2.32
CA GLU A 104 12.01 -43.25 2.45
C GLU A 104 10.54 -42.88 2.61
N ARG A 105 10.21 -42.21 3.71
CA ARG A 105 8.86 -41.72 3.89
C ARG A 105 8.61 -40.53 2.97
N LEU A 106 7.41 -40.45 2.43
CA LEU A 106 7.05 -39.43 1.45
C LEU A 106 6.34 -38.28 2.14
N GLN A 107 6.74 -37.04 1.80
CA GLN A 107 6.01 -35.86 2.26
C GLN A 107 4.91 -35.51 1.27
N PRO A 108 3.81 -34.92 1.72
CA PRO A 108 2.73 -34.56 0.79
C PRO A 108 3.24 -33.66 -0.33
N GLY A 109 2.59 -33.78 -1.49
CA GLY A 109 3.01 -33.06 -2.68
C GLY A 109 4.07 -33.77 -3.52
N SER A 110 4.60 -34.89 -3.05
CA SER A 110 5.62 -35.63 -3.79
C SER A 110 4.98 -36.72 -4.63
N SER A 111 5.59 -36.99 -5.77
CA SER A 111 5.07 -37.98 -6.70
C SER A 111 5.75 -39.32 -6.47
N MET A 112 5.15 -40.36 -7.02
CA MET A 112 5.66 -41.72 -6.87
C MET A 112 4.95 -42.62 -7.87
N THR A 113 5.64 -43.68 -8.28
CA THR A 113 5.10 -44.64 -9.22
C THR A 113 4.49 -45.80 -8.45
N ILE A 114 3.27 -46.18 -8.82
CA ILE A 114 2.56 -47.29 -8.19
C ILE A 114 2.66 -48.51 -9.10
N ALA A 115 3.12 -49.63 -8.55
CA ALA A 115 3.19 -50.90 -9.27
C ALA A 115 2.00 -51.75 -8.80
N CYS A 116 0.87 -51.57 -9.46
CA CYS A 116 -0.34 -52.30 -9.08
C CYS A 116 -0.19 -53.77 -9.46
N ALA A 117 -0.20 -54.65 -8.45
CA ALA A 117 0.10 -56.05 -8.63
C ALA A 117 -1.06 -56.92 -8.17
N TYR A 118 -1.17 -58.09 -8.79
CA TYR A 118 -2.16 -59.10 -8.43
C TYR A 118 -1.51 -60.46 -8.51
N ASP A 119 -1.69 -61.28 -7.48
CA ASP A 119 -1.08 -62.61 -7.38
C ASP A 119 0.44 -62.55 -7.55
N GLY A 120 1.04 -61.43 -7.16
CA GLY A 120 2.49 -61.27 -7.23
C GLY A 120 3.02 -60.77 -8.56
N ILE A 121 2.15 -60.40 -9.49
CA ILE A 121 2.55 -59.95 -10.82
C ILE A 121 2.05 -58.52 -11.01
N VAL A 122 2.98 -57.61 -11.29
CA VAL A 122 2.63 -56.22 -11.52
C VAL A 122 1.80 -56.14 -12.81
N ARG A 123 0.50 -55.93 -12.65
CA ARG A 123 -0.41 -55.85 -13.80
C ARG A 123 -0.34 -54.46 -14.45
N HIS A 124 -0.51 -53.40 -13.67
CA HIS A 124 -0.52 -52.06 -14.19
C HIS A 124 0.42 -51.18 -13.38
N VAL A 125 0.80 -50.05 -13.98
CA VAL A 125 1.74 -49.11 -13.38
C VAL A 125 1.24 -47.70 -13.68
N TYR A 126 1.08 -46.88 -12.66
CA TYR A 126 0.57 -45.52 -12.86
C TYR A 126 1.21 -44.58 -11.84
N HIS A 127 0.91 -43.29 -12.00
CA HIS A 127 1.55 -42.22 -11.25
C HIS A 127 0.54 -41.59 -10.30
N VAL A 128 0.98 -41.34 -9.06
CA VAL A 128 0.15 -40.70 -8.04
C VAL A 128 1.00 -39.67 -7.30
N VAL A 129 0.31 -38.82 -6.54
CA VAL A 129 0.94 -37.85 -5.66
C VAL A 129 0.26 -37.92 -4.31
N LEU A 130 1.05 -38.02 -3.24
CA LEU A 130 0.50 -38.01 -1.89
C LEU A 130 -0.14 -36.66 -1.62
N GLN A 131 -1.45 -36.65 -1.39
CA GLN A 131 -2.16 -35.40 -1.19
C GLN A 131 -2.00 -34.91 0.25
N LEU A 132 -2.44 -33.66 0.48
CA LEU A 132 -2.29 -33.05 1.79
C LEU A 132 -3.12 -33.75 2.86
N ASN A 133 -4.15 -34.50 2.48
CA ASN A 133 -4.90 -35.33 3.43
C ASN A 133 -4.23 -36.67 3.67
N ASN A 134 -3.00 -36.85 3.18
CA ASN A 134 -2.24 -38.10 3.32
C ASN A 134 -2.94 -39.27 2.63
N LEU A 135 -3.71 -38.99 1.60
CA LEU A 135 -4.32 -40.00 0.77
C LEU A 135 -3.77 -39.91 -0.65
N ILE A 136 -3.81 -41.02 -1.36
CA ILE A 136 -3.52 -41.04 -2.79
C ILE A 136 -4.81 -41.36 -3.52
N TYR A 137 -4.93 -40.87 -4.75
CA TYR A 137 -6.07 -41.11 -5.63
C TYR A 137 -5.59 -42.09 -6.70
N ALA A 138 -5.69 -43.38 -6.39
CA ALA A 138 -5.12 -44.42 -7.22
C ALA A 138 -6.23 -45.27 -7.86
N SER A 139 -5.89 -46.51 -8.21
CA SER A 139 -6.81 -47.42 -8.86
C SER A 139 -6.44 -48.83 -8.42
N PHE A 140 -7.30 -49.46 -7.63
CA PHE A 140 -7.01 -50.76 -7.06
C PHE A 140 -8.28 -51.58 -6.98
N LEU A 141 -8.12 -52.90 -7.04
CA LEU A 141 -9.19 -53.86 -6.80
C LEU A 141 -8.77 -54.80 -5.67
N ASN A 142 -9.64 -55.74 -5.34
CA ASN A 142 -9.32 -56.70 -4.29
C ASN A 142 -8.14 -57.57 -4.73
N GLY A 143 -7.30 -57.92 -3.76
CA GLY A 143 -6.07 -58.63 -4.04
C GLY A 143 -4.90 -57.75 -4.42
N ALA A 144 -5.11 -56.43 -4.55
CA ALA A 144 -4.04 -55.52 -4.91
C ALA A 144 -3.25 -55.03 -3.70
N CYS A 145 -3.70 -55.31 -2.48
CA CYS A 145 -2.96 -54.91 -1.31
C CYS A 145 -1.56 -55.52 -1.35
N GLY A 146 -0.59 -54.78 -0.84
CA GLY A 146 0.80 -55.15 -0.96
C GLY A 146 1.52 -54.51 -2.13
N SER A 147 0.78 -53.93 -3.08
CA SER A 147 1.40 -53.15 -4.14
C SER A 147 2.20 -52.02 -3.53
N VAL A 148 3.31 -51.68 -4.15
CA VAL A 148 4.24 -50.71 -3.59
C VAL A 148 4.26 -49.46 -4.45
N GLY A 149 4.52 -48.33 -3.80
CA GLY A 149 4.82 -47.08 -4.47
C GLY A 149 6.30 -46.79 -4.29
N TYR A 150 6.95 -46.34 -5.35
CA TYR A 150 8.41 -46.27 -5.36
C TYR A 150 8.86 -45.14 -6.27
N THR A 151 10.14 -44.80 -6.13
CA THR A 151 10.86 -43.94 -7.06
C THR A 151 12.25 -44.54 -7.27
N LEU A 152 13.00 -43.94 -8.19
CA LEU A 152 14.34 -44.42 -8.51
C LEU A 152 15.32 -43.26 -8.58
N LYS A 153 16.59 -43.55 -8.27
CA LYS A 153 17.65 -42.55 -8.33
C LYS A 153 18.97 -43.30 -8.58
N GLY A 154 19.18 -43.69 -9.84
CA GLY A 154 20.40 -44.36 -10.23
C GLY A 154 20.54 -45.75 -9.65
N LYS A 155 19.71 -46.68 -10.11
CA LYS A 155 19.70 -48.08 -9.69
C LYS A 155 19.40 -48.25 -8.21
N THR A 156 19.04 -47.19 -7.51
CA THR A 156 18.68 -47.26 -6.09
C THR A 156 17.16 -47.14 -5.98
N LEU A 157 16.52 -48.17 -5.43
CA LEU A 157 15.06 -48.21 -5.33
C LEU A 157 14.63 -47.54 -4.03
N TYR A 158 13.78 -46.53 -4.16
CA TYR A 158 13.24 -45.80 -3.01
C TYR A 158 11.77 -46.19 -2.85
N LEU A 159 11.49 -47.06 -1.88
CA LEU A 159 10.13 -47.51 -1.60
C LEU A 159 9.47 -46.56 -0.60
N HIS A 160 8.28 -46.08 -0.94
CA HIS A 160 7.58 -45.09 -0.13
C HIS A 160 6.22 -45.55 0.38
N TYR A 161 5.62 -46.57 -0.20
CA TYR A 161 4.22 -46.83 0.06
C TYR A 161 3.90 -48.29 -0.16
N MET A 162 2.91 -48.78 0.57
CA MET A 162 2.33 -50.10 0.33
C MET A 162 0.84 -50.02 0.60
N HIS A 163 0.06 -50.53 -0.34
CA HIS A 163 -1.39 -50.31 -0.30
C HIS A 163 -2.04 -51.19 0.76
N HIS A 164 -3.07 -50.62 1.40
CA HIS A 164 -3.77 -51.30 2.50
C HIS A 164 -5.28 -51.24 2.35
N ILE A 165 -5.83 -50.04 2.10
CA ILE A 165 -7.26 -49.81 2.28
C ILE A 165 -7.76 -48.82 1.23
N GLU A 166 -9.03 -48.99 0.84
CA GLU A 166 -9.73 -48.08 -0.06
C GLU A 166 -10.93 -47.50 0.67
N PHE A 167 -11.12 -46.19 0.56
CA PHE A 167 -12.25 -45.52 1.15
C PHE A 167 -13.36 -45.34 0.11
N ASN A 168 -14.57 -45.06 0.60
CA ASN A 168 -15.74 -45.04 -0.28
C ASN A 168 -15.63 -43.95 -1.34
N ASN A 169 -14.92 -42.89 -1.05
CA ASN A 169 -14.71 -41.82 -2.03
C ASN A 169 -13.65 -42.21 -3.04
N LYS A 170 -13.30 -43.49 -3.08
CA LYS A 170 -12.29 -44.03 -3.98
C LYS A 170 -10.94 -43.33 -3.78
N THR A 171 -10.63 -43.02 -2.53
CA THR A 171 -9.29 -42.62 -2.11
C THR A 171 -8.61 -43.83 -1.45
N HIS A 172 -7.28 -43.80 -1.46
CA HIS A 172 -6.52 -44.95 -1.02
C HIS A 172 -5.48 -44.56 0.03
N SER A 173 -5.27 -45.49 0.96
CA SER A 173 -4.34 -45.27 2.05
C SER A 173 -3.49 -46.47 2.34
N GLY A 174 -2.34 -46.22 2.90
CA GLY A 174 -1.42 -47.29 3.23
C GLY A 174 -0.33 -46.83 4.16
N THR A 175 0.73 -47.62 4.22
CA THR A 175 1.86 -47.35 5.09
C THR A 175 3.11 -47.12 4.25
N ASP A 176 4.14 -46.60 4.91
CA ASP A 176 5.47 -46.65 4.32
C ASP A 176 6.02 -48.05 4.49
N LEU A 177 7.23 -48.30 3.99
CA LEU A 177 7.75 -49.64 4.13
C LEU A 177 8.26 -49.92 5.54
N GLU A 178 8.10 -48.96 6.45
CA GLU A 178 8.48 -49.14 7.84
C GLU A 178 7.29 -49.59 8.69
N GLY A 179 6.09 -49.57 8.11
CA GLY A 179 4.91 -50.06 8.79
C GLY A 179 3.97 -49.00 9.31
N ASN A 180 4.29 -47.72 9.11
CA ASN A 180 3.51 -46.62 9.66
C ASN A 180 2.64 -46.01 8.58
N PHE A 181 1.36 -45.83 8.89
CA PHE A 181 0.41 -45.29 7.93
C PHE A 181 0.72 -43.83 7.60
N TYR A 182 0.26 -43.39 6.45
CA TYR A 182 0.23 -41.98 6.09
C TYR A 182 -1.08 -41.40 6.58
N GLY A 183 -1.01 -40.47 7.54
CA GLY A 183 -2.19 -39.87 8.11
C GLY A 183 -2.74 -40.65 9.27
N PRO A 184 -3.96 -40.30 9.70
CA PRO A 184 -4.56 -40.97 10.86
C PRO A 184 -5.44 -42.15 10.50
N TYR A 185 -5.07 -42.87 9.44
CA TYR A 185 -5.87 -43.98 8.95
C TYR A 185 -5.27 -45.31 9.40
N VAL A 186 -6.14 -46.30 9.60
CA VAL A 186 -5.74 -47.63 10.05
C VAL A 186 -6.35 -48.66 9.11
N ASP A 187 -5.84 -49.89 9.22
CA ASP A 187 -6.29 -51.00 8.39
C ASP A 187 -7.52 -51.67 8.98
N GLU A 188 -8.59 -50.90 9.10
CA GLU A 188 -9.85 -51.36 9.65
C GLU A 188 -11.00 -50.92 8.75
N GLU A 189 -11.98 -51.80 8.57
CA GLU A 189 -13.11 -51.53 7.67
C GLU A 189 -14.24 -50.84 8.42
N VAL A 190 -13.94 -49.64 8.91
CA VAL A 190 -14.89 -48.82 9.64
C VAL A 190 -14.78 -47.39 9.11
N ILE A 191 -15.78 -46.59 9.46
CA ILE A 191 -15.80 -45.19 9.04
C ILE A 191 -14.63 -44.46 9.68
N GLN A 192 -13.81 -43.81 8.85
CA GLN A 192 -12.67 -43.05 9.30
C GLN A 192 -12.74 -41.64 8.72
N GLN A 193 -12.68 -40.64 9.58
CA GLN A 193 -12.79 -39.27 9.10
C GLN A 193 -11.52 -38.84 8.40
N GLN A 194 -11.68 -38.08 7.31
CA GLN A 194 -10.57 -37.54 6.55
C GLN A 194 -10.62 -36.02 6.63
N THR A 195 -9.45 -35.40 6.78
CA THR A 195 -9.40 -33.94 6.74
C THR A 195 -9.84 -33.44 5.38
N ALA A 196 -10.44 -32.25 5.38
CA ALA A 196 -10.96 -31.68 4.14
C ALA A 196 -9.84 -31.56 3.11
N PHE A 197 -10.22 -31.65 1.84
CA PHE A 197 -9.24 -31.60 0.77
C PHE A 197 -8.59 -30.22 0.70
N GLN A 198 -7.31 -30.20 0.36
CA GLN A 198 -6.55 -28.97 0.20
C GLN A 198 -5.60 -29.14 -0.97
N TYR A 199 -5.56 -28.15 -1.86
CA TYR A 199 -4.73 -28.24 -3.06
C TYR A 199 -3.28 -27.94 -2.71
N TYR A 200 -2.38 -28.82 -3.16
CA TYR A 200 -0.95 -28.55 -3.06
C TYR A 200 -0.61 -27.47 -4.09
N THR A 201 -0.55 -26.22 -3.63
CA THR A 201 -0.45 -25.08 -4.54
C THR A 201 0.80 -25.16 -5.42
N ASP A 202 1.91 -25.65 -4.86
CA ASP A 202 3.13 -25.80 -5.67
C ASP A 202 2.86 -26.63 -6.91
N ASN A 203 2.13 -27.73 -6.76
CA ASN A 203 1.89 -28.61 -7.89
C ASN A 203 0.89 -28.00 -8.88
N VAL A 204 -0.14 -27.33 -8.37
CA VAL A 204 -1.11 -26.67 -9.25
C VAL A 204 -0.42 -25.59 -10.07
N VAL A 205 0.54 -24.89 -9.46
CA VAL A 205 1.33 -23.90 -10.21
C VAL A 205 2.13 -24.60 -11.31
N ALA A 206 2.68 -25.79 -11.00
CA ALA A 206 3.47 -26.51 -11.98
C ALA A 206 2.60 -26.97 -13.15
N GLN A 207 1.37 -27.39 -12.88
CA GLN A 207 0.47 -27.81 -13.95
C GLN A 207 0.18 -26.66 -14.91
N LEU A 208 -0.07 -25.46 -14.37
CA LEU A 208 -0.33 -24.32 -15.23
C LEU A 208 0.90 -23.94 -16.04
N TYR A 209 2.09 -23.99 -15.43
CA TYR A 209 3.31 -23.72 -16.18
C TYR A 209 3.53 -24.77 -17.26
N ALA A 210 3.23 -26.04 -16.95
CA ALA A 210 3.39 -27.10 -17.94
C ALA A 210 2.51 -26.87 -19.15
N HIS A 211 1.31 -26.31 -18.94
CA HIS A 211 0.44 -25.99 -20.06
C HIS A 211 1.02 -24.86 -20.90
N LEU A 212 1.66 -23.88 -20.25
CA LEU A 212 2.24 -22.75 -20.97
C LEU A 212 3.42 -23.16 -21.84
N LEU A 213 4.05 -24.29 -21.54
CA LEU A 213 5.26 -24.69 -22.24
C LEU A 213 5.03 -25.77 -23.29
N THR A 214 3.85 -26.38 -23.31
CA THR A 214 3.54 -27.44 -24.27
C THR A 214 2.29 -27.16 -25.10
N VAL A 215 1.26 -26.54 -24.52
CA VAL A 215 -0.01 -26.38 -25.21
C VAL A 215 -0.13 -24.96 -25.78
N ASP A 216 -0.26 -23.97 -24.90
CA ASP A 216 -0.49 -22.59 -25.30
C ASP A 216 0.28 -21.67 -24.38
N ALA A 217 1.21 -20.90 -24.94
CA ALA A 217 1.99 -19.96 -24.13
C ALA A 217 1.14 -18.79 -23.67
N ARG A 218 0.14 -18.40 -24.46
CA ARG A 218 -0.72 -17.27 -24.13
C ARG A 218 -2.18 -17.70 -24.26
N PRO A 219 -2.67 -18.53 -23.35
CA PRO A 219 -4.06 -18.96 -23.41
C PRO A 219 -4.99 -17.84 -22.95
N LYS A 220 -6.28 -18.02 -23.27
CA LYS A 220 -7.26 -16.99 -22.97
C LYS A 220 -7.61 -16.92 -21.48
N TRP A 221 -7.41 -17.99 -20.73
CA TRP A 221 -7.69 -17.98 -19.31
C TRP A 221 -6.54 -17.47 -18.45
N LEU A 222 -5.38 -17.20 -19.05
CA LEU A 222 -4.26 -16.65 -18.31
C LEU A 222 -4.59 -15.23 -17.87
N ALA A 223 -4.32 -14.93 -16.59
CA ALA A 223 -4.70 -13.63 -16.05
C ALA A 223 -3.87 -12.53 -16.68
N GLN A 224 -4.49 -11.40 -16.98
CA GLN A 224 -3.73 -10.28 -17.50
C GLN A 224 -3.28 -9.49 -16.31
N SER A 225 -3.52 -10.02 -15.12
CA SER A 225 -3.21 -9.31 -13.91
C SER A 225 -2.42 -10.18 -12.97
N GLN A 226 -1.74 -9.55 -12.03
CA GLN A 226 -0.97 -10.29 -11.06
C GLN A 226 -1.42 -10.07 -9.65
N ILE A 227 -1.05 -10.96 -8.77
CA ILE A 227 -1.32 -10.82 -7.34
C ILE A 227 -0.07 -11.28 -6.59
N SER A 228 0.23 -10.58 -5.50
CA SER A 228 1.40 -10.92 -4.71
C SER A 228 1.20 -12.27 -4.03
N ILE A 229 2.32 -12.90 -3.69
CA ILE A 229 2.26 -14.16 -2.95
C ILE A 229 1.54 -13.96 -1.62
N GLU A 230 1.80 -12.82 -0.97
CA GLU A 230 1.20 -12.56 0.34
C GLU A 230 -0.31 -12.41 0.24
N ASP A 231 -0.79 -11.70 -0.78
CA ASP A 231 -2.23 -11.56 -0.98
C ASP A 231 -2.86 -12.88 -1.40
N PHE A 232 -2.15 -13.68 -2.21
CA PHE A 232 -2.66 -14.98 -2.59
C PHE A 232 -2.82 -15.90 -1.38
N ASN A 233 -1.82 -15.89 -0.48
CA ASN A 233 -1.90 -16.74 0.69
C ASN A 233 -3.07 -16.36 1.60
N SER A 234 -3.42 -15.06 1.61
CA SER A 234 -4.58 -14.64 2.38
C SER A 234 -5.88 -15.17 1.76
N TRP A 235 -5.95 -15.17 0.43
CA TRP A 235 -7.08 -15.77 -0.26
C TRP A 235 -7.06 -17.29 -0.12
N ALA A 236 -5.86 -17.89 -0.17
CA ALA A 236 -5.75 -19.35 -0.15
C ALA A 236 -6.28 -19.96 1.14
N ALA A 237 -6.24 -19.22 2.24
CA ALA A 237 -6.71 -19.76 3.51
C ALA A 237 -8.21 -20.07 3.49
N ASN A 238 -8.97 -19.36 2.66
CA ASN A 238 -10.42 -19.53 2.61
C ASN A 238 -10.89 -20.23 1.33
N ASN A 239 -9.98 -20.84 0.57
CA ASN A 239 -10.35 -21.46 -0.69
C ASN A 239 -9.64 -22.79 -0.91
N SER A 240 -9.27 -23.46 0.18
CA SER A 240 -8.75 -24.83 0.13
C SER A 240 -7.46 -24.92 -0.70
N PHE A 241 -6.62 -23.90 -0.59
CA PHE A 241 -5.31 -23.89 -1.22
C PHE A 241 -4.24 -23.74 -0.14
N ALA A 242 -3.22 -24.58 -0.20
CA ALA A 242 -2.17 -24.55 0.80
C ALA A 242 -1.34 -23.28 0.67
N ASN A 243 -0.74 -22.86 1.79
CA ASN A 243 0.08 -21.66 1.81
C ASN A 243 1.24 -21.80 0.82
N PHE A 244 1.48 -20.75 0.03
CA PHE A 244 2.50 -20.81 -1.00
C PHE A 244 3.79 -20.15 -0.51
N PRO A 245 4.95 -20.79 -0.69
CA PRO A 245 5.07 -22.14 -1.26
C PRO A 245 4.98 -23.24 -0.21
N CYS A 246 4.48 -24.42 -0.60
CA CYS A 246 4.41 -25.53 0.32
C CYS A 246 5.78 -26.11 0.63
N GLU A 247 6.73 -25.97 -0.30
CA GLU A 247 8.10 -26.41 -0.11
C GLU A 247 9.02 -25.31 -0.60
N GLN A 248 9.90 -24.82 0.27
CA GLN A 248 10.79 -23.74 -0.12
C GLN A 248 11.74 -24.17 -1.23
N THR A 249 12.02 -25.45 -1.33
CA THR A 249 12.90 -25.97 -2.34
C THR A 249 12.24 -25.93 -3.71
N ASN A 250 10.94 -25.91 -3.74
CA ASN A 250 10.21 -25.82 -5.00
C ASN A 250 10.32 -24.44 -5.63
N MET A 251 10.82 -23.44 -4.90
CA MET A 251 10.88 -22.09 -5.43
C MET A 251 11.92 -21.98 -6.53
N SER A 252 13.03 -22.70 -6.42
CA SER A 252 14.04 -22.66 -7.47
C SER A 252 13.51 -23.23 -8.77
N TYR A 253 12.74 -24.31 -8.71
CA TYR A 253 12.11 -24.85 -9.91
C TYR A 253 11.07 -23.88 -10.45
N ILE A 254 10.26 -23.29 -9.57
CA ILE A 254 9.20 -22.40 -10.00
C ILE A 254 9.77 -21.12 -10.61
N MET A 255 10.83 -20.58 -10.00
CA MET A 255 11.46 -19.39 -10.57
C MET A 255 12.07 -19.69 -11.94
N GLY A 256 12.64 -20.89 -12.09
CA GLY A 256 13.14 -21.29 -13.41
C GLY A 256 12.03 -21.40 -14.43
N LEU A 257 10.89 -21.96 -14.02
CA LEU A 257 9.75 -22.05 -14.92
C LEU A 257 9.22 -20.67 -15.27
N SER A 258 9.22 -19.74 -14.31
CA SER A 258 8.75 -18.40 -14.59
C SER A 258 9.65 -17.69 -15.59
N GLN A 259 10.95 -17.97 -15.56
CA GLN A 259 11.87 -17.32 -16.50
C GLN A 259 11.77 -17.92 -17.90
N THR A 260 11.55 -19.24 -17.98
CA THR A 260 11.42 -19.89 -19.28
C THR A 260 10.11 -19.49 -19.97
N ALA A 261 9.00 -19.59 -19.26
CA ALA A 261 7.70 -19.21 -19.82
C ALA A 261 7.50 -17.72 -19.89
N ARG A 262 8.44 -16.92 -19.38
CA ARG A 262 8.35 -15.46 -19.39
C ARG A 262 7.04 -15.00 -18.75
N VAL A 263 6.60 -15.74 -17.72
CA VAL A 263 5.40 -15.39 -16.97
C VAL A 263 5.72 -15.53 -15.49
N PRO A 264 5.70 -14.44 -14.71
CA PRO A 264 6.05 -14.55 -13.30
C PRO A 264 5.00 -15.35 -12.53
N VAL A 265 5.42 -15.85 -11.36
CA VAL A 265 4.54 -16.71 -10.58
C VAL A 265 3.33 -15.93 -10.08
N GLU A 266 3.46 -14.61 -9.94
CA GLU A 266 2.34 -13.78 -9.52
C GLU A 266 1.20 -13.82 -10.54
N ARG A 267 1.54 -14.01 -11.81
CA ARG A 267 0.49 -14.15 -12.82
C ARG A 267 -0.18 -15.52 -12.73
N ILE A 268 0.60 -16.55 -12.41
CA ILE A 268 0.03 -17.89 -12.26
C ILE A 268 -0.93 -17.93 -11.08
N LEU A 269 -0.51 -17.34 -9.94
CA LEU A 269 -1.34 -17.39 -8.74
C LEU A 269 -2.64 -16.63 -8.93
N ASN A 270 -2.59 -15.50 -9.62
CA ASN A 270 -3.82 -14.77 -9.93
C ASN A 270 -4.68 -15.54 -10.92
N THR A 271 -4.06 -16.28 -11.85
CA THR A 271 -4.83 -17.14 -12.73
C THR A 271 -5.57 -18.21 -11.95
N ILE A 272 -4.91 -18.80 -10.95
CA ILE A 272 -5.57 -19.79 -10.10
C ILE A 272 -6.81 -19.22 -9.44
N ILE A 273 -6.68 -18.00 -8.89
CA ILE A 273 -7.82 -17.35 -8.24
C ILE A 273 -8.93 -17.11 -9.24
N GLN A 274 -8.58 -16.60 -10.42
CA GLN A 274 -9.58 -16.36 -11.45
C GLN A 274 -10.22 -17.66 -11.93
N LEU A 275 -9.46 -18.72 -12.07
CA LEU A 275 -10.00 -19.98 -12.54
C LEU A 275 -10.96 -20.60 -11.57
N THR A 276 -10.91 -20.18 -10.31
CA THR A 276 -11.89 -20.68 -9.35
C THR A 276 -13.30 -20.26 -9.73
N THR A 277 -13.45 -19.15 -10.45
CA THR A 277 -14.76 -18.67 -10.85
C THR A 277 -14.94 -18.50 -12.36
N ASN A 278 -13.86 -18.57 -13.16
CA ASN A 278 -13.92 -18.29 -14.60
CA ASN A 278 -13.99 -18.32 -14.59
C ASN A 278 -13.56 -19.50 -15.46
N ARG A 279 -13.29 -20.68 -14.94
CA ARG A 279 -12.71 -21.79 -15.73
C ARG A 279 -13.71 -22.29 -16.73
N ASP A 280 -14.92 -22.53 -16.29
CA ASP A 280 -16.02 -22.91 -17.19
C ASP A 280 -15.64 -24.11 -18.07
N GLY A 281 -14.96 -25.09 -17.48
CA GLY A 281 -14.65 -26.31 -18.20
C GLY A 281 -13.43 -26.25 -19.08
N ALA A 282 -12.56 -25.28 -18.90
CA ALA A 282 -11.34 -25.21 -19.71
C ALA A 282 -10.44 -26.39 -19.40
N CYS A 283 -9.87 -26.97 -20.46
CA CYS A 283 -8.93 -28.09 -20.33
C CYS A 283 -7.52 -27.53 -20.16
N ILE A 284 -6.89 -27.84 -19.04
CA ILE A 284 -5.57 -27.32 -18.70
C ILE A 284 -4.64 -28.51 -18.51
N MET A 285 -3.61 -28.59 -19.35
CA MET A 285 -2.67 -29.71 -19.36
C MET A 285 -3.40 -31.05 -19.40
N GLY A 286 -4.41 -31.12 -20.27
CA GLY A 286 -5.13 -32.36 -20.45
C GLY A 286 -6.05 -32.73 -19.33
N SER A 287 -6.42 -31.77 -18.47
CA SER A 287 -7.31 -32.02 -17.35
C SER A 287 -8.37 -30.94 -17.29
N TYR A 288 -9.54 -31.30 -16.77
CA TYR A 288 -10.66 -30.39 -16.64
C TYR A 288 -10.77 -29.76 -15.25
N ASP A 289 -9.81 -30.02 -14.37
CA ASP A 289 -9.81 -29.44 -13.03
C ASP A 289 -8.39 -29.22 -12.57
N PHE A 290 -8.25 -28.68 -11.36
CA PHE A 290 -6.93 -28.46 -10.78
C PHE A 290 -6.31 -29.79 -10.36
N GLU A 291 -5.08 -30.04 -10.80
CA GLU A 291 -4.40 -31.28 -10.49
C GLU A 291 -3.18 -31.00 -9.61
N CYS A 292 -2.88 -31.95 -8.74
CA CYS A 292 -1.67 -31.92 -7.92
C CYS A 292 -0.66 -32.96 -8.38
N ASP A 293 -0.81 -33.44 -9.61
CA ASP A 293 0.05 -34.50 -10.13
C ASP A 293 1.29 -34.03 -10.86
N TRP A 294 1.38 -32.76 -11.17
CA TRP A 294 2.55 -32.18 -11.80
C TRP A 294 3.40 -31.50 -10.72
N THR A 295 4.57 -32.09 -10.43
CA THR A 295 5.39 -31.40 -9.44
C THR A 295 6.32 -30.40 -10.13
N PRO A 296 6.71 -29.33 -9.43
CA PRO A 296 7.61 -28.34 -10.06
C PRO A 296 8.92 -28.94 -10.53
N GLU A 297 9.46 -29.93 -9.83
CA GLU A 297 10.72 -30.54 -10.25
C GLU A 297 10.53 -31.30 -11.56
N MET A 298 9.47 -32.09 -11.66
CA MET A 298 9.28 -32.90 -12.86
C MET A 298 8.94 -32.04 -14.07
N VAL A 299 8.32 -30.88 -13.85
CA VAL A 299 8.05 -29.97 -14.96
C VAL A 299 9.30 -29.21 -15.36
N TYR A 300 10.07 -28.73 -14.37
CA TYR A 300 11.29 -27.96 -14.68
C TYR A 300 12.34 -28.84 -15.36
N ASN A 301 12.44 -30.11 -14.95
CA ASN A 301 13.44 -31.01 -15.51
C ASN A 301 13.24 -31.26 -17.00
N GLN A 302 12.04 -31.02 -17.53
CA GLN A 302 11.73 -31.24 -18.94
C GLN A 302 11.59 -29.95 -19.73
N ALA A 303 12.00 -28.82 -19.16
CA ALA A 303 11.81 -27.52 -19.80
C ALA A 303 13.10 -26.99 -20.41
N PRO A 304 13.01 -26.14 -21.42
CA PRO A 304 14.22 -25.54 -22.00
C PRO A 304 14.86 -24.54 -21.04
N ILE A 305 16.18 -24.40 -21.13
CA ILE A 305 16.94 -23.47 -20.27
C ILE A 305 16.63 -23.55 -18.79
N SER B 1 11.15 -47.64 41.23
CA SER B 1 11.51 -48.98 40.78
C SER B 1 12.11 -48.94 39.38
N ALA B 2 12.20 -47.74 38.81
CA ALA B 2 12.75 -47.57 37.48
C ALA B 2 13.41 -46.21 37.37
N GLY B 3 14.59 -46.17 36.74
CA GLY B 3 15.24 -44.91 36.44
C GLY B 3 14.96 -44.46 35.03
N ILE B 4 13.92 -43.64 34.86
CA ILE B 4 13.50 -43.16 33.55
C ILE B 4 13.69 -41.65 33.50
N LYS B 5 14.55 -41.21 32.59
CA LYS B 5 14.87 -39.79 32.46
C LYS B 5 14.70 -39.36 31.01
N ILE B 6 14.57 -38.04 30.82
CA ILE B 6 14.60 -37.47 29.48
C ILE B 6 16.04 -37.52 28.99
N LEU B 7 16.31 -38.39 28.02
CA LEU B 7 17.65 -38.59 27.49
C LEU B 7 17.91 -37.65 26.34
N LEU B 8 19.12 -37.09 26.30
CA LEU B 8 19.55 -36.21 25.24
C LEU B 8 20.82 -36.76 24.61
N HIS B 9 21.10 -36.29 23.39
CA HIS B 9 22.30 -36.78 22.74
C HIS B 9 23.46 -35.81 22.97
N PRO B 10 24.66 -36.33 23.20
CA PRO B 10 25.81 -35.46 23.44
C PRO B 10 26.07 -34.54 22.27
N SER B 11 26.49 -33.31 22.58
CA SER B 11 26.61 -32.24 21.60
C SER B 11 28.04 -31.98 21.14
N GLY B 12 29.00 -32.82 21.55
CA GLY B 12 30.38 -32.58 21.16
C GLY B 12 30.57 -32.57 19.66
N VAL B 13 29.89 -33.47 18.95
CA VAL B 13 30.00 -33.53 17.50
C VAL B 13 29.42 -32.27 16.87
N VAL B 14 28.25 -31.83 17.35
CA VAL B 14 27.63 -30.62 16.82
C VAL B 14 28.47 -29.39 17.17
N GLU B 15 29.08 -29.39 18.37
CA GLU B 15 29.84 -28.23 18.80
C GLU B 15 31.03 -27.96 17.89
N ARG B 16 31.72 -29.00 17.48
CA ARG B 16 32.86 -28.83 16.60
C ARG B 16 32.51 -28.39 15.18
N CYS B 17 31.24 -28.46 14.83
CA CYS B 17 30.80 -28.00 13.51
C CYS B 17 30.09 -26.65 13.56
N MET B 18 29.81 -26.12 14.74
CA MET B 18 29.13 -24.83 14.83
C MET B 18 30.06 -23.73 14.36
N VAL B 19 29.51 -22.77 13.61
CA VAL B 19 30.23 -21.59 13.19
C VAL B 19 29.33 -20.38 13.40
N SER B 20 29.93 -19.20 13.29
CA SER B 20 29.20 -17.93 13.35
C SER B 20 29.17 -17.33 11.95
N VAL B 21 28.01 -16.80 11.57
CA VAL B 21 27.84 -16.15 10.27
C VAL B 21 27.38 -14.72 10.52
N VAL B 22 28.20 -13.76 10.12
CA VAL B 22 27.91 -12.34 10.29
C VAL B 22 27.90 -11.70 8.91
N TYR B 23 26.75 -11.12 8.54
CA TYR B 23 26.57 -10.47 7.24
C TYR B 23 26.09 -9.04 7.50
N ASN B 24 27.03 -8.10 7.52
CA ASN B 24 26.74 -6.67 7.68
C ASN B 24 25.89 -6.43 8.93
N GLY B 25 26.45 -6.82 10.07
CA GLY B 25 25.81 -6.57 11.35
C GLY B 25 24.81 -7.62 11.79
N SER B 26 24.33 -8.45 10.88
CA SER B 26 23.41 -9.53 11.22
C SER B 26 24.24 -10.77 11.55
N ALA B 27 24.23 -11.18 12.82
CA ALA B 27 25.05 -12.27 13.30
C ALA B 27 24.16 -13.40 13.79
N LEU B 28 24.39 -14.58 13.23
CA LEU B 28 23.68 -15.76 13.63
C LEU B 28 24.63 -16.95 13.61
N ASN B 29 24.12 -18.16 13.67
CA ASN B 29 24.93 -19.36 13.72
C ASN B 29 24.77 -20.18 12.45
N GLY B 30 25.71 -21.09 12.24
CA GLY B 30 25.63 -22.02 11.13
C GLY B 30 26.37 -23.29 11.47
N ILE B 31 26.05 -24.34 10.73
CA ILE B 31 26.73 -25.63 10.86
C ILE B 31 27.65 -25.80 9.67
N TRP B 32 28.84 -26.38 9.92
CA TRP B 32 29.85 -26.59 8.89
C TRP B 32 30.11 -28.06 8.65
N LEU B 33 29.67 -28.54 7.52
CA LEU B 33 29.80 -29.94 7.13
C LEU B 33 30.49 -30.02 5.78
N LYS B 34 31.58 -30.79 5.71
CA LYS B 34 32.42 -30.91 4.52
C LYS B 34 32.93 -29.51 4.19
N ASN B 35 32.70 -28.99 2.98
CA ASN B 35 33.12 -27.64 2.62
C ASN B 35 31.93 -26.69 2.50
N VAL B 36 30.81 -27.00 3.15
CA VAL B 36 29.59 -26.22 3.05
C VAL B 36 29.19 -25.76 4.45
N VAL B 37 28.75 -24.50 4.55
CA VAL B 37 28.22 -23.94 5.78
C VAL B 37 26.75 -23.60 5.55
N TYR B 38 25.87 -24.18 6.37
CA TYR B 38 24.43 -23.98 6.27
C TYR B 38 23.99 -22.98 7.32
N CYS B 39 23.20 -21.99 6.91
CA CYS B 39 22.72 -20.97 7.83
C CYS B 39 21.43 -20.39 7.27
N PRO B 40 20.58 -19.80 8.13
CA PRO B 40 19.31 -19.24 7.64
C PRO B 40 19.54 -18.09 6.67
N ARG B 41 18.68 -18.01 5.68
CA ARG B 41 18.82 -16.99 4.64
C ARG B 41 18.51 -15.58 5.08
N HIS B 42 17.75 -15.44 6.15
CA HIS B 42 17.41 -14.08 6.56
C HIS B 42 18.59 -13.33 7.18
N VAL B 43 19.79 -13.88 7.11
CA VAL B 43 20.99 -13.18 7.56
C VAL B 43 21.31 -12.05 6.59
N ILE B 44 20.88 -12.19 5.36
CA ILE B 44 21.11 -11.14 4.37
C ILE B 44 20.04 -10.05 4.43
N GLY B 45 19.03 -10.19 5.29
CA GLY B 45 18.00 -9.19 5.41
C GLY B 45 16.62 -9.78 5.56
N LYS B 46 15.66 -8.95 5.97
CA LYS B 46 14.28 -9.39 6.19
C LYS B 46 13.50 -9.21 4.90
N PHE B 47 13.40 -10.27 4.12
CA PHE B 47 12.68 -10.25 2.85
C PHE B 47 11.51 -11.23 2.92
N ARG B 48 10.72 -11.27 1.85
CA ARG B 48 9.51 -12.07 1.86
C ARG B 48 9.24 -12.63 0.47
N GLY B 49 8.47 -13.71 0.43
CA GLY B 49 7.94 -14.20 -0.83
C GLY B 49 9.00 -14.71 -1.78
N ASP B 50 8.98 -14.18 -3.01
CA ASP B 50 9.87 -14.64 -4.06
C ASP B 50 11.04 -13.69 -4.30
N GLN B 51 11.25 -12.74 -3.39
CA GLN B 51 12.34 -11.79 -3.49
C GLN B 51 13.64 -12.36 -3.08
N TRP B 52 13.60 -13.51 -2.43
CA TRP B 52 14.81 -14.09 -1.87
C TRP B 52 15.81 -14.44 -2.96
N THR B 53 15.33 -14.97 -4.09
CA THR B 53 16.22 -15.42 -5.15
C THR B 53 17.14 -14.31 -5.64
N HIS B 54 16.57 -13.12 -5.85
CA HIS B 54 17.40 -12.02 -6.37
C HIS B 54 18.33 -11.47 -5.30
N MET B 55 17.84 -11.35 -4.08
CA MET B 55 18.65 -10.77 -3.01
C MET B 55 19.78 -11.68 -2.62
N VAL B 56 19.59 -12.97 -2.79
CA VAL B 56 20.68 -13.91 -2.54
C VAL B 56 21.71 -13.83 -3.66
N SER B 57 21.25 -13.70 -4.91
CA SER B 57 22.17 -13.66 -6.04
C SER B 57 23.06 -12.42 -6.03
N ILE B 58 22.66 -11.35 -5.36
CA ILE B 58 23.46 -10.14 -5.27
C ILE B 58 24.21 -10.03 -3.95
N ALA B 59 24.16 -11.07 -3.12
CA ALA B 59 24.86 -11.08 -1.85
C ALA B 59 26.34 -11.37 -2.07
N ASP B 60 27.19 -10.43 -1.66
CA ASP B 60 28.62 -10.58 -1.85
C ASP B 60 29.19 -11.65 -0.92
N CYS B 61 30.02 -12.54 -1.49
CA CYS B 61 30.65 -13.57 -0.69
C CYS B 61 31.58 -12.99 0.36
N ARG B 62 32.29 -11.91 0.03
CA ARG B 62 33.22 -11.30 0.97
C ARG B 62 32.51 -10.75 2.20
N ASP B 63 31.21 -10.46 2.10
CA ASP B 63 30.47 -9.88 3.23
C ASP B 63 30.12 -10.90 4.29
N PHE B 64 30.29 -12.19 4.03
CA PHE B 64 29.95 -13.25 4.98
C PHE B 64 31.17 -13.52 5.85
N ILE B 65 31.16 -12.99 7.08
CA ILE B 65 32.22 -13.24 8.04
C ILE B 65 31.90 -14.54 8.78
N VAL B 66 32.62 -15.60 8.43
CA VAL B 66 32.38 -16.93 8.98
C VAL B 66 33.57 -17.33 9.84
N LYS B 67 33.31 -17.70 11.09
CA LYS B 67 34.34 -18.12 12.02
C LYS B 67 33.88 -19.37 12.76
N CYS B 68 34.79 -20.35 12.87
CA CYS B 68 34.54 -21.56 13.65
C CYS B 68 35.25 -21.42 14.99
N PRO B 69 34.55 -21.03 16.06
CA PRO B 69 35.26 -20.68 17.32
C PRO B 69 35.99 -21.85 17.95
N ILE B 70 35.46 -23.05 17.91
CA ILE B 70 36.08 -24.18 18.56
C ILE B 70 37.38 -24.61 17.90
N GLN B 71 37.57 -24.21 16.66
CA GLN B 71 38.77 -24.56 15.93
C GLN B 71 39.68 -23.37 15.66
N GLY B 72 39.28 -22.16 16.07
CA GLY B 72 40.09 -20.99 15.83
C GLY B 72 40.37 -20.69 14.37
N ILE B 73 39.42 -21.00 13.50
CA ILE B 73 39.60 -20.89 12.06
C ILE B 73 38.60 -19.86 11.52
N GLN B 74 39.10 -18.94 10.69
CA GLN B 74 38.25 -18.01 9.98
C GLN B 74 38.04 -18.53 8.56
N LEU B 75 36.79 -18.79 8.20
CA LEU B 75 36.47 -19.37 6.90
C LEU B 75 36.21 -18.27 5.88
N ASN B 76 36.38 -18.64 4.60
CA ASN B 76 36.21 -17.71 3.49
C ASN B 76 35.19 -18.29 2.51
N VAL B 77 34.14 -17.52 2.24
CA VAL B 77 33.07 -17.97 1.37
C VAL B 77 33.46 -17.70 -0.08
N GLN B 78 33.25 -18.71 -0.93
CA GLN B 78 33.52 -18.57 -2.36
C GLN B 78 32.30 -18.80 -3.23
N SER B 79 31.17 -19.21 -2.67
CA SER B 79 29.96 -19.47 -3.44
C SER B 79 28.76 -19.45 -2.51
N VAL B 80 27.71 -18.75 -2.91
CA VAL B 80 26.48 -18.65 -2.14
C VAL B 80 25.34 -19.23 -2.97
N LYS B 81 24.60 -20.17 -2.38
CA LYS B 81 23.49 -20.82 -3.06
C LYS B 81 22.34 -21.02 -2.09
N MET B 82 21.14 -20.61 -2.49
CA MET B 82 19.96 -20.76 -1.66
C MET B 82 19.31 -22.11 -1.94
N VAL B 83 19.18 -22.92 -0.90
CA VAL B 83 18.51 -24.20 -0.97
C VAL B 83 17.36 -24.15 0.03
N GLY B 84 16.14 -24.03 -0.48
CA GLY B 84 15.00 -23.83 0.41
C GLY B 84 15.11 -22.47 1.09
N ALA B 85 14.91 -22.46 2.40
CA ALA B 85 15.08 -21.24 3.18
C ALA B 85 16.46 -21.14 3.81
N LEU B 86 17.39 -21.92 3.34
CA LEU B 86 18.72 -21.92 3.90
C LEU B 86 19.73 -21.44 2.91
N LEU B 87 20.88 -21.03 3.40
CA LEU B 87 21.94 -20.62 2.54
C LEU B 87 23.03 -21.67 2.64
N GLN B 88 23.57 -22.09 1.51
CA GLN B 88 24.67 -23.04 1.45
C GLN B 88 25.90 -22.26 1.01
N LEU B 89 26.72 -21.86 1.99
CA LEU B 89 27.94 -21.11 1.72
C LEU B 89 29.08 -22.10 1.51
N THR B 90 29.52 -22.24 0.26
CA THR B 90 30.66 -23.10 -0.04
C THR B 90 31.94 -22.40 0.38
N VAL B 91 32.72 -23.05 1.24
CA VAL B 91 33.98 -22.50 1.72
C VAL B 91 35.13 -23.32 1.16
N HIS B 92 36.35 -22.80 1.30
CA HIS B 92 37.50 -23.46 0.73
C HIS B 92 37.98 -24.63 1.58
N THR B 93 37.83 -24.56 2.90
CA THR B 93 38.36 -25.56 3.80
C THR B 93 37.29 -26.59 4.15
N ASN B 94 37.65 -27.87 4.07
CA ASN B 94 36.79 -28.93 4.54
C ASN B 94 36.94 -29.09 6.04
N ASN B 95 35.83 -29.24 6.75
CA ASN B 95 35.88 -29.49 8.18
C ASN B 95 36.33 -30.90 8.43
N THR B 96 37.52 -31.04 8.95
CA THR B 96 38.03 -32.37 9.26
C THR B 96 37.23 -33.04 10.37
N ALA B 97 36.48 -32.26 11.14
CA ALA B 97 35.62 -32.79 12.19
C ALA B 97 34.24 -33.18 11.68
N THR B 98 34.01 -33.11 10.38
CA THR B 98 32.72 -33.51 9.83
C THR B 98 32.52 -35.00 10.05
N PRO B 99 31.44 -35.42 10.71
CA PRO B 99 31.20 -36.85 10.90
C PRO B 99 30.35 -37.42 9.78
N ASP B 100 29.94 -38.66 9.95
CA ASP B 100 29.02 -39.23 9.02
C ASP B 100 27.73 -38.60 9.46
N TYR B 101 27.06 -37.92 8.54
CA TYR B 101 25.82 -37.22 8.87
C TYR B 101 24.74 -37.52 7.84
N LYS B 102 23.52 -37.13 8.19
CA LYS B 102 22.36 -37.35 7.35
C LYS B 102 21.35 -36.24 7.61
N PHE B 103 20.70 -35.77 6.55
CA PHE B 103 19.65 -34.76 6.65
C PHE B 103 18.32 -35.51 6.65
N GLU B 104 17.82 -35.83 7.85
CA GLU B 104 16.60 -36.60 8.00
C GLU B 104 15.49 -35.69 8.52
N ARG B 105 14.38 -35.64 7.78
CA ARG B 105 13.24 -34.87 8.24
C ARG B 105 12.54 -35.59 9.38
N LEU B 106 12.03 -34.82 10.32
CA LEU B 106 11.39 -35.36 11.51
C LEU B 106 9.87 -35.40 11.34
N GLN B 107 9.26 -36.39 11.95
CA GLN B 107 7.81 -36.48 11.96
CA GLN B 107 7.81 -36.48 11.96
C GLN B 107 7.24 -36.04 13.30
N PRO B 108 6.04 -35.47 13.33
CA PRO B 108 5.46 -35.03 14.60
C PRO B 108 5.41 -36.15 15.62
N GLY B 109 5.69 -35.79 16.88
CA GLY B 109 5.77 -36.76 17.96
C GLY B 109 7.15 -37.34 18.21
N SER B 110 8.15 -36.98 17.41
CA SER B 110 9.50 -37.50 17.55
C SER B 110 10.38 -36.51 18.31
N SER B 111 11.35 -37.05 19.02
CA SER B 111 12.23 -36.23 19.81
C SER B 111 13.52 -35.85 19.16
N MET B 112 14.07 -34.76 19.61
CA MET B 112 15.38 -34.33 19.14
C MET B 112 16.03 -33.44 20.18
N THR B 113 17.36 -33.34 20.11
CA THR B 113 18.15 -32.52 21.01
C THR B 113 18.48 -31.20 20.33
N ILE B 114 18.22 -30.10 21.02
CA ILE B 114 18.49 -28.76 20.52
C ILE B 114 19.82 -28.30 21.08
N ALA B 115 20.70 -27.80 20.21
CA ALA B 115 21.95 -27.19 20.61
C ALA B 115 21.78 -25.68 20.40
N CYS B 116 21.28 -25.00 21.42
CA CYS B 116 21.10 -23.56 21.36
C CYS B 116 22.47 -22.88 21.36
N ALA B 117 22.76 -22.16 20.29
CA ALA B 117 24.08 -21.59 20.08
C ALA B 117 23.99 -20.07 19.96
N TYR B 118 25.09 -19.41 20.31
CA TYR B 118 25.22 -17.97 20.15
C TYR B 118 26.65 -17.68 19.72
N ASP B 119 26.81 -16.81 18.72
CA ASP B 119 28.11 -16.45 18.17
C ASP B 119 28.91 -17.69 17.74
N GLY B 120 28.23 -18.73 17.30
CA GLY B 120 28.89 -19.95 16.89
C GLY B 120 29.26 -20.89 18.01
N ILE B 121 28.89 -20.58 19.25
CA ILE B 121 29.24 -21.39 20.41
C ILE B 121 27.96 -21.92 21.03
N VAL B 122 27.90 -23.24 21.24
CA VAL B 122 26.74 -23.85 21.86
C VAL B 122 26.72 -23.48 23.34
N ARG B 123 25.66 -22.77 23.76
CA ARG B 123 25.52 -22.33 25.13
C ARG B 123 24.69 -23.31 25.95
N HIS B 124 23.50 -23.68 25.46
CA HIS B 124 22.62 -24.58 26.17
C HIS B 124 22.21 -25.73 25.25
N VAL B 125 21.82 -26.83 25.88
CA VAL B 125 21.32 -28.01 25.20
C VAL B 125 20.05 -28.46 25.91
N TYR B 126 18.98 -28.67 25.14
CA TYR B 126 17.73 -29.08 25.75
C TYR B 126 16.94 -29.95 24.78
N HIS B 127 15.93 -30.63 25.33
CA HIS B 127 15.11 -31.53 24.56
C HIS B 127 13.79 -30.96 24.12
N VAL B 128 13.38 -31.34 22.93
CA VAL B 128 12.09 -30.93 22.39
C VAL B 128 11.48 -32.08 21.60
N VAL B 129 10.16 -32.08 21.53
CA VAL B 129 9.41 -32.98 20.66
C VAL B 129 8.60 -32.12 19.69
N LEU B 130 8.69 -32.44 18.41
CA LEU B 130 7.92 -31.73 17.39
C LEU B 130 6.44 -32.09 17.55
N GLN B 131 5.63 -31.08 17.87
CA GLN B 131 4.21 -31.31 18.10
C GLN B 131 3.44 -31.36 16.78
N LEU B 132 2.16 -31.73 16.88
CA LEU B 132 1.34 -31.95 15.68
C LEU B 132 1.06 -30.65 14.93
N ASN B 133 1.22 -29.49 15.57
CA ASN B 133 1.12 -28.23 14.85
C ASN B 133 2.41 -27.86 14.14
N ASN B 134 3.39 -28.77 14.11
CA ASN B 134 4.68 -28.57 13.45
C ASN B 134 5.49 -27.45 14.08
N LEU B 135 5.27 -27.20 15.37
CA LEU B 135 6.05 -26.24 16.13
C LEU B 135 6.73 -26.95 17.28
N ILE B 136 7.94 -26.52 17.62
CA ILE B 136 8.61 -26.97 18.83
C ILE B 136 8.44 -25.90 19.88
N TYR B 137 8.50 -26.31 21.14
CA TYR B 137 8.38 -25.41 22.27
C TYR B 137 9.76 -25.34 22.91
N ALA B 138 10.56 -24.39 22.43
CA ALA B 138 11.98 -24.33 22.78
C ALA B 138 12.32 -23.08 23.58
N SER B 139 13.59 -22.69 23.54
CA SER B 139 14.06 -21.48 24.24
C SER B 139 15.17 -20.87 23.39
N PHE B 140 14.89 -19.73 22.77
CA PHE B 140 15.84 -19.04 21.92
C PHE B 140 15.74 -17.54 22.16
N LEU B 141 16.85 -16.84 21.95
CA LEU B 141 16.92 -15.39 22.00
C LEU B 141 17.49 -14.89 20.67
N ASN B 142 17.69 -13.60 20.59
CA ASN B 142 18.28 -13.06 19.39
C ASN B 142 19.68 -13.59 19.19
N GLY B 143 20.02 -13.87 17.94
CA GLY B 143 21.31 -14.44 17.61
C GLY B 143 21.39 -15.95 17.71
N ALA B 144 20.32 -16.62 18.11
CA ALA B 144 20.31 -18.07 18.21
C ALA B 144 19.88 -18.76 16.92
N CYS B 145 19.38 -18.01 15.94
CA CYS B 145 19.02 -18.62 14.66
C CYS B 145 20.23 -19.31 14.05
N GLY B 146 19.99 -20.45 13.42
CA GLY B 146 21.06 -21.32 12.99
C GLY B 146 21.38 -22.44 13.96
N SER B 147 20.85 -22.38 15.18
CA SER B 147 20.97 -23.50 16.09
C SER B 147 20.23 -24.70 15.49
N VAL B 148 20.77 -25.89 15.71
CA VAL B 148 20.27 -27.08 15.05
C VAL B 148 19.70 -28.04 16.08
N GLY B 149 18.74 -28.83 15.62
CA GLY B 149 18.23 -29.96 16.39
C GLY B 149 18.70 -31.25 15.71
N TYR B 150 19.03 -32.25 16.52
CA TYR B 150 19.72 -33.42 16.02
C TYR B 150 19.43 -34.62 16.91
N THR B 151 19.78 -35.79 16.39
CA THR B 151 19.85 -37.01 17.18
C THR B 151 21.13 -37.74 16.78
N LEU B 152 21.45 -38.80 17.51
CA LEU B 152 22.65 -39.59 17.26
C LEU B 152 22.29 -41.07 17.21
N LYS B 153 23.03 -41.80 16.38
CA LYS B 153 22.84 -43.25 16.25
C LYS B 153 24.17 -43.85 15.78
N GLY B 154 25.04 -44.15 16.76
CA GLY B 154 26.31 -44.79 16.46
C GLY B 154 27.23 -43.94 15.61
N LYS B 155 27.81 -42.91 16.22
CA LYS B 155 28.75 -41.99 15.58
C LYS B 155 28.16 -41.25 14.38
N THR B 156 26.89 -41.51 14.05
CA THR B 156 26.23 -40.89 12.92
C THR B 156 25.30 -39.79 13.41
N LEU B 157 25.46 -38.59 12.84
CA LEU B 157 24.71 -37.41 13.26
C LEU B 157 23.51 -37.21 12.34
N TYR B 158 22.32 -37.20 12.91
CA TYR B 158 21.08 -37.02 12.16
C TYR B 158 20.57 -35.61 12.45
N LEU B 159 20.75 -34.70 11.49
CA LEU B 159 20.28 -33.32 11.62
C LEU B 159 18.82 -33.23 11.16
N HIS B 160 17.98 -32.64 12.00
CA HIS B 160 16.55 -32.56 11.73
C HIS B 160 16.01 -31.14 11.64
N TYR B 161 16.68 -30.15 12.23
CA TYR B 161 16.05 -28.86 12.44
C TYR B 161 17.12 -27.78 12.48
N MET B 162 16.73 -26.58 12.04
CA MET B 162 17.53 -25.38 12.20
C MET B 162 16.58 -24.22 12.48
N HIS B 163 16.88 -23.43 13.50
CA HIS B 163 15.93 -22.45 14.00
C HIS B 163 15.89 -21.19 13.12
N HIS B 164 14.70 -20.64 12.97
CA HIS B 164 14.49 -19.46 12.13
C HIS B 164 13.68 -18.37 12.83
N ILE B 165 12.55 -18.73 13.43
CA ILE B 165 11.54 -17.75 13.82
C ILE B 165 10.88 -18.17 15.12
N GLU B 166 10.42 -17.18 15.88
CA GLU B 166 9.67 -17.38 17.11
C GLU B 166 8.31 -16.69 16.97
N PHE B 167 7.28 -17.37 17.44
CA PHE B 167 5.92 -16.85 17.37
C PHE B 167 5.46 -16.26 18.67
N ASN B 168 4.27 -15.70 18.70
CA ASN B 168 3.82 -14.96 19.86
C ASN B 168 3.58 -15.89 21.05
N ASN B 169 3.12 -17.10 20.80
CA ASN B 169 2.80 -18.05 21.85
C ASN B 169 3.93 -18.95 22.27
N LYS B 170 5.13 -18.41 22.41
CA LYS B 170 6.30 -19.18 22.84
C LYS B 170 6.57 -20.37 21.94
N THR B 171 6.17 -20.26 20.69
CA THR B 171 6.39 -21.34 19.76
C THR B 171 7.56 -21.06 18.84
N HIS B 172 8.20 -22.12 18.36
CA HIS B 172 9.37 -21.94 17.53
C HIS B 172 9.25 -22.75 16.25
N SER B 173 9.61 -22.13 15.14
CA SER B 173 9.53 -22.76 13.83
C SER B 173 10.87 -22.67 13.11
N GLY B 174 11.13 -23.64 12.25
CA GLY B 174 12.34 -23.67 11.48
C GLY B 174 12.22 -24.65 10.33
N THR B 175 13.36 -24.88 9.68
CA THR B 175 13.45 -25.77 8.54
C THR B 175 14.21 -27.03 8.93
N ASP B 176 14.10 -28.06 8.08
CA ASP B 176 15.07 -29.14 8.13
C ASP B 176 16.37 -28.67 7.49
N LEU B 177 17.34 -29.56 7.38
CA LEU B 177 18.60 -29.15 6.78
C LEU B 177 18.54 -29.13 5.25
N GLU B 178 17.43 -29.58 4.65
CA GLU B 178 17.22 -29.40 3.22
C GLU B 178 16.67 -28.02 2.88
N GLY B 179 16.23 -27.26 3.89
CA GLY B 179 15.73 -25.92 3.69
C GLY B 179 14.23 -25.78 3.71
N ASN B 180 13.49 -26.83 4.04
CA ASN B 180 12.03 -26.81 4.00
C ASN B 180 11.48 -26.71 5.41
N PHE B 181 10.59 -25.73 5.61
CA PHE B 181 10.00 -25.53 6.92
C PHE B 181 9.17 -26.72 7.35
N TYR B 182 9.00 -26.85 8.66
CA TYR B 182 8.02 -27.76 9.22
C TYR B 182 6.70 -27.00 9.33
N GLY B 183 5.64 -27.54 8.73
CA GLY B 183 4.37 -26.88 8.72
C GLY B 183 4.32 -25.72 7.74
N PRO B 184 3.23 -24.97 7.74
CA PRO B 184 3.03 -23.94 6.72
C PRO B 184 3.62 -22.58 7.10
N TYR B 185 4.68 -22.59 7.90
CA TYR B 185 5.27 -21.35 8.39
C TYR B 185 6.46 -20.95 7.53
N VAL B 186 6.72 -19.64 7.50
CA VAL B 186 7.81 -19.08 6.71
C VAL B 186 8.59 -18.10 7.58
N ASP B 187 9.74 -17.67 7.06
CA ASP B 187 10.65 -16.79 7.80
C ASP B 187 10.32 -15.32 7.52
N GLU B 188 9.10 -14.94 7.88
CA GLU B 188 8.62 -13.58 7.70
C GLU B 188 8.03 -13.07 9.01
N GLU B 189 8.23 -11.78 9.27
CA GLU B 189 7.76 -11.18 10.53
C GLU B 189 6.34 -10.64 10.37
N VAL B 190 5.44 -11.56 10.07
CA VAL B 190 4.02 -11.24 9.91
C VAL B 190 3.22 -12.30 10.66
N ILE B 191 1.95 -11.97 10.91
CA ILE B 191 1.08 -12.90 11.61
C ILE B 191 0.80 -14.09 10.70
N GLN B 192 1.00 -15.30 11.22
CA GLN B 192 0.83 -16.53 10.46
C GLN B 192 -0.12 -17.45 11.19
N GLN B 193 -1.02 -18.06 10.45
CA GLN B 193 -1.98 -18.95 11.07
C GLN B 193 -1.34 -20.22 11.49
N GLN B 194 -1.67 -20.64 12.69
CA GLN B 194 -1.09 -21.87 13.21
C GLN B 194 -2.13 -22.95 13.30
N THR B 195 -1.73 -24.18 13.04
CA THR B 195 -2.62 -25.31 13.16
C THR B 195 -3.00 -25.45 14.60
N ALA B 196 -4.24 -25.82 14.85
CA ALA B 196 -4.68 -25.98 16.21
C ALA B 196 -3.95 -27.10 16.91
N PHE B 197 -3.85 -27.00 18.21
CA PHE B 197 -3.07 -28.00 18.92
C PHE B 197 -3.80 -29.33 18.99
N GLN B 198 -3.04 -30.40 18.81
CA GLN B 198 -3.54 -31.76 18.97
C GLN B 198 -2.49 -32.54 19.75
N TYR B 199 -2.93 -33.31 20.73
CA TYR B 199 -2.03 -34.06 21.59
C TYR B 199 -1.54 -35.32 20.86
N TYR B 200 -0.24 -35.53 20.86
CA TYR B 200 0.34 -36.77 20.32
C TYR B 200 0.08 -37.88 21.31
N THR B 201 -0.99 -38.66 21.06
CA THR B 201 -1.48 -39.61 22.06
C THR B 201 -0.43 -40.62 22.45
N ASP B 202 0.39 -41.08 21.51
CA ASP B 202 1.44 -42.04 21.85
C ASP B 202 2.36 -41.49 22.93
N ASN B 203 2.70 -40.20 22.82
CA ASN B 203 3.61 -39.61 23.79
C ASN B 203 2.95 -39.43 25.15
N VAL B 204 1.70 -38.99 25.18
CA VAL B 204 0.98 -38.86 26.44
C VAL B 204 0.86 -40.22 27.12
N VAL B 205 0.56 -41.26 26.35
CA VAL B 205 0.52 -42.61 26.90
C VAL B 205 1.88 -43.01 27.44
N ALA B 206 2.95 -42.57 26.77
CA ALA B 206 4.30 -42.92 27.20
C ALA B 206 4.67 -42.25 28.51
N GLN B 207 4.25 -41.00 28.72
CA GLN B 207 4.57 -40.32 29.97
C GLN B 207 3.80 -40.91 31.15
N LEU B 208 2.54 -41.27 30.94
CA LEU B 208 1.76 -41.88 32.01
C LEU B 208 2.35 -43.22 32.43
N TYR B 209 2.91 -43.97 31.48
CA TYR B 209 3.57 -45.22 31.84
C TYR B 209 4.87 -44.96 32.58
N ALA B 210 5.60 -43.90 32.19
CA ALA B 210 6.81 -43.54 32.90
C ALA B 210 6.50 -43.15 34.34
N HIS B 211 5.35 -42.53 34.58
CA HIS B 211 4.95 -42.18 35.95
C HIS B 211 4.62 -43.42 36.76
N LEU B 212 3.93 -44.39 36.15
CA LEU B 212 3.59 -45.61 36.86
C LEU B 212 4.84 -46.40 37.23
N LEU B 213 5.84 -46.41 36.35
CA LEU B 213 7.06 -47.18 36.61
C LEU B 213 8.01 -46.47 37.57
N THR B 214 7.85 -45.16 37.76
CA THR B 214 8.73 -44.39 38.62
C THR B 214 8.24 -44.37 40.07
N VAL B 215 6.97 -44.02 40.29
CA VAL B 215 6.42 -43.98 41.64
C VAL B 215 6.10 -45.39 42.12
N ASP B 216 5.88 -45.51 43.43
CA ASP B 216 5.63 -46.81 44.02
C ASP B 216 4.16 -47.15 44.01
N ALA B 217 3.37 -46.40 44.77
CA ALA B 217 1.94 -46.64 44.85
C ALA B 217 1.24 -46.13 43.60
N ARG B 218 0.32 -46.94 43.08
CA ARG B 218 -0.44 -46.55 41.89
C ARG B 218 -1.30 -45.32 42.19
N PRO B 219 -1.29 -44.31 41.34
CA PRO B 219 -2.01 -43.07 41.65
C PRO B 219 -3.51 -43.30 41.73
N LYS B 220 -4.18 -42.47 42.50
CA LYS B 220 -5.61 -42.62 42.68
C LYS B 220 -6.41 -41.98 41.59
N TRP B 221 -5.79 -41.13 40.80
CA TRP B 221 -6.47 -40.57 39.64
C TRP B 221 -6.44 -41.49 38.44
N LEU B 222 -5.78 -42.64 38.55
CA LEU B 222 -5.81 -43.63 37.48
C LEU B 222 -7.22 -44.20 37.36
N ALA B 223 -7.71 -44.28 36.12
CA ALA B 223 -9.06 -44.79 35.89
C ALA B 223 -9.17 -46.24 36.36
N GLN B 224 -10.31 -46.58 36.96
CA GLN B 224 -10.54 -47.94 37.45
C GLN B 224 -11.06 -48.87 36.36
N SER B 225 -11.68 -48.34 35.32
CA SER B 225 -12.21 -49.13 34.21
C SER B 225 -11.45 -48.82 32.94
N GLN B 226 -11.68 -49.65 31.94
CA GLN B 226 -11.01 -49.46 30.68
C GLN B 226 -11.90 -48.91 29.62
N ILE B 227 -11.31 -48.22 28.68
CA ILE B 227 -12.01 -47.76 27.48
C ILE B 227 -11.35 -48.44 26.29
N SER B 228 -12.16 -48.85 25.32
CA SER B 228 -11.61 -49.47 24.13
C SER B 228 -10.83 -48.43 23.32
N ILE B 229 -9.82 -48.90 22.60
CA ILE B 229 -9.07 -48.04 21.70
C ILE B 229 -10.01 -47.38 20.70
N GLU B 230 -10.97 -48.14 20.20
CA GLU B 230 -11.92 -47.60 19.23
C GLU B 230 -12.83 -46.56 19.88
N ASP B 231 -13.28 -46.82 21.11
CA ASP B 231 -14.11 -45.85 21.82
C ASP B 231 -13.30 -44.62 22.23
N PHE B 232 -12.00 -44.79 22.49
CA PHE B 232 -11.15 -43.64 22.74
C PHE B 232 -10.99 -42.79 21.49
N ASN B 233 -10.71 -43.44 20.35
CA ASN B 233 -10.52 -42.69 19.11
C ASN B 233 -11.77 -41.91 18.74
N SER B 234 -12.95 -42.46 19.04
CA SER B 234 -14.18 -41.72 18.80
C SER B 234 -14.27 -40.50 19.70
N TRP B 235 -13.79 -40.63 20.95
CA TRP B 235 -13.72 -39.48 21.83
C TRP B 235 -12.57 -38.55 21.43
N ALA B 236 -11.45 -39.12 20.97
CA ALA B 236 -10.28 -38.31 20.65
C ALA B 236 -10.55 -37.33 19.51
N ALA B 237 -11.40 -37.74 18.55
CA ALA B 237 -11.71 -36.88 17.42
C ALA B 237 -12.38 -35.57 17.84
N ASN B 238 -13.04 -35.55 18.99
CA ASN B 238 -13.73 -34.36 19.46
C ASN B 238 -13.01 -33.65 20.60
N ASN B 239 -11.83 -34.12 21.01
CA ASN B 239 -11.18 -33.58 22.20
C ASN B 239 -9.69 -33.39 21.99
N SER B 240 -9.31 -32.96 20.78
CA SER B 240 -7.95 -32.50 20.48
C SER B 240 -6.89 -33.56 20.78
N PHE B 241 -7.23 -34.83 20.61
CA PHE B 241 -6.28 -35.92 20.76
C PHE B 241 -6.15 -36.68 19.45
N ALA B 242 -4.91 -36.98 19.07
CA ALA B 242 -4.67 -37.67 17.81
C ALA B 242 -5.15 -39.12 17.87
N ASN B 243 -5.45 -39.66 16.69
CA ASN B 243 -5.93 -41.03 16.58
C ASN B 243 -4.89 -42.02 17.08
N PHE B 244 -5.32 -42.96 17.93
CA PHE B 244 -4.40 -43.93 18.51
C PHE B 244 -4.43 -45.24 17.74
N PRO B 245 -3.26 -45.79 17.37
CA PRO B 245 -1.94 -45.20 17.66
C PRO B 245 -1.49 -44.21 16.58
N CYS B 246 -0.75 -43.17 16.99
CA CYS B 246 -0.21 -42.23 16.02
C CYS B 246 0.80 -42.90 15.10
N GLU B 247 1.57 -43.85 15.63
CA GLU B 247 2.54 -44.61 14.86
C GLU B 247 2.37 -46.07 15.25
N GLN B 248 2.07 -46.93 14.26
CA GLN B 248 1.92 -48.34 14.53
C GLN B 248 3.20 -48.97 15.05
N THR B 249 4.36 -48.37 14.77
CA THR B 249 5.62 -48.86 15.30
C THR B 249 5.78 -48.56 16.79
N ASN B 250 4.98 -47.65 17.34
CA ASN B 250 5.00 -47.39 18.78
C ASN B 250 4.19 -48.40 19.57
N MET B 251 3.42 -49.25 18.90
CA MET B 251 2.58 -50.22 19.59
C MET B 251 3.42 -51.26 20.32
N SER B 252 4.54 -51.66 19.74
CA SER B 252 5.39 -52.64 20.41
C SER B 252 5.98 -52.08 21.70
N TYR B 253 6.38 -50.80 21.69
CA TYR B 253 6.85 -50.16 22.91
C TYR B 253 5.74 -50.07 23.94
N ILE B 254 4.56 -49.59 23.52
CA ILE B 254 3.43 -49.44 24.43
C ILE B 254 2.98 -50.80 24.95
N MET B 255 3.13 -51.85 24.15
CA MET B 255 2.83 -53.19 24.64
C MET B 255 3.83 -53.63 25.71
N GLY B 256 5.10 -53.28 25.54
CA GLY B 256 6.08 -53.60 26.56
C GLY B 256 5.82 -52.87 27.87
N LEU B 257 5.45 -51.59 27.79
CA LEU B 257 5.17 -50.84 29.01
C LEU B 257 3.91 -51.31 29.70
N SER B 258 2.90 -51.75 28.94
CA SER B 258 1.68 -52.25 29.54
C SER B 258 1.95 -53.53 30.33
N GLN B 259 2.80 -54.42 29.80
CA GLN B 259 3.10 -55.65 30.51
C GLN B 259 4.01 -55.41 31.70
N THR B 260 4.99 -54.52 31.55
CA THR B 260 5.90 -54.22 32.65
C THR B 260 5.17 -53.55 33.81
N ALA B 261 4.33 -52.56 33.51
CA ALA B 261 3.57 -51.87 34.55
C ALA B 261 2.32 -52.62 34.97
N ARG B 262 1.97 -53.71 34.27
CA ARG B 262 0.77 -54.50 34.57
C ARG B 262 -0.48 -53.62 34.56
N VAL B 263 -0.52 -52.65 33.65
CA VAL B 263 -1.68 -51.80 33.45
C VAL B 263 -1.97 -51.77 31.95
N PRO B 264 -3.11 -52.27 31.49
CA PRO B 264 -3.39 -52.27 30.06
C PRO B 264 -3.56 -50.85 29.52
N VAL B 265 -3.18 -50.68 28.26
CA VAL B 265 -3.27 -49.37 27.63
C VAL B 265 -4.70 -48.86 27.61
N GLU B 266 -5.67 -49.73 27.74
CA GLU B 266 -7.05 -49.31 27.75
C GLU B 266 -7.37 -48.54 28.99
N ARG B 267 -6.77 -48.88 30.11
CA ARG B 267 -6.96 -48.10 31.32
C ARG B 267 -6.19 -46.80 31.24
N ILE B 268 -5.03 -46.79 30.58
CA ILE B 268 -4.28 -45.56 30.40
C ILE B 268 -5.07 -44.58 29.55
N LEU B 269 -5.69 -45.07 28.47
CA LEU B 269 -6.50 -44.21 27.62
C LEU B 269 -7.72 -43.68 28.38
N ASN B 270 -8.34 -44.53 29.21
CA ASN B 270 -9.44 -44.07 30.04
C ASN B 270 -8.97 -43.02 31.05
N THR B 271 -7.74 -43.16 31.56
CA THR B 271 -7.20 -42.16 32.46
C THR B 271 -7.03 -40.82 31.74
N ILE B 272 -6.63 -40.87 30.48
CA ILE B 272 -6.51 -39.65 29.69
C ILE B 272 -7.85 -38.92 29.60
N ILE B 273 -8.92 -39.67 29.36
CA ILE B 273 -10.24 -39.05 29.23
C ILE B 273 -10.67 -38.42 30.54
N GLN B 274 -10.48 -39.13 31.65
CA GLN B 274 -10.92 -38.61 32.95
C GLN B 274 -10.13 -37.39 33.36
N LEU B 275 -8.89 -37.24 32.90
CA LEU B 275 -8.07 -36.08 33.20
C LEU B 275 -8.44 -34.85 32.38
N THR B 276 -9.57 -34.89 31.65
CA THR B 276 -9.96 -33.74 30.86
C THR B 276 -10.41 -32.57 31.72
N THR B 277 -11.01 -32.85 32.89
CA THR B 277 -11.42 -31.77 33.78
C THR B 277 -10.21 -30.94 34.23
N ASN B 278 -9.05 -31.57 34.37
CA ASN B 278 -7.80 -30.85 34.64
C ASN B 278 -7.24 -30.19 33.39
N ARG B 279 -7.95 -30.26 32.27
CA ARG B 279 -7.52 -29.72 30.97
C ARG B 279 -6.20 -30.36 30.54
N ASP B 280 -6.33 -31.64 30.21
CA ASP B 280 -5.21 -32.41 29.69
C ASP B 280 -4.91 -31.94 28.29
N SER B 287 -0.88 -22.95 26.03
CA SER B 287 -1.85 -23.88 25.45
C SER B 287 -1.35 -25.32 25.54
N TYR B 288 -0.05 -25.51 25.27
CA TYR B 288 0.56 -26.83 25.39
C TYR B 288 1.05 -27.00 26.80
N ASP B 289 0.64 -28.08 27.43
CA ASP B 289 1.01 -28.34 28.81
C ASP B 289 2.20 -29.26 28.96
N PHE B 290 2.95 -29.48 27.89
CA PHE B 290 4.11 -30.33 27.92
C PHE B 290 3.82 -31.78 28.26
N GLU B 291 2.75 -32.31 27.69
CA GLU B 291 2.33 -33.69 27.94
C GLU B 291 2.83 -34.66 26.88
N CYS B 292 3.48 -34.17 25.82
CA CYS B 292 3.93 -35.01 24.72
C CYS B 292 5.45 -34.97 24.56
N ASP B 293 6.17 -34.91 25.67
CA ASP B 293 7.63 -34.83 25.65
C ASP B 293 8.32 -36.17 25.81
N TRP B 294 7.60 -37.22 26.20
CA TRP B 294 8.15 -38.56 26.40
C TRP B 294 7.71 -39.44 25.25
N THR B 295 8.68 -39.97 24.50
CA THR B 295 8.26 -40.91 23.46
C THR B 295 8.19 -42.33 24.01
N PRO B 296 7.35 -43.19 23.42
CA PRO B 296 7.33 -44.59 23.87
C PRO B 296 8.68 -45.27 23.76
N GLU B 297 9.51 -44.88 22.80
CA GLU B 297 10.83 -45.48 22.67
C GLU B 297 11.72 -45.09 23.84
N MET B 298 11.65 -43.83 24.28
CA MET B 298 12.50 -43.39 25.37
C MET B 298 12.11 -44.05 26.69
N VAL B 299 10.81 -44.22 26.92
CA VAL B 299 10.36 -44.86 28.16
C VAL B 299 10.69 -46.35 28.14
N TYR B 300 10.46 -47.00 26.99
CA TYR B 300 10.67 -48.45 26.92
C TYR B 300 12.14 -48.80 27.10
N ASN B 301 13.04 -48.02 26.51
CA ASN B 301 14.47 -48.32 26.58
C ASN B 301 15.04 -48.18 27.99
N GLN B 302 14.32 -47.55 28.92
CA GLN B 302 14.78 -47.40 30.29
C GLN B 302 13.96 -48.20 31.29
N ALA B 303 12.95 -48.93 30.84
CA ALA B 303 12.10 -49.69 31.75
C ALA B 303 12.67 -51.09 31.97
N PRO B 304 12.55 -51.62 33.19
CA PRO B 304 13.04 -52.98 33.45
C PRO B 304 12.11 -54.04 32.87
N ILE B 305 12.46 -54.59 31.71
CA ILE B 305 11.63 -55.58 31.04
C ILE B 305 11.74 -56.92 31.74
N ALA C 2 -36.40 15.10 -14.66
CA ALA C 2 -35.21 15.20 -15.50
C ALA C 2 -34.20 14.11 -15.15
N GLY C 3 -33.33 13.77 -16.11
CA GLY C 3 -32.34 12.74 -15.91
C GLY C 3 -30.98 13.32 -15.55
N ILE C 4 -30.14 12.46 -14.97
CA ILE C 4 -28.79 12.81 -14.55
C ILE C 4 -27.80 12.10 -15.45
N LYS C 5 -26.89 12.86 -16.05
CA LYS C 5 -25.88 12.33 -16.96
C LYS C 5 -24.48 12.64 -16.44
N ILE C 6 -23.49 12.01 -17.07
CA ILE C 6 -22.09 12.33 -16.83
C ILE C 6 -21.75 13.50 -17.76
N LEU C 7 -21.71 14.71 -17.19
CA LEU C 7 -21.46 15.91 -17.96
C LEU C 7 -19.96 16.21 -18.01
N LEU C 8 -19.47 16.51 -19.21
CA LEU C 8 -18.10 16.93 -19.42
C LEU C 8 -18.08 18.38 -19.88
N HIS C 9 -17.05 19.11 -19.46
CA HIS C 9 -16.92 20.46 -19.98
C HIS C 9 -16.25 20.40 -21.36
N PRO C 10 -16.60 21.34 -22.25
CA PRO C 10 -16.04 21.31 -23.61
C PRO C 10 -14.53 21.20 -23.60
N SER C 11 -14.01 20.38 -24.52
CA SER C 11 -12.60 20.04 -24.57
C SER C 11 -11.83 20.86 -25.58
N GLY C 12 -12.45 21.87 -26.18
CA GLY C 12 -11.77 22.64 -27.21
C GLY C 12 -10.57 23.40 -26.70
N VAL C 13 -10.61 23.83 -25.44
CA VAL C 13 -9.50 24.61 -24.88
C VAL C 13 -8.27 23.73 -24.66
N VAL C 14 -8.47 22.44 -24.44
CA VAL C 14 -7.35 21.54 -24.23
C VAL C 14 -6.76 21.07 -25.56
N GLU C 15 -7.63 20.85 -26.56
CA GLU C 15 -7.14 20.41 -27.86
C GLU C 15 -6.22 21.43 -28.50
N ARG C 16 -6.47 22.72 -28.27
CA ARG C 16 -5.63 23.76 -28.85
C ARG C 16 -4.23 23.79 -28.27
N CYS C 17 -4.03 23.22 -27.07
CA CYS C 17 -2.74 23.22 -26.41
C CYS C 17 -2.04 21.87 -26.46
N MET C 18 -2.62 20.89 -27.15
CA MET C 18 -2.00 19.57 -27.26
C MET C 18 -0.96 19.55 -28.37
N VAL C 19 0.05 18.70 -28.20
CA VAL C 19 1.18 18.66 -29.10
C VAL C 19 1.82 17.27 -28.98
N SER C 20 2.43 16.82 -30.06
CA SER C 20 3.15 15.55 -30.07
C SER C 20 4.63 15.79 -29.78
N VAL C 21 5.27 14.77 -29.21
CA VAL C 21 6.71 14.82 -28.94
C VAL C 21 7.32 13.51 -29.39
N VAL C 22 8.29 13.54 -30.28
CA VAL C 22 8.97 12.38 -30.82
C VAL C 22 10.46 12.50 -30.52
N TYR C 23 11.07 11.42 -30.04
CA TYR C 23 12.49 11.40 -29.70
C TYR C 23 13.03 10.02 -30.06
N ASN C 24 13.63 9.91 -31.24
CA ASN C 24 14.29 8.68 -31.70
C ASN C 24 13.36 7.47 -31.64
N GLY C 25 12.18 7.62 -32.26
CA GLY C 25 11.23 6.54 -32.30
C GLY C 25 10.11 6.67 -31.29
N SER C 26 10.47 6.96 -30.04
CA SER C 26 9.47 7.14 -28.99
C SER C 26 8.64 8.38 -29.28
N ALA C 27 7.33 8.19 -29.46
CA ALA C 27 6.43 9.27 -29.83
C ALA C 27 5.22 9.25 -28.91
N LEU C 28 5.11 10.32 -28.13
CA LEU C 28 3.97 10.47 -27.24
C LEU C 28 3.32 11.83 -27.40
N ASN C 29 2.63 12.30 -26.37
CA ASN C 29 1.92 13.57 -26.44
C ASN C 29 2.41 14.52 -25.36
N GLY C 30 2.02 15.78 -25.49
CA GLY C 30 2.37 16.80 -24.53
C GLY C 30 1.40 17.95 -24.62
N ILE C 31 1.50 18.85 -23.65
CA ILE C 31 0.68 20.05 -23.59
C ILE C 31 1.57 21.27 -23.71
N TRP C 32 1.10 22.30 -24.41
CA TRP C 32 1.87 23.51 -24.65
C TRP C 32 1.24 24.72 -24.01
N LEU C 33 1.74 25.11 -22.87
CA LEU C 33 1.29 26.29 -22.14
C LEU C 33 2.39 27.33 -22.15
N LYS C 34 2.04 28.56 -22.53
CA LYS C 34 3.01 29.64 -22.69
C LYS C 34 4.13 29.21 -23.63
N ASN C 35 5.36 29.23 -23.14
CA ASN C 35 6.52 28.80 -23.93
C ASN C 35 7.11 27.50 -23.43
N VAL C 36 6.33 26.70 -22.68
CA VAL C 36 6.79 25.44 -22.12
C VAL C 36 5.90 24.32 -22.65
N VAL C 37 6.52 23.17 -22.94
CA VAL C 37 5.82 21.98 -23.39
C VAL C 37 6.09 20.87 -22.37
N TYR C 38 5.05 20.46 -21.65
CA TYR C 38 5.17 19.41 -20.65
C TYR C 38 4.82 18.06 -21.26
N CYS C 39 5.60 17.04 -20.92
CA CYS C 39 5.41 15.69 -21.46
C CYS C 39 6.11 14.70 -20.54
N PRO C 40 5.73 13.42 -20.60
CA PRO C 40 6.39 12.42 -19.75
C PRO C 40 7.86 12.27 -20.11
N ARG C 41 8.69 12.04 -19.10
CA ARG C 41 10.11 11.92 -19.33
C ARG C 41 10.52 10.65 -20.02
N HIS C 42 9.72 9.61 -19.89
CA HIS C 42 10.11 8.33 -20.48
C HIS C 42 10.13 8.35 -22.00
N VAL C 43 9.91 9.51 -22.62
CA VAL C 43 10.04 9.61 -24.06
C VAL C 43 11.50 9.52 -24.49
N ILE C 44 12.45 9.85 -23.61
CA ILE C 44 13.86 9.73 -23.95
C ILE C 44 14.41 8.32 -23.76
N GLY C 45 13.67 7.46 -23.08
CA GLY C 45 14.13 6.11 -22.84
C GLY C 45 13.43 5.49 -21.66
N LYS C 46 13.63 4.19 -21.51
CA LYS C 46 12.97 3.40 -20.46
C LYS C 46 13.99 3.14 -19.35
N PHE C 47 14.24 4.18 -18.56
CA PHE C 47 15.25 4.13 -17.52
C PHE C 47 14.60 3.88 -16.16
N ARG C 48 15.36 4.02 -15.09
CA ARG C 48 14.90 3.64 -13.76
C ARG C 48 15.73 4.34 -12.71
N GLY C 49 15.11 4.56 -11.54
CA GLY C 49 15.84 5.05 -10.39
C GLY C 49 16.36 6.46 -10.60
N ASP C 50 17.66 6.63 -10.40
CA ASP C 50 18.32 7.93 -10.53
C ASP C 50 19.10 8.07 -11.82
N GLN C 51 18.82 7.22 -12.82
CA GLN C 51 19.44 7.39 -14.13
C GLN C 51 18.87 8.58 -14.88
N TRP C 52 17.73 9.12 -14.44
CA TRP C 52 17.02 10.13 -15.23
C TRP C 52 17.79 11.44 -15.29
N THR C 53 18.44 11.83 -14.19
CA THR C 53 19.09 13.13 -14.14
C THR C 53 20.20 13.25 -15.18
N HIS C 54 20.96 12.17 -15.38
CA HIS C 54 22.06 12.23 -16.34
C HIS C 54 21.59 12.06 -17.78
N MET C 55 20.55 11.25 -18.01
CA MET C 55 20.13 10.98 -19.39
C MET C 55 19.48 12.19 -20.03
N VAL C 56 18.98 13.11 -19.23
CA VAL C 56 18.38 14.31 -19.77
C VAL C 56 19.46 15.32 -20.11
N SER C 57 20.63 15.19 -19.52
CA SER C 57 21.72 16.12 -19.81
C SER C 57 22.32 15.85 -21.18
N ILE C 58 22.48 14.58 -21.55
CA ILE C 58 22.98 14.23 -22.88
C ILE C 58 21.91 14.30 -23.95
N ALA C 59 20.67 14.58 -23.58
CA ALA C 59 19.60 14.67 -24.57
C ALA C 59 19.73 15.94 -25.39
N ASP C 60 19.75 15.79 -26.71
CA ASP C 60 19.89 16.93 -27.61
C ASP C 60 18.55 17.60 -27.84
N CYS C 61 18.55 18.94 -27.81
CA CYS C 61 17.31 19.68 -27.97
C CYS C 61 16.78 19.58 -29.39
N ARG C 62 17.65 19.41 -30.38
CA ARG C 62 17.23 19.28 -31.76
C ARG C 62 16.60 17.93 -32.07
N ASP C 63 16.69 16.96 -31.16
CA ASP C 63 16.07 15.66 -31.35
C ASP C 63 14.63 15.61 -30.85
N PHE C 64 14.17 16.69 -30.25
CA PHE C 64 12.80 16.76 -29.79
C PHE C 64 11.91 17.32 -30.88
N ILE C 65 11.45 16.45 -31.76
CA ILE C 65 10.58 16.85 -32.84
C ILE C 65 9.18 17.05 -32.31
N VAL C 66 8.83 18.30 -32.04
CA VAL C 66 7.51 18.63 -31.51
C VAL C 66 6.60 19.31 -32.53
N LYS C 67 5.46 18.70 -32.83
CA LYS C 67 4.55 19.21 -33.83
C LYS C 67 3.18 19.41 -33.21
N CYS C 68 2.64 20.61 -33.33
CA CYS C 68 1.28 20.92 -32.89
C CYS C 68 0.37 20.91 -34.11
N PRO C 69 -0.23 19.77 -34.47
CA PRO C 69 -0.93 19.68 -35.76
C PRO C 69 -2.26 20.40 -35.81
N ILE C 70 -2.90 20.63 -34.66
CA ILE C 70 -4.16 21.36 -34.66
C ILE C 70 -3.94 22.81 -35.11
N GLN C 71 -2.81 23.41 -34.70
CA GLN C 71 -2.45 24.74 -35.15
C GLN C 71 -1.50 24.74 -36.34
N GLY C 72 -0.87 23.60 -36.64
CA GLY C 72 0.00 23.51 -37.79
C GLY C 72 1.36 24.17 -37.64
N ILE C 73 1.93 24.05 -36.44
CA ILE C 73 3.23 24.62 -36.18
C ILE C 73 4.22 23.60 -35.67
N GLN C 74 5.45 23.62 -36.18
CA GLN C 74 6.51 22.73 -35.73
C GLN C 74 7.47 23.56 -34.89
N LEU C 75 7.53 23.27 -33.59
CA LEU C 75 8.29 24.08 -32.66
C LEU C 75 9.71 23.53 -32.49
N ASN C 76 10.56 24.36 -31.88
CA ASN C 76 11.94 24.00 -31.59
C ASN C 76 12.19 24.23 -30.11
N VAL C 77 13.01 23.36 -29.53
CA VAL C 77 13.29 23.46 -28.13
C VAL C 77 14.61 24.10 -27.87
N GLN C 78 14.67 24.97 -26.89
CA GLN C 78 15.89 25.67 -26.51
C GLN C 78 16.59 25.03 -25.33
N SER C 79 15.81 24.52 -24.38
CA SER C 79 16.37 23.87 -23.21
C SER C 79 15.45 22.81 -22.63
N VAL C 80 16.02 21.81 -21.97
CA VAL C 80 15.24 20.74 -21.34
C VAL C 80 15.51 20.67 -19.85
N LYS C 81 14.47 20.51 -19.04
CA LYS C 81 14.60 20.45 -17.60
C LYS C 81 13.61 19.42 -17.08
N MET C 82 14.10 18.50 -16.24
CA MET C 82 13.26 17.46 -15.68
C MET C 82 12.68 17.93 -14.35
N VAL C 83 11.37 18.05 -14.30
CA VAL C 83 10.64 18.42 -13.08
C VAL C 83 9.84 17.19 -12.68
N GLY C 84 10.33 16.47 -11.68
CA GLY C 84 9.66 15.24 -11.28
C GLY C 84 9.84 14.18 -12.35
N ALA C 85 8.74 13.56 -12.75
CA ALA C 85 8.76 12.55 -13.81
C ALA C 85 8.37 13.14 -15.16
N LEU C 86 8.40 14.46 -15.30
CA LEU C 86 8.03 15.13 -16.53
C LEU C 86 9.22 15.91 -17.08
N LEU C 87 9.12 16.29 -18.34
CA LEU C 87 10.13 17.10 -18.96
C LEU C 87 9.50 18.43 -19.33
N GLN C 88 10.14 19.54 -19.02
CA GLN C 88 9.67 20.89 -19.34
C GLN C 88 10.51 21.41 -20.50
N LEU C 89 9.95 21.30 -21.70
CA LEU C 89 10.66 21.71 -22.88
C LEU C 89 10.33 23.15 -23.26
N THR C 90 11.18 24.09 -22.89
CA THR C 90 10.98 25.50 -23.21
C THR C 90 11.09 25.70 -24.71
N VAL C 91 10.02 26.20 -25.32
CA VAL C 91 10.00 26.41 -26.75
C VAL C 91 10.11 27.89 -27.08
N HIS C 92 10.59 28.19 -28.28
CA HIS C 92 10.74 29.56 -28.71
C HIS C 92 9.42 30.30 -28.80
N THR C 93 8.38 29.65 -29.28
CA THR C 93 7.09 30.30 -29.45
C THR C 93 6.17 30.22 -28.24
N ASN C 94 5.35 31.24 -28.04
CA ASN C 94 4.39 31.26 -26.95
C ASN C 94 3.01 30.93 -27.49
N ASN C 95 2.33 29.98 -26.88
CA ASN C 95 1.01 29.56 -27.34
C ASN C 95 -0.01 30.62 -27.06
N THR C 96 -0.63 31.10 -28.11
CA THR C 96 -1.65 32.13 -27.94
C THR C 96 -2.94 31.56 -27.36
N ALA C 97 -3.21 30.27 -27.60
CA ALA C 97 -4.38 29.61 -27.03
C ALA C 97 -4.20 29.25 -25.57
N THR C 98 -3.08 29.63 -24.96
CA THR C 98 -2.83 29.35 -23.56
C THR C 98 -3.87 30.05 -22.69
N PRO C 99 -4.66 29.33 -21.92
CA PRO C 99 -5.65 29.99 -21.06
C PRO C 99 -5.07 30.29 -19.68
N ASP C 100 -5.88 30.89 -18.82
CA ASP C 100 -5.53 30.97 -17.41
C ASP C 100 -5.55 29.56 -16.84
N TYR C 101 -4.37 29.02 -16.51
CA TYR C 101 -4.26 27.64 -16.08
C TYR C 101 -3.63 27.56 -14.71
N LYS C 102 -3.95 26.48 -13.99
CA LYS C 102 -3.42 26.21 -12.66
C LYS C 102 -3.15 24.72 -12.52
N PHE C 103 -2.05 24.37 -11.87
CA PHE C 103 -1.68 22.98 -11.65
C PHE C 103 -2.21 22.57 -10.28
N GLU C 104 -3.39 21.96 -10.25
CA GLU C 104 -4.04 21.54 -9.02
C GLU C 104 -3.92 20.03 -8.87
N ARG C 105 -3.49 19.57 -7.71
CA ARG C 105 -3.40 18.16 -7.47
C ARG C 105 -4.69 17.61 -6.89
N LEU C 106 -5.19 16.55 -7.52
CA LEU C 106 -6.43 15.95 -7.07
C LEU C 106 -6.34 15.12 -5.85
N GLN C 107 -7.45 15.06 -5.16
CA GLN C 107 -7.50 14.20 -4.03
C GLN C 107 -8.36 12.97 -4.44
N PRO C 108 -8.11 11.78 -3.87
CA PRO C 108 -8.89 10.59 -4.25
C PRO C 108 -10.38 10.84 -4.09
N GLY C 109 -11.15 10.37 -5.07
CA GLY C 109 -12.58 10.58 -5.08
C GLY C 109 -13.05 11.81 -5.83
N SER C 110 -12.16 12.49 -6.54
CA SER C 110 -12.50 13.72 -7.25
C SER C 110 -12.59 13.46 -8.74
N SER C 111 -13.54 14.13 -9.40
CA SER C 111 -13.78 13.91 -10.81
C SER C 111 -12.68 14.55 -11.64
N MET C 112 -12.60 14.12 -12.90
CA MET C 112 -11.59 14.60 -13.81
C MET C 112 -11.97 14.16 -15.19
N THR C 113 -11.61 14.91 -16.21
CA THR C 113 -11.90 14.61 -17.60
C THR C 113 -10.59 14.31 -18.33
N ILE C 114 -10.47 13.10 -18.84
CA ILE C 114 -9.28 12.67 -19.58
C ILE C 114 -9.45 13.03 -21.04
N ALA C 115 -8.41 13.60 -21.63
CA ALA C 115 -8.37 13.90 -23.07
C ALA C 115 -7.37 12.95 -23.71
N CYS C 116 -7.85 11.77 -24.10
CA CYS C 116 -7.01 10.74 -24.71
C CYS C 116 -6.50 11.23 -26.06
N ALA C 117 -5.19 11.44 -26.17
CA ALA C 117 -4.58 12.00 -27.36
C ALA C 117 -3.68 10.98 -28.04
N TYR C 118 -3.51 11.15 -29.35
CA TYR C 118 -2.61 10.32 -30.15
C TYR C 118 -1.95 11.20 -31.19
N ASP C 119 -0.61 11.19 -31.23
CA ASP C 119 0.17 12.04 -32.13
C ASP C 119 -0.21 13.52 -31.96
N GLY C 120 -0.46 13.92 -30.72
CA GLY C 120 -0.82 15.28 -30.42
C GLY C 120 -2.26 15.64 -30.71
N ILE C 121 -3.07 14.71 -31.19
CA ILE C 121 -4.47 14.95 -31.55
C ILE C 121 -5.35 14.22 -30.56
N VAL C 122 -6.26 14.94 -29.91
CA VAL C 122 -7.17 14.34 -28.96
C VAL C 122 -8.20 13.51 -29.70
N ARG C 123 -8.25 12.20 -29.42
CA ARG C 123 -9.17 11.29 -30.07
C ARG C 123 -10.48 11.14 -29.32
N HIS C 124 -10.40 10.95 -28.00
CA HIS C 124 -11.60 10.78 -27.18
C HIS C 124 -11.45 11.57 -25.89
N VAL C 125 -12.59 11.87 -25.28
CA VAL C 125 -12.66 12.46 -23.95
C VAL C 125 -13.62 11.64 -23.12
N TYR C 126 -13.27 11.41 -21.87
CA TYR C 126 -14.14 10.66 -20.98
C TYR C 126 -13.90 11.10 -19.54
N HIS C 127 -14.73 10.60 -18.65
CA HIS C 127 -14.75 11.02 -17.25
C HIS C 127 -14.20 9.89 -16.38
N VAL C 128 -13.24 10.25 -15.52
CA VAL C 128 -12.65 9.32 -14.56
C VAL C 128 -12.67 9.96 -13.19
N VAL C 129 -12.35 9.16 -12.18
CA VAL C 129 -12.28 9.60 -10.79
C VAL C 129 -11.06 8.93 -10.16
N LEU C 130 -10.22 9.72 -9.51
CA LEU C 130 -9.06 9.18 -8.82
C LEU C 130 -9.52 8.27 -7.68
N GLN C 131 -9.12 7.00 -7.74
CA GLN C 131 -9.52 6.04 -6.73
C GLN C 131 -8.60 6.13 -5.50
N LEU C 132 -9.03 5.49 -4.42
CA LEU C 132 -8.28 5.55 -3.17
C LEU C 132 -6.93 4.87 -3.27
N ASN C 133 -6.73 3.99 -4.26
CA ASN C 133 -5.42 3.42 -4.53
C ASN C 133 -4.57 4.30 -5.43
N ASN C 134 -5.01 5.55 -5.65
CA ASN C 134 -4.28 6.52 -6.47
C ASN C 134 -4.09 6.02 -7.90
N LEU C 135 -5.09 5.29 -8.40
CA LEU C 135 -5.14 4.88 -9.79
C LEU C 135 -6.44 5.38 -10.40
N ILE C 136 -6.41 5.64 -11.71
CA ILE C 136 -7.60 5.96 -12.47
C ILE C 136 -7.92 4.78 -13.38
N TYR C 137 -9.18 4.38 -13.42
CA TYR C 137 -9.64 3.35 -14.35
C TYR C 137 -10.02 4.07 -15.63
N ALA C 138 -9.07 4.15 -16.56
CA ALA C 138 -9.28 4.90 -17.79
C ALA C 138 -9.21 4.00 -19.02
N SER C 139 -8.95 4.60 -20.18
CA SER C 139 -8.85 3.88 -21.44
C SER C 139 -7.69 4.48 -22.22
N PHE C 140 -6.60 3.73 -22.35
CA PHE C 140 -5.41 4.21 -23.04
C PHE C 140 -4.83 3.08 -23.88
N LEU C 141 -4.30 3.43 -25.05
CA LEU C 141 -3.58 2.51 -25.91
C LEU C 141 -2.13 2.98 -26.03
N ASN C 142 -1.36 2.32 -26.87
CA ASN C 142 0.02 2.73 -27.09
C ASN C 142 0.06 4.10 -27.76
N GLY C 143 1.02 4.92 -27.35
CA GLY C 143 1.13 6.26 -27.87
C GLY C 143 0.23 7.28 -27.21
N ALA C 144 -0.56 6.87 -26.23
CA ALA C 144 -1.47 7.77 -25.53
C ALA C 144 -0.82 8.46 -24.33
N CYS C 145 0.43 8.13 -24.01
CA CYS C 145 1.11 8.79 -22.91
C CYS C 145 1.25 10.28 -23.19
N GLY C 146 1.19 11.08 -22.12
CA GLY C 146 1.12 12.51 -22.24
C GLY C 146 -0.27 13.08 -22.23
N SER C 147 -1.30 12.24 -22.44
CA SER C 147 -2.68 12.70 -22.33
C SER C 147 -2.91 13.31 -20.95
N VAL C 148 -3.75 14.33 -20.89
CA VAL C 148 -3.93 15.10 -19.67
C VAL C 148 -5.35 14.88 -19.13
N GLY C 149 -5.48 15.01 -17.82
CA GLY C 149 -6.78 15.02 -17.16
C GLY C 149 -6.99 16.38 -16.53
N TYR C 150 -8.21 16.89 -16.65
CA TYR C 150 -8.45 18.28 -16.30
C TYR C 150 -9.88 18.46 -15.82
N THR C 151 -10.12 19.62 -15.21
CA THR C 151 -11.46 20.14 -14.95
C THR C 151 -11.48 21.59 -15.41
N LEU C 152 -12.67 22.17 -15.44
CA LEU C 152 -12.84 23.55 -15.90
C LEU C 152 -13.84 24.25 -14.98
N LYS C 153 -13.37 25.24 -14.25
CA LYS C 153 -14.21 26.10 -13.43
C LYS C 153 -14.19 27.50 -14.05
N GLY C 154 -15.27 27.86 -14.72
CA GLY C 154 -15.30 29.14 -15.42
C GLY C 154 -14.47 29.04 -16.69
N LYS C 155 -13.55 29.99 -16.86
CA LYS C 155 -12.64 30.00 -18.00
C LYS C 155 -11.22 29.61 -17.60
N THR C 156 -11.07 28.92 -16.46
CA THR C 156 -9.77 28.54 -15.94
C THR C 156 -9.55 27.05 -16.13
N LEU C 157 -8.43 26.69 -16.77
CA LEU C 157 -8.06 25.30 -16.96
C LEU C 157 -7.38 24.78 -15.70
N TYR C 158 -7.89 23.69 -15.14
CA TYR C 158 -7.32 23.07 -13.95
C TYR C 158 -6.75 21.72 -14.36
N LEU C 159 -5.45 21.71 -14.66
CA LEU C 159 -4.76 20.47 -15.04
C LEU C 159 -4.44 19.65 -13.81
N HIS C 160 -4.76 18.35 -13.88
CA HIS C 160 -4.65 17.47 -12.72
C HIS C 160 -3.76 16.25 -12.95
N TYR C 161 -3.54 15.84 -14.19
CA TYR C 161 -3.00 14.51 -14.43
C TYR C 161 -2.35 14.45 -15.80
N MET C 162 -1.32 13.62 -15.90
CA MET C 162 -0.72 13.25 -17.18
C MET C 162 -0.41 11.76 -17.15
N HIS C 163 -0.83 11.05 -18.19
CA HIS C 163 -0.74 9.59 -18.19
C HIS C 163 0.70 9.14 -18.42
N HIS C 164 1.04 8.00 -17.80
CA HIS C 164 2.39 7.45 -17.88
C HIS C 164 2.37 5.96 -18.15
N ILE C 165 1.68 5.19 -17.32
CA ILE C 165 1.83 3.74 -17.29
C ILE C 165 0.48 3.06 -17.09
N GLU C 166 0.37 1.84 -17.60
CA GLU C 166 -0.82 1.03 -17.40
C GLU C 166 -0.46 -0.11 -16.49
N PHE C 167 -1.29 -0.36 -15.51
CA PHE C 167 -1.07 -1.39 -14.50
C PHE C 167 -2.19 -2.42 -14.58
N ASN C 168 -1.82 -3.70 -14.67
CA ASN C 168 -2.76 -4.82 -14.64
C ASN C 168 -3.78 -4.72 -15.78
N ASN C 169 -3.38 -4.11 -16.89
CA ASN C 169 -4.16 -4.04 -18.12
C ASN C 169 -5.43 -3.19 -18.00
N LYS C 170 -5.85 -2.85 -16.79
CA LYS C 170 -7.10 -2.11 -16.59
C LYS C 170 -6.96 -0.83 -15.79
N THR C 171 -5.91 -0.68 -14.98
CA THR C 171 -5.72 0.50 -14.16
C THR C 171 -4.59 1.35 -14.73
N HIS C 172 -4.60 2.63 -14.38
CA HIS C 172 -3.67 3.58 -14.98
C HIS C 172 -3.11 4.53 -13.93
N SER C 173 -1.83 4.87 -14.09
CA SER C 173 -1.13 5.72 -13.14
C SER C 173 -0.35 6.79 -13.88
N GLY C 174 -0.16 7.92 -13.22
CA GLY C 174 0.54 9.02 -13.82
C GLY C 174 0.86 10.10 -12.80
N THR C 175 1.26 11.24 -13.30
CA THR C 175 1.64 12.30 -12.45
C THR C 175 0.82 13.52 -12.62
N ASP C 176 0.85 14.40 -11.64
CA ASP C 176 0.25 15.71 -11.84
C ASP C 176 1.15 16.52 -12.77
N LEU C 177 0.71 17.73 -13.13
CA LEU C 177 1.52 18.55 -14.01
C LEU C 177 2.77 19.09 -13.30
N GLU C 178 2.92 18.82 -12.03
CA GLU C 178 4.12 19.24 -11.32
C GLU C 178 5.19 18.17 -11.33
N GLY C 179 4.88 17.01 -11.87
CA GLY C 179 5.86 15.94 -12.03
C GLY C 179 5.82 14.87 -10.97
N ASN C 180 4.95 14.99 -9.98
CA ASN C 180 4.87 14.03 -8.88
C ASN C 180 3.77 13.00 -9.15
N PHE C 181 4.10 11.73 -8.92
CA PHE C 181 3.16 10.65 -9.20
C PHE C 181 2.03 10.63 -8.16
N TYR C 182 0.87 10.17 -8.59
CA TYR C 182 -0.22 9.85 -7.68
C TYR C 182 0.03 8.46 -7.11
N GLY C 183 0.29 8.37 -5.81
CA GLY C 183 0.58 7.11 -5.18
C GLY C 183 2.04 6.74 -5.29
N PRO C 184 2.39 5.53 -4.84
CA PRO C 184 3.80 5.14 -4.78
C PRO C 184 4.30 4.51 -6.08
N TYR C 185 3.68 4.86 -7.20
CA TYR C 185 4.01 4.26 -8.48
C TYR C 185 5.04 5.11 -9.22
N VAL C 186 5.84 4.45 -10.07
CA VAL C 186 6.89 5.10 -10.82
C VAL C 186 6.81 4.64 -12.27
N ASP C 187 7.46 5.40 -13.15
CA ASP C 187 7.45 5.11 -14.58
C ASP C 187 8.52 4.07 -14.94
N GLU C 188 8.34 2.87 -14.39
CA GLU C 188 9.25 1.76 -14.65
C GLU C 188 8.43 0.50 -14.92
N GLU C 189 8.79 -0.23 -15.98
CA GLU C 189 8.05 -1.42 -16.40
C GLU C 189 8.47 -2.62 -15.55
N VAL C 190 8.07 -2.56 -14.28
CA VAL C 190 8.35 -3.63 -13.32
C VAL C 190 7.16 -3.78 -12.39
N ILE C 191 7.08 -4.93 -11.73
CA ILE C 191 5.99 -5.19 -10.80
C ILE C 191 6.05 -4.20 -9.66
N GLN C 192 4.93 -3.54 -9.39
CA GLN C 192 4.84 -2.53 -8.34
C GLN C 192 3.64 -2.85 -7.45
N GLN C 193 3.90 -3.02 -6.16
CA GLN C 193 2.83 -3.36 -5.22
C GLN C 193 1.85 -2.20 -5.09
N GLN C 194 0.57 -2.49 -5.24
CA GLN C 194 -0.49 -1.51 -5.13
C GLN C 194 -1.35 -1.80 -3.91
N THR C 195 -1.79 -0.75 -3.25
CA THR C 195 -2.62 -0.90 -2.06
C THR C 195 -3.97 -1.49 -2.42
N ALA C 196 -4.59 -2.13 -1.43
CA ALA C 196 -5.88 -2.78 -1.64
C ALA C 196 -6.93 -1.76 -2.04
N PHE C 197 -7.80 -2.16 -2.96
CA PHE C 197 -8.86 -1.27 -3.42
C PHE C 197 -9.84 -0.97 -2.30
N GLN C 198 -10.35 0.25 -2.30
CA GLN C 198 -11.34 0.67 -1.31
C GLN C 198 -12.36 1.55 -2.02
N TYR C 199 -13.64 1.27 -1.78
CA TYR C 199 -14.69 2.05 -2.41
C TYR C 199 -14.78 3.42 -1.75
N TYR C 200 -14.76 4.47 -2.57
CA TYR C 200 -15.06 5.82 -2.09
C TYR C 200 -16.53 5.87 -1.72
N THR C 201 -16.81 5.75 -0.42
CA THR C 201 -18.19 5.57 0.04
C THR C 201 -19.08 6.73 -0.37
N ASP C 202 -18.55 7.96 -0.31
CA ASP C 202 -19.35 9.12 -0.70
C ASP C 202 -19.78 9.04 -2.15
N ASN C 203 -18.89 8.58 -3.02
CA ASN C 203 -19.23 8.45 -4.44
C ASN C 203 -20.20 7.31 -4.66
N VAL C 204 -20.08 6.22 -3.89
CA VAL C 204 -21.05 5.13 -3.99
C VAL C 204 -22.41 5.58 -3.48
N VAL C 205 -22.43 6.33 -2.38
CA VAL C 205 -23.70 6.87 -1.88
C VAL C 205 -24.32 7.80 -2.92
N ALA C 206 -23.50 8.61 -3.59
CA ALA C 206 -24.03 9.49 -4.63
C ALA C 206 -24.58 8.71 -5.81
N GLN C 207 -23.97 7.57 -6.14
CA GLN C 207 -24.47 6.76 -7.25
C GLN C 207 -25.85 6.19 -6.93
N LEU C 208 -26.05 5.70 -5.71
CA LEU C 208 -27.36 5.19 -5.33
C LEU C 208 -28.39 6.31 -5.33
N TYR C 209 -28.02 7.50 -4.87
CA TYR C 209 -28.95 8.62 -4.93
C TYR C 209 -29.28 8.96 -6.38
N ALA C 210 -28.26 9.13 -7.23
CA ALA C 210 -28.50 9.45 -8.64
C ALA C 210 -29.46 8.46 -9.29
N HIS C 211 -29.54 7.24 -8.77
CA HIS C 211 -30.49 6.27 -9.31
C HIS C 211 -31.93 6.57 -8.87
N LEU C 212 -32.10 7.09 -7.65
CA LEU C 212 -33.43 7.43 -7.14
C LEU C 212 -34.02 8.67 -7.78
N LEU C 213 -33.20 9.54 -8.37
CA LEU C 213 -33.68 10.76 -9.00
C LEU C 213 -33.62 10.71 -10.53
N THR C 214 -33.33 9.56 -11.10
CA THR C 214 -33.23 9.45 -12.54
C THR C 214 -33.98 8.25 -13.10
N VAL C 215 -33.79 7.09 -12.50
CA VAL C 215 -34.40 5.85 -13.00
C VAL C 215 -35.67 5.54 -12.21
N ASP C 216 -35.51 4.93 -11.05
CA ASP C 216 -36.64 4.53 -10.21
C ASP C 216 -36.41 5.01 -8.79
N ALA C 217 -37.39 5.72 -8.23
CA ALA C 217 -37.26 6.25 -6.88
C ALA C 217 -37.48 5.19 -5.80
N ARG C 218 -38.16 4.11 -6.19
CA ARG C 218 -38.51 3.07 -5.25
C ARG C 218 -38.09 1.70 -5.83
N PRO C 219 -36.78 1.37 -5.85
CA PRO C 219 -36.36 0.06 -6.36
C PRO C 219 -36.47 -1.02 -5.30
N LYS C 220 -36.49 -2.26 -5.77
CA LYS C 220 -36.67 -3.40 -4.87
C LYS C 220 -35.46 -3.61 -3.98
N TRP C 221 -34.26 -3.22 -4.43
CA TRP C 221 -33.06 -3.42 -3.63
C TRP C 221 -32.86 -2.36 -2.56
N LEU C 222 -33.62 -1.26 -2.60
CA LEU C 222 -33.52 -0.23 -1.58
C LEU C 222 -34.01 -0.78 -0.25
N ALA C 223 -33.15 -0.71 0.78
CA ALA C 223 -33.50 -1.26 2.08
C ALA C 223 -34.62 -0.47 2.73
N GLN C 224 -35.39 -1.15 3.57
CA GLN C 224 -36.49 -0.51 4.28
C GLN C 224 -36.10 -0.05 5.68
N SER C 225 -34.96 -0.53 6.17
CA SER C 225 -34.49 -0.15 7.48
C SER C 225 -33.27 0.73 7.37
N GLN C 226 -32.84 1.34 8.48
CA GLN C 226 -31.64 2.13 8.45
C GLN C 226 -30.53 1.52 9.24
N ILE C 227 -29.33 2.02 9.01
CA ILE C 227 -28.16 1.64 9.79
C ILE C 227 -27.42 2.93 10.14
N SER C 228 -26.92 3.00 11.37
CA SER C 228 -26.24 4.20 11.81
C SER C 228 -24.87 4.32 11.14
N ILE C 229 -24.40 5.55 11.00
CA ILE C 229 -23.09 5.79 10.38
C ILE C 229 -22.01 5.12 11.20
N GLU C 230 -22.13 5.14 12.52
CA GLU C 230 -21.16 4.46 13.37
C GLU C 230 -21.19 2.95 13.14
N ASP C 231 -22.38 2.38 12.95
CA ASP C 231 -22.48 0.94 12.70
C ASP C 231 -22.00 0.59 11.30
N PHE C 232 -22.25 1.45 10.33
CA PHE C 232 -21.73 1.22 8.98
C PHE C 232 -20.20 1.21 8.99
N ASN C 233 -19.59 2.15 9.71
CA ASN C 233 -18.14 2.26 9.69
C ASN C 233 -17.47 1.04 10.30
N SER C 234 -18.13 0.38 11.25
CA SER C 234 -17.61 -0.89 11.75
C SER C 234 -17.68 -1.97 10.69
N TRP C 235 -18.73 -1.94 9.87
CA TRP C 235 -18.83 -2.89 8.76
C TRP C 235 -17.95 -2.47 7.59
N ALA C 236 -17.75 -1.17 7.39
CA ALA C 236 -16.95 -0.69 6.27
C ALA C 236 -15.49 -1.10 6.40
N ALA C 237 -14.99 -1.20 7.64
CA ALA C 237 -13.59 -1.57 7.86
C ALA C 237 -13.30 -3.02 7.44
N ASN C 238 -14.33 -3.86 7.37
CA ASN C 238 -14.18 -5.26 7.00
C ASN C 238 -14.82 -5.58 5.65
N ASN C 239 -15.02 -4.55 4.79
CA ASN C 239 -15.68 -4.79 3.51
C ASN C 239 -15.17 -3.86 2.42
N SER C 240 -13.92 -3.39 2.53
CA SER C 240 -13.27 -2.58 1.51
C SER C 240 -14.06 -1.30 1.21
N PHE C 241 -14.66 -0.72 2.25
CA PHE C 241 -15.36 0.55 2.13
C PHE C 241 -14.71 1.59 3.02
N ALA C 242 -14.52 2.79 2.49
CA ALA C 242 -13.88 3.87 3.22
C ALA C 242 -14.79 4.36 4.35
N ASN C 243 -14.23 5.00 5.35
CA ASN C 243 -15.03 5.56 6.43
C ASN C 243 -15.93 6.65 5.89
N PHE C 244 -17.14 6.73 6.41
CA PHE C 244 -18.09 7.73 5.97
C PHE C 244 -18.15 8.83 7.02
N PRO C 245 -18.08 10.09 6.59
CA PRO C 245 -17.79 10.47 5.20
C PRO C 245 -16.32 10.51 4.80
N CYS C 246 -16.02 10.24 3.53
CA CYS C 246 -14.62 10.33 3.11
C CYS C 246 -14.09 11.75 3.29
N GLU C 247 -14.87 12.74 2.87
CA GLU C 247 -14.55 14.13 3.13
C GLU C 247 -15.79 14.84 3.66
N GLN C 248 -15.58 15.71 4.66
CA GLN C 248 -16.71 16.32 5.35
C GLN C 248 -17.47 17.31 4.47
N THR C 249 -16.81 17.88 3.47
CA THR C 249 -17.48 18.85 2.61
C THR C 249 -18.54 18.21 1.72
N ASN C 250 -18.52 16.89 1.56
CA ASN C 250 -19.53 16.20 0.74
C ASN C 250 -20.84 15.99 1.46
N MET C 251 -20.85 16.20 2.76
CA MET C 251 -22.07 16.01 3.54
C MET C 251 -23.16 17.02 3.27
N SER C 252 -22.79 18.22 2.90
CA SER C 252 -23.79 19.18 2.52
C SER C 252 -24.51 18.76 1.28
N TYR C 253 -23.77 18.29 0.31
CA TYR C 253 -24.38 17.87 -0.92
C TYR C 253 -25.19 16.62 -0.66
N ILE C 254 -24.63 15.71 0.13
CA ILE C 254 -25.33 14.47 0.44
C ILE C 254 -26.62 14.75 1.20
N MET C 255 -26.58 15.68 2.16
CA MET C 255 -27.79 16.03 2.90
C MET C 255 -28.84 16.64 1.99
N GLY C 256 -28.43 17.33 0.92
CA GLY C 256 -29.39 17.84 -0.03
C GLY C 256 -30.03 16.75 -0.87
N LEU C 257 -29.27 15.69 -1.18
CA LEU C 257 -29.84 14.57 -1.93
C LEU C 257 -30.85 13.80 -1.08
N SER C 258 -30.57 13.64 0.22
CA SER C 258 -31.51 12.97 1.10
C SER C 258 -32.80 13.78 1.26
N GLN C 259 -32.73 15.08 1.03
CA GLN C 259 -33.92 15.87 1.14
C GLN C 259 -34.72 15.81 -0.11
N THR C 260 -34.04 15.80 -1.24
CA THR C 260 -34.75 15.71 -2.52
C THR C 260 -35.39 14.34 -2.70
N ALA C 261 -34.62 13.28 -2.45
CA ALA C 261 -35.13 11.92 -2.63
C ALA C 261 -36.00 11.45 -1.45
N ARG C 262 -36.04 12.22 -0.36
CA ARG C 262 -36.82 11.87 0.83
C ARG C 262 -36.40 10.51 1.40
N VAL C 263 -35.15 10.13 1.17
CA VAL C 263 -34.58 8.88 1.66
C VAL C 263 -33.37 9.23 2.52
N PRO C 264 -33.37 8.94 3.81
CA PRO C 264 -32.21 9.26 4.65
C PRO C 264 -30.97 8.49 4.20
N VAL C 265 -29.81 9.08 4.46
CA VAL C 265 -28.56 8.44 4.11
C VAL C 265 -28.33 7.16 4.90
N GLU C 266 -29.05 6.97 5.98
CA GLU C 266 -28.88 5.78 6.81
C GLU C 266 -29.50 4.59 6.11
N ARG C 267 -30.53 4.81 5.31
CA ARG C 267 -31.08 3.73 4.50
C ARG C 267 -30.19 3.45 3.29
N ILE C 268 -29.63 4.49 2.69
CA ILE C 268 -28.68 4.30 1.58
C ILE C 268 -27.45 3.55 2.07
N LEU C 269 -27.00 3.85 3.29
CA LEU C 269 -25.88 3.11 3.86
C LEU C 269 -26.25 1.65 4.09
N ASN C 270 -27.48 1.39 4.53
CA ASN C 270 -27.92 0.01 4.69
C ASN C 270 -28.13 -0.67 3.35
N THR C 271 -28.57 0.09 2.34
CA THR C 271 -28.71 -0.47 1.00
C THR C 271 -27.37 -0.97 0.48
N ILE C 272 -26.29 -0.27 0.81
CA ILE C 272 -24.96 -0.69 0.37
C ILE C 272 -24.57 -2.00 1.04
N ILE C 273 -24.83 -2.12 2.35
CA ILE C 273 -24.49 -3.34 3.06
C ILE C 273 -25.30 -4.52 2.57
N GLN C 274 -26.61 -4.31 2.35
CA GLN C 274 -27.47 -5.40 1.92
C GLN C 274 -27.17 -5.83 0.49
N LEU C 275 -26.75 -4.88 -0.38
CA LEU C 275 -26.40 -5.25 -1.74
C LEU C 275 -25.08 -5.99 -1.82
N THR C 276 -24.21 -5.82 -0.83
CA THR C 276 -22.95 -6.56 -0.82
C THR C 276 -23.19 -8.06 -0.64
N THR C 277 -24.16 -8.42 0.20
CA THR C 277 -24.48 -9.82 0.40
C THR C 277 -25.42 -10.36 -0.66
N ASN C 278 -26.31 -9.52 -1.19
CA ASN C 278 -27.28 -9.93 -2.20
C ASN C 278 -26.74 -9.56 -3.58
N ARG C 279 -26.15 -10.53 -4.26
CA ARG C 279 -25.60 -10.32 -5.60
C ARG C 279 -26.60 -10.82 -6.65
N ASP C 280 -27.66 -10.04 -6.81
CA ASP C 280 -28.73 -10.36 -7.75
C ASP C 280 -28.53 -9.72 -9.12
N GLY C 281 -27.44 -9.00 -9.32
CA GLY C 281 -27.21 -8.34 -10.59
C GLY C 281 -27.99 -7.07 -10.79
N ALA C 282 -28.27 -6.33 -9.72
CA ALA C 282 -29.01 -5.08 -9.84
C ALA C 282 -28.19 -4.04 -10.59
N CYS C 283 -28.81 -3.38 -11.57
CA CYS C 283 -28.17 -2.35 -12.37
C CYS C 283 -28.48 -0.99 -11.77
N ILE C 284 -27.46 -0.30 -11.27
CA ILE C 284 -27.61 0.99 -10.61
C ILE C 284 -26.87 2.03 -11.45
N MET C 285 -27.62 3.00 -11.99
CA MET C 285 -27.07 4.07 -12.82
C MET C 285 -26.30 3.51 -14.01
N GLY C 286 -26.79 2.41 -14.57
CA GLY C 286 -26.18 1.81 -15.75
C GLY C 286 -25.01 0.90 -15.49
N SER C 287 -24.72 0.57 -14.22
CA SER C 287 -23.62 -0.30 -13.87
C SER C 287 -24.13 -1.45 -13.01
N TYR C 288 -23.44 -2.58 -13.10
CA TYR C 288 -23.86 -3.78 -12.39
C TYR C 288 -23.27 -3.91 -10.99
N ASP C 289 -22.32 -3.05 -10.62
CA ASP C 289 -21.74 -3.05 -9.29
C ASP C 289 -21.55 -1.61 -8.83
N PHE C 290 -20.95 -1.45 -7.66
CA PHE C 290 -20.71 -0.12 -7.11
C PHE C 290 -19.69 0.63 -7.96
N GLU C 291 -19.95 1.91 -8.19
CA GLU C 291 -19.05 2.75 -8.97
C GLU C 291 -18.75 4.04 -8.21
N CYS C 292 -17.54 4.56 -8.43
CA CYS C 292 -17.09 5.80 -7.80
C CYS C 292 -17.08 6.96 -8.77
N ASP C 293 -17.77 6.84 -9.90
CA ASP C 293 -17.76 7.91 -10.91
C ASP C 293 -18.68 9.06 -10.53
N TRP C 294 -19.77 8.79 -9.81
CA TRP C 294 -20.75 9.82 -9.45
C TRP C 294 -20.33 10.45 -8.12
N THR C 295 -19.83 11.69 -8.18
CA THR C 295 -19.51 12.35 -6.94
C THR C 295 -20.74 13.10 -6.41
N PRO C 296 -20.84 13.27 -5.10
CA PRO C 296 -22.02 13.99 -4.54
C PRO C 296 -22.21 15.39 -5.09
N GLU C 297 -21.15 16.01 -5.61
CA GLU C 297 -21.30 17.33 -6.21
C GLU C 297 -22.04 17.26 -7.54
N MET C 298 -21.71 16.27 -8.38
CA MET C 298 -22.36 16.16 -9.69
C MET C 298 -23.83 15.82 -9.53
N VAL C 299 -24.18 14.95 -8.60
CA VAL C 299 -25.58 14.58 -8.40
C VAL C 299 -26.37 15.75 -7.83
N TYR C 300 -25.77 16.51 -6.92
CA TYR C 300 -26.46 17.66 -6.34
C TYR C 300 -26.65 18.77 -7.37
N ASN C 301 -25.62 19.07 -8.16
CA ASN C 301 -25.71 20.13 -9.15
C ASN C 301 -26.58 19.76 -10.34
N GLN C 302 -27.18 18.56 -10.35
CA GLN C 302 -28.09 18.15 -11.41
C GLN C 302 -29.47 17.75 -10.92
N ALA C 303 -29.63 17.43 -9.65
CA ALA C 303 -30.92 17.04 -9.11
C ALA C 303 -31.81 18.27 -8.89
N PRO C 304 -33.13 18.11 -8.98
CA PRO C 304 -34.02 19.25 -8.74
C PRO C 304 -33.91 19.76 -7.32
N ILE C 305 -33.86 21.09 -7.19
CA ILE C 305 -33.72 21.82 -5.92
C ILE C 305 -32.87 21.07 -4.88
N SER D 1 30.42 22.29 9.53
CA SER D 1 30.79 22.37 8.12
C SER D 1 29.69 23.05 7.30
N ALA D 2 28.47 23.04 7.85
CA ALA D 2 27.33 23.68 7.21
C ALA D 2 26.27 23.98 8.26
N GLY D 3 25.64 25.14 8.13
CA GLY D 3 24.60 25.54 9.06
C GLY D 3 23.22 25.15 8.58
N ILE D 4 22.77 23.95 8.95
CA ILE D 4 21.48 23.41 8.53
C ILE D 4 20.62 23.25 9.78
N LYS D 5 19.53 24.02 9.85
CA LYS D 5 18.64 24.02 10.99
C LYS D 5 17.21 23.76 10.54
N ILE D 6 16.34 23.51 11.52
CA ILE D 6 14.91 23.37 11.27
C ILE D 6 14.33 24.77 11.16
N LEU D 7 14.07 25.18 9.93
CA LEU D 7 13.55 26.52 9.69
C LEU D 7 12.03 26.64 9.79
N LEU D 8 11.55 27.41 10.74
CA LEU D 8 10.12 27.62 10.89
C LEU D 8 9.75 28.93 10.23
N HIS D 9 8.47 29.16 10.03
CA HIS D 9 8.08 30.41 9.37
C HIS D 9 7.63 31.42 10.41
N PRO D 10 7.91 32.71 10.17
CA PRO D 10 7.52 33.75 11.15
C PRO D 10 6.02 33.78 11.37
N SER D 11 5.64 33.90 12.63
CA SER D 11 4.24 33.87 13.01
C SER D 11 3.46 35.15 13.09
N GLY D 12 4.04 36.27 12.71
CA GLY D 12 3.35 37.53 12.89
C GLY D 12 2.06 37.63 12.14
N VAL D 13 2.05 37.14 10.91
CA VAL D 13 0.87 37.21 10.08
C VAL D 13 -0.28 36.44 10.72
N VAL D 14 0.00 35.29 11.30
CA VAL D 14 -1.04 34.51 11.91
C VAL D 14 -1.47 35.06 13.26
N GLU D 15 -0.58 35.69 14.01
CA GLU D 15 -0.92 36.20 15.35
C GLU D 15 -1.89 37.34 15.22
N ARG D 16 -1.71 38.13 14.18
CA ARG D 16 -2.61 39.23 13.92
C ARG D 16 -4.00 38.77 13.60
N CYS D 17 -4.11 37.64 12.93
CA CYS D 17 -5.42 37.13 12.55
C CYS D 17 -6.01 36.09 13.51
N MET D 18 -5.31 35.78 14.60
CA MET D 18 -5.80 34.80 15.54
C MET D 18 -6.89 35.38 16.43
N VAL D 19 -7.87 34.55 16.77
CA VAL D 19 -9.06 35.01 17.48
C VAL D 19 -9.53 33.88 18.40
N SER D 20 -9.94 34.24 19.61
CA SER D 20 -10.52 33.27 20.53
C SER D 20 -12.01 33.14 20.27
N VAL D 21 -12.52 31.91 20.38
CA VAL D 21 -13.94 31.61 20.18
C VAL D 21 -14.46 30.84 21.38
N VAL D 22 -15.55 31.32 21.96
CA VAL D 22 -16.16 30.71 23.14
C VAL D 22 -17.66 30.58 22.90
N TYR D 23 -18.18 29.36 23.02
CA TYR D 23 -19.59 29.07 22.85
C TYR D 23 -20.08 28.28 24.06
N ASN D 24 -20.71 28.98 25.01
CA ASN D 24 -21.41 28.37 26.14
C ASN D 24 -20.53 27.35 26.87
N GLY D 25 -19.36 27.82 27.31
CA GLY D 25 -18.47 26.99 28.09
C GLY D 25 -17.45 26.19 27.30
N SER D 26 -17.28 26.49 26.02
CA SER D 26 -16.30 25.80 25.18
C SER D 26 -15.38 26.84 24.55
N ALA D 27 -14.11 26.82 24.91
CA ALA D 27 -13.15 27.82 24.48
C ALA D 27 -12.10 27.21 23.57
N LEU D 28 -11.91 27.83 22.41
CA LEU D 28 -10.90 27.39 21.47
C LEU D 28 -10.45 28.60 20.65
N ASN D 29 -9.58 28.39 19.68
CA ASN D 29 -9.04 29.45 18.85
C ASN D 29 -9.65 29.39 17.45
N GLY D 30 -9.35 30.42 16.66
CA GLY D 30 -9.83 30.49 15.29
C GLY D 30 -9.15 31.58 14.50
N ILE D 31 -9.07 31.40 13.21
CA ILE D 31 -8.45 32.39 12.37
C ILE D 31 -9.46 33.37 11.84
N TRP D 32 -9.05 34.62 11.68
CA TRP D 32 -9.93 35.66 11.17
C TRP D 32 -9.35 36.23 9.92
N LEU D 33 -9.89 35.86 8.79
CA LEU D 33 -9.45 36.32 7.48
C LEU D 33 -10.62 37.00 6.78
N LYS D 34 -10.36 38.18 6.20
CA LYS D 34 -11.40 39.01 5.62
C LYS D 34 -12.50 39.28 6.63
N ASN D 35 -13.72 38.81 6.37
CA ASN D 35 -14.84 38.98 7.27
C ASN D 35 -15.39 37.65 7.76
N VAL D 36 -14.58 36.60 7.71
CA VAL D 36 -14.99 35.25 8.10
C VAL D 36 -14.04 34.73 9.16
N VAL D 37 -14.59 34.05 10.16
CA VAL D 37 -13.82 33.42 11.23
C VAL D 37 -13.97 31.92 11.10
N TYR D 38 -12.85 31.23 10.96
CA TYR D 38 -12.84 29.80 10.79
C TYR D 38 -12.47 29.15 12.09
N CYS D 39 -13.24 28.17 12.53
CA CYS D 39 -13.02 27.52 13.81
C CYS D 39 -13.58 26.11 13.75
N PRO D 40 -13.07 25.19 14.57
CA PRO D 40 -13.60 23.82 14.57
C PRO D 40 -15.06 23.78 15.00
N ARG D 41 -15.78 22.78 14.50
CA ARG D 41 -17.21 22.69 14.75
C ARG D 41 -17.55 22.14 16.13
N HIS D 42 -16.63 21.42 16.77
CA HIS D 42 -16.96 20.80 18.07
C HIS D 42 -17.07 21.83 19.20
N VAL D 43 -17.09 23.11 18.87
CA VAL D 43 -17.23 24.15 19.88
C VAL D 43 -18.66 24.16 20.35
N ILE D 44 -19.57 23.81 19.47
CA ILE D 44 -20.99 23.82 19.79
C ILE D 44 -21.45 22.54 20.47
N GLY D 45 -20.55 21.61 20.73
CA GLY D 45 -20.88 20.36 21.39
C GLY D 45 -20.16 19.19 20.75
N LYS D 46 -19.87 18.17 21.55
CA LYS D 46 -19.18 16.98 21.08
C LYS D 46 -20.21 16.04 20.47
N PHE D 47 -20.54 16.31 19.22
CA PHE D 47 -21.53 15.53 18.49
C PHE D 47 -20.82 14.48 17.62
N ARG D 48 -21.61 13.75 16.84
CA ARG D 48 -21.10 12.63 16.05
C ARG D 48 -21.93 12.47 14.79
N GLY D 49 -21.34 11.80 13.81
CA GLY D 49 -22.07 11.41 12.62
C GLY D 49 -22.60 12.60 11.84
N ASP D 50 -23.93 12.68 11.71
CA ASP D 50 -24.58 13.70 10.91
C ASP D 50 -25.50 14.60 11.72
N GLN D 51 -25.43 14.56 13.06
CA GLN D 51 -26.15 15.54 13.85
C GLN D 51 -25.56 16.94 13.74
N TRP D 52 -24.48 17.07 13.02
CA TRP D 52 -23.83 18.35 12.95
C TRP D 52 -24.67 19.36 12.21
N THR D 53 -25.23 18.97 11.08
CA THR D 53 -25.99 19.90 10.25
C THR D 53 -27.14 20.50 11.03
N HIS D 54 -27.86 19.69 11.81
CA HIS D 54 -29.01 20.19 12.56
C HIS D 54 -28.56 21.05 13.74
N MET D 55 -27.45 20.67 14.39
CA MET D 55 -26.98 21.44 15.54
C MET D 55 -26.43 22.80 15.13
N VAL D 56 -25.82 22.90 13.95
CA VAL D 56 -25.33 24.20 13.48
C VAL D 56 -26.49 25.11 13.13
N SER D 57 -27.59 24.55 12.62
CA SER D 57 -28.74 25.37 12.23
C SER D 57 -29.37 26.04 13.44
N ILE D 58 -29.59 25.28 14.53
CA ILE D 58 -30.21 25.83 15.72
C ILE D 58 -29.26 26.64 16.57
N ALA D 59 -27.99 26.74 16.19
CA ALA D 59 -27.03 27.53 16.95
C ALA D 59 -27.27 29.01 16.70
N ASP D 60 -27.32 29.79 17.79
CA ASP D 60 -27.57 31.23 17.70
C ASP D 60 -26.26 32.00 17.59
N CYS D 61 -26.31 33.09 16.83
CA CYS D 61 -25.10 33.87 16.57
C CYS D 61 -24.67 34.67 17.80
N ARG D 62 -25.62 35.06 18.65
CA ARG D 62 -25.30 35.87 19.83
C ARG D 62 -24.63 35.07 20.93
N ASP D 63 -24.53 33.74 20.80
CA ASP D 63 -23.89 32.92 21.82
C ASP D 63 -22.40 32.72 21.58
N PHE D 64 -21.88 33.22 20.46
CA PHE D 64 -20.45 33.09 20.13
C PHE D 64 -19.71 34.29 20.67
N ILE D 65 -18.97 34.10 21.76
CA ILE D 65 -18.12 35.14 22.32
C ILE D 65 -16.81 35.14 21.54
N VAL D 66 -16.68 36.08 20.62
CA VAL D 66 -15.50 36.13 19.77
C VAL D 66 -14.70 37.39 20.02
N LYS D 67 -13.43 37.27 20.30
CA LYS D 67 -12.55 38.39 20.63
C LYS D 67 -11.20 38.22 19.95
N CYS D 68 -10.62 39.34 19.53
CA CYS D 68 -9.27 39.36 18.97
C CYS D 68 -8.33 40.01 19.98
N PRO D 69 -7.45 39.25 20.64
CA PRO D 69 -6.63 39.85 21.70
C PRO D 69 -5.59 40.83 21.18
N ILE D 70 -4.96 40.53 20.05
CA ILE D 70 -3.87 41.36 19.55
C ILE D 70 -4.35 42.68 19.00
N GLN D 71 -5.62 42.75 18.64
CA GLN D 71 -6.18 43.99 18.12
C GLN D 71 -7.17 44.64 19.06
N GLY D 72 -7.52 44.01 20.18
CA GLY D 72 -8.40 44.62 21.16
C GLY D 72 -9.80 44.89 20.67
N ILE D 73 -10.30 44.05 19.77
CA ILE D 73 -11.63 44.21 19.21
C ILE D 73 -12.53 43.03 19.52
N GLN D 74 -13.76 43.30 19.90
CA GLN D 74 -14.74 42.24 20.14
C GLN D 74 -15.65 42.12 18.92
N LEU D 75 -15.80 40.90 18.44
CA LEU D 75 -16.58 40.68 17.25
C LEU D 75 -17.91 40.03 17.52
N ASN D 76 -18.86 40.26 16.64
CA ASN D 76 -20.21 39.68 16.76
C ASN D 76 -20.54 38.95 15.47
N VAL D 77 -20.99 37.71 15.59
CA VAL D 77 -21.27 36.87 14.44
C VAL D 77 -22.62 37.27 13.85
N GLN D 78 -22.65 37.36 12.53
CA GLN D 78 -23.88 37.70 11.84
C GLN D 78 -24.55 36.43 11.30
N SER D 79 -23.82 35.60 10.55
CA SER D 79 -24.36 34.37 9.99
C SER D 79 -23.32 33.27 10.15
N VAL D 80 -23.80 32.09 10.56
CA VAL D 80 -22.93 30.95 10.77
C VAL D 80 -23.16 29.87 9.73
N LYS D 81 -22.14 29.61 8.91
CA LYS D 81 -22.21 28.60 7.86
C LYS D 81 -21.13 27.55 8.12
N MET D 82 -21.50 26.28 7.90
CA MET D 82 -20.56 25.16 8.08
C MET D 82 -19.98 24.64 6.79
N VAL D 83 -18.66 24.67 6.68
CA VAL D 83 -17.97 24.13 5.52
C VAL D 83 -17.12 22.97 6.02
N GLY D 84 -17.58 21.75 5.76
CA GLY D 84 -16.87 20.58 6.24
C GLY D 84 -16.97 20.45 7.74
N ALA D 85 -15.83 20.15 8.37
CA ALA D 85 -15.76 20.03 9.82
C ALA D 85 -15.42 21.35 10.50
N LEU D 86 -15.46 22.44 9.75
CA LEU D 86 -15.22 23.73 10.32
C LEU D 86 -16.42 24.65 10.25
N LEU D 87 -16.43 25.71 11.03
CA LEU D 87 -17.50 26.70 11.00
C LEU D 87 -16.95 27.99 10.39
N GLN D 88 -17.73 28.58 9.49
CA GLN D 88 -17.37 29.84 8.83
C GLN D 88 -18.25 30.93 9.42
N LEU D 89 -17.77 31.56 10.49
CA LEU D 89 -18.50 32.62 11.18
C LEU D 89 -18.25 33.93 10.47
N THR D 90 -19.22 34.37 9.67
CA THR D 90 -19.14 35.69 9.07
C THR D 90 -19.36 36.76 10.12
N VAL D 91 -18.49 37.77 10.14
CA VAL D 91 -18.58 38.83 11.14
C VAL D 91 -18.82 40.16 10.50
N HIS D 92 -18.97 41.21 11.30
CA HIS D 92 -19.30 42.52 10.78
C HIS D 92 -18.18 43.30 10.16
N THR D 93 -17.03 43.28 10.81
CA THR D 93 -15.91 44.07 10.34
C THR D 93 -14.92 43.21 9.57
N ASN D 94 -14.34 43.78 8.51
CA ASN D 94 -13.30 43.12 7.75
C ASN D 94 -11.97 43.25 8.48
N ASN D 95 -11.22 42.15 8.59
CA ASN D 95 -9.91 42.19 9.21
C ASN D 95 -8.95 42.93 8.37
N THR D 96 -8.51 44.07 8.87
CA THR D 96 -7.63 44.91 8.08
C THR D 96 -6.23 44.34 7.94
N ALA D 97 -5.85 43.39 8.80
CA ALA D 97 -4.53 42.77 8.78
C ALA D 97 -4.52 41.46 8.00
N THR D 98 -5.52 41.23 7.16
CA THR D 98 -5.59 39.98 6.40
C THR D 98 -4.52 39.97 5.32
N PRO D 99 -3.60 39.02 5.34
CA PRO D 99 -2.59 38.94 4.27
C PRO D 99 -3.16 38.27 3.04
N ASP D 100 -2.37 38.26 1.98
CA ASP D 100 -2.69 37.44 0.82
C ASP D 100 -2.62 35.98 1.24
N TYR D 101 -3.77 35.34 1.40
CA TYR D 101 -3.84 34.00 1.95
C TYR D 101 -4.38 33.02 0.92
N LYS D 102 -3.98 31.76 1.06
CA LYS D 102 -4.39 30.68 0.18
C LYS D 102 -4.63 29.44 1.02
N PHE D 103 -5.67 28.67 0.66
CA PHE D 103 -6.01 27.42 1.33
C PHE D 103 -5.43 26.28 0.51
N GLU D 104 -4.28 25.76 0.94
CA GLU D 104 -3.57 24.73 0.22
C GLU D 104 -3.54 23.44 1.05
N ARG D 105 -3.93 22.33 0.43
CA ARG D 105 -3.86 21.04 1.09
C ARG D 105 -2.44 20.52 1.05
N LEU D 106 -2.00 19.95 2.17
CA LEU D 106 -0.66 19.44 2.27
C LEU D 106 -0.55 17.96 1.99
N GLN D 107 0.43 17.58 1.21
CA GLN D 107 0.70 16.18 0.93
C GLN D 107 1.57 15.57 2.02
N PRO D 108 1.44 14.26 2.25
CA PRO D 108 2.30 13.62 3.26
C PRO D 108 3.77 13.80 2.94
N GLY D 109 4.56 14.01 3.99
CA GLY D 109 5.98 14.26 3.84
C GLY D 109 6.36 15.73 3.83
N SER D 110 5.40 16.62 3.62
CA SER D 110 5.68 18.04 3.58
C SER D 110 5.66 18.63 5.00
N SER D 111 6.41 19.72 5.18
CA SER D 111 6.57 20.34 6.48
C SER D 111 5.68 21.56 6.62
N MET D 112 5.37 21.89 7.86
CA MET D 112 4.58 23.08 8.16
C MET D 112 4.89 23.61 9.56
N THR D 113 4.64 24.89 9.78
CA THR D 113 4.86 25.51 11.08
C THR D 113 3.51 25.63 11.79
N ILE D 114 3.44 25.11 13.00
CA ILE D 114 2.23 25.15 13.80
C ILE D 114 2.27 26.40 14.68
N ALA D 115 1.16 27.11 14.76
CA ALA D 115 1.00 28.26 15.64
C ALA D 115 0.08 27.84 16.78
N CYS D 116 0.66 27.24 17.82
CA CYS D 116 -0.09 26.74 18.96
C CYS D 116 -0.66 27.91 19.75
N ALA D 117 -1.98 28.07 19.70
CA ALA D 117 -2.65 29.21 20.32
C ALA D 117 -3.52 28.76 21.47
N TYR D 118 -3.59 29.60 22.51
CA TYR D 118 -4.48 29.39 23.64
C TYR D 118 -5.17 30.71 23.96
N ASP D 119 -6.49 30.66 24.14
CA ASP D 119 -7.31 31.85 24.42
C ASP D 119 -7.14 32.92 23.34
N GLY D 120 -6.89 32.50 22.10
CA GLY D 120 -6.72 33.42 21.01
C GLY D 120 -5.33 34.02 20.87
N ILE D 121 -4.37 33.56 21.66
CA ILE D 121 -3.01 34.08 21.64
C ILE D 121 -2.05 32.93 21.35
N VAL D 122 -1.20 33.12 20.35
CA VAL D 122 -0.21 32.10 20.01
C VAL D 122 0.84 32.04 21.11
N ARG D 123 0.89 30.89 21.81
CA ARG D 123 1.83 30.71 22.91
C ARG D 123 3.18 30.19 22.42
N HIS D 124 3.17 29.10 21.64
CA HIS D 124 4.40 28.54 21.08
C HIS D 124 4.19 28.24 19.61
N VAL D 125 5.30 28.15 18.89
CA VAL D 125 5.33 27.68 17.52
C VAL D 125 6.35 26.55 17.41
N TYR D 126 6.03 25.53 16.64
CA TYR D 126 6.95 24.41 16.43
C TYR D 126 6.74 23.85 15.04
N HIS D 127 7.68 23.00 14.63
CA HIS D 127 7.75 22.47 13.28
C HIS D 127 7.36 21.00 13.28
N VAL D 128 6.39 20.65 12.44
CA VAL D 128 5.95 19.27 12.29
C VAL D 128 5.91 18.94 10.79
N VAL D 129 5.90 17.65 10.51
CA VAL D 129 5.77 17.14 9.15
C VAL D 129 4.61 16.17 9.11
N LEU D 130 3.71 16.35 8.15
CA LEU D 130 2.60 15.43 7.98
C LEU D 130 3.11 14.05 7.61
N GLN D 131 2.79 13.06 8.44
CA GLN D 131 3.24 11.69 8.19
C GLN D 131 2.32 11.00 7.18
N LEU D 132 2.77 9.84 6.71
CA LEU D 132 2.02 9.10 5.69
C LEU D 132 0.67 8.60 6.20
N ASN D 133 0.50 8.49 7.51
CA ASN D 133 -0.79 8.15 8.10
C ASN D 133 -1.69 9.37 8.28
N ASN D 134 -1.34 10.49 7.64
CA ASN D 134 -2.11 11.75 7.72
C ASN D 134 -2.25 12.25 9.14
N LEU D 135 -1.24 11.99 9.97
CA LEU D 135 -1.17 12.50 11.33
C LEU D 135 0.11 13.32 11.49
N ILE D 136 0.12 14.16 12.52
CA ILE D 136 1.30 14.95 12.88
C ILE D 136 1.63 14.66 14.34
N TYR D 137 2.93 14.56 14.63
CA TYR D 137 3.41 14.36 16.00
C TYR D 137 3.69 15.75 16.57
N ALA D 138 2.70 16.30 17.26
CA ALA D 138 2.77 17.68 17.72
C ALA D 138 2.69 17.78 19.24
N SER D 139 2.41 18.99 19.73
CA SER D 139 2.24 19.22 21.17
C SER D 139 1.03 20.13 21.34
N PHE D 140 -0.01 19.61 22.00
CA PHE D 140 -1.25 20.35 22.19
C PHE D 140 -1.84 19.99 23.54
N LEU D 141 -2.47 20.98 24.17
CA LEU D 141 -3.22 20.80 25.41
C LEU D 141 -4.67 21.18 25.15
N ASN D 142 -5.50 21.06 26.18
CA ASN D 142 -6.91 21.42 26.05
C ASN D 142 -7.03 22.91 25.78
N GLY D 143 -7.95 23.26 24.88
CA GLY D 143 -8.13 24.63 24.48
C GLY D 143 -7.25 25.07 23.33
N ALA D 144 -6.49 24.16 22.73
CA ALA D 144 -5.59 24.49 21.63
C ALA D 144 -6.21 24.24 20.25
N CYS D 145 -7.39 23.62 20.18
CA CYS D 145 -8.03 23.43 18.89
C CYS D 145 -8.32 24.77 18.25
N GLY D 146 -8.20 24.82 16.92
CA GLY D 146 -8.20 26.07 16.19
C GLY D 146 -6.82 26.57 15.83
N SER D 147 -5.78 26.05 16.47
CA SER D 147 -4.42 26.40 16.09
C SER D 147 -4.14 25.93 14.68
N VAL D 148 -3.41 26.75 13.91
CA VAL D 148 -3.26 26.50 12.49
C VAL D 148 -1.82 26.12 12.18
N GLY D 149 -1.67 25.37 11.09
CA GLY D 149 -0.36 25.08 10.51
C GLY D 149 -0.24 25.83 9.20
N TYR D 150 0.94 26.39 8.94
CA TYR D 150 1.07 27.31 7.83
C TYR D 150 2.50 27.27 7.28
N THR D 151 2.64 27.81 6.07
CA THR D 151 3.94 28.11 5.48
C THR D 151 3.84 29.49 4.83
N LEU D 152 4.99 30.00 4.38
CA LEU D 152 5.05 31.32 3.80
C LEU D 152 5.89 31.30 2.53
N LYS D 153 5.42 31.99 1.49
CA LYS D 153 6.14 32.17 0.24
C LYS D 153 6.06 33.66 -0.10
N GLY D 154 7.05 34.43 0.35
CA GLY D 154 6.98 35.87 0.29
C GLY D 154 6.06 36.46 1.35
N LYS D 155 5.19 37.38 0.95
CA LYS D 155 4.17 37.93 1.85
C LYS D 155 2.85 37.19 1.74
N THR D 156 2.87 35.97 1.23
CA THR D 156 1.65 35.16 1.05
C THR D 156 1.57 34.11 2.13
N LEU D 157 0.41 34.04 2.80
CA LEU D 157 0.19 33.06 3.85
C LEU D 157 -0.48 31.82 3.27
N TYR D 158 0.12 30.66 3.54
CA TYR D 158 -0.38 29.37 3.06
C TYR D 158 -0.81 28.56 4.29
N LEU D 159 -2.13 28.48 4.51
CA LEU D 159 -2.69 27.73 5.62
C LEU D 159 -3.10 26.34 5.14
N HIS D 160 -2.70 25.33 5.91
CA HIS D 160 -2.95 23.95 5.53
C HIS D 160 -3.55 23.07 6.59
N TYR D 161 -3.64 23.55 7.82
CA TYR D 161 -4.04 22.66 8.91
C TYR D 161 -4.74 23.45 10.01
N MET D 162 -5.65 22.78 10.71
CA MET D 162 -6.24 23.31 11.92
C MET D 162 -6.51 22.16 12.88
N HIS D 163 -6.06 22.31 14.12
CA HIS D 163 -6.07 21.20 15.06
C HIS D 163 -7.49 20.82 15.47
N HIS D 164 -7.64 19.56 15.87
CA HIS D 164 -8.95 19.01 16.23
C HIS D 164 -8.84 17.96 17.33
N ILE D 165 -8.10 16.89 17.07
CA ILE D 165 -8.18 15.66 17.86
C ILE D 165 -6.79 15.20 18.25
N GLU D 166 -6.65 14.74 19.49
CA GLU D 166 -5.47 14.02 19.95
C GLU D 166 -5.90 12.61 20.34
N PHE D 167 -5.13 11.61 19.89
CA PHE D 167 -5.49 10.22 20.14
C PHE D 167 -4.80 9.72 21.41
N ASN D 168 -4.91 8.44 21.69
CA ASN D 168 -4.22 7.89 22.85
C ASN D 168 -2.76 8.15 22.66
N ASN D 169 -2.19 7.62 21.58
CA ASN D 169 -0.82 7.97 21.28
C ASN D 169 -0.72 9.46 21.04
N LYS D 170 0.48 10.00 21.22
CA LYS D 170 0.70 11.43 21.06
C LYS D 170 0.64 11.85 19.59
N THR D 171 -0.42 11.44 18.89
CA THR D 171 -0.64 11.80 17.49
C THR D 171 -1.83 12.75 17.40
N HIS D 172 -1.72 13.72 16.51
CA HIS D 172 -2.74 14.76 16.39
C HIS D 172 -3.27 14.80 14.97
N SER D 173 -4.58 15.02 14.85
CA SER D 173 -5.26 15.05 13.57
C SER D 173 -6.13 16.29 13.47
N GLY D 174 -6.37 16.73 12.25
CA GLY D 174 -7.20 17.89 12.04
C GLY D 174 -7.60 18.01 10.58
N THR D 175 -8.08 19.19 10.25
CA THR D 175 -8.53 19.43 8.92
C THR D 175 -7.79 20.53 8.25
N ASP D 176 -7.87 20.58 6.93
CA ASP D 176 -7.35 21.75 6.24
C ASP D 176 -8.28 22.93 6.48
N LEU D 177 -7.92 24.08 5.93
CA LEU D 177 -8.75 25.27 6.12
C LEU D 177 -10.00 25.25 5.26
N GLU D 178 -10.24 24.16 4.53
CA GLU D 178 -11.47 23.97 3.79
C GLU D 178 -12.44 23.03 4.50
N GLY D 179 -12.06 22.49 5.66
CA GLY D 179 -12.95 21.68 6.47
C GLY D 179 -12.73 20.19 6.39
N ASN D 180 -11.99 19.71 5.39
CA ASN D 180 -11.82 18.28 5.17
C ASN D 180 -10.67 17.74 6.01
N PHE D 181 -10.94 16.67 6.75
CA PHE D 181 -9.93 16.08 7.61
C PHE D 181 -8.75 15.54 6.80
N TYR D 182 -7.62 15.37 7.49
CA TYR D 182 -6.45 14.72 6.91
C TYR D 182 -6.53 13.25 7.28
N GLY D 183 -6.92 12.41 6.32
CA GLY D 183 -7.04 11.00 6.55
C GLY D 183 -8.47 10.59 6.89
N PRO D 184 -8.62 9.37 7.41
CA PRO D 184 -9.98 8.86 7.70
C PRO D 184 -10.43 9.12 9.13
N TYR D 185 -9.95 10.20 9.72
CA TYR D 185 -10.24 10.52 11.11
C TYR D 185 -11.36 11.55 11.20
N VAL D 186 -12.09 11.50 12.31
CA VAL D 186 -13.20 12.41 12.55
C VAL D 186 -13.09 12.98 13.96
N ASP D 187 -13.81 14.07 14.17
CA ASP D 187 -13.83 14.76 15.47
C ASP D 187 -14.75 14.09 16.42
N GLU D 188 -14.39 12.90 16.81
CA GLU D 188 -15.20 12.10 17.73
C GLU D 188 -14.27 11.38 18.70
N GLU D 189 -14.67 11.36 19.97
CA GLU D 189 -13.85 10.74 21.02
C GLU D 189 -14.21 9.25 21.13
N VAL D 190 -13.87 8.52 20.08
CA VAL D 190 -14.10 7.08 20.00
C VAL D 190 -12.88 6.43 19.38
N ILE D 191 -12.84 5.11 19.44
CA ILE D 191 -11.75 4.40 18.82
C ILE D 191 -11.81 4.56 17.33
N GLN D 192 -10.70 4.94 16.74
CA GLN D 192 -10.58 5.09 15.29
C GLN D 192 -9.32 4.38 14.83
N GLN D 193 -9.39 3.73 13.68
CA GLN D 193 -8.25 3.00 13.16
C GLN D 193 -7.22 3.87 12.54
N GLN D 194 -5.97 3.60 12.86
CA GLN D 194 -4.89 4.34 12.28
C GLN D 194 -4.00 3.39 11.51
N THR D 195 -3.65 3.75 10.29
CA THR D 195 -2.78 2.92 9.47
C THR D 195 -1.41 2.88 10.05
N ALA D 196 -0.72 1.78 9.84
CA ALA D 196 0.63 1.64 10.36
C ALA D 196 1.57 2.72 9.96
N PHE D 197 2.54 2.95 10.81
CA PHE D 197 3.51 4.01 10.53
C PHE D 197 4.43 3.58 9.41
N GLN D 198 4.80 4.55 8.56
CA GLN D 198 5.71 4.31 7.45
C GLN D 198 6.63 5.52 7.32
N TYR D 199 7.93 5.27 7.37
CA TYR D 199 8.90 6.37 7.25
C TYR D 199 8.85 6.98 5.86
N TYR D 200 8.81 8.30 5.78
CA TYR D 200 8.88 8.98 4.50
C TYR D 200 10.33 8.90 4.18
N THR D 201 10.70 8.10 3.21
CA THR D 201 12.09 7.80 2.92
C THR D 201 12.87 9.03 2.48
N ASP D 202 12.24 9.89 1.66
CA ASP D 202 12.91 11.11 1.22
C ASP D 202 13.33 11.97 2.41
N ASN D 203 12.47 12.05 3.43
CA ASN D 203 12.78 12.85 4.60
C ASN D 203 13.90 12.20 5.43
N VAL D 204 13.91 10.87 5.51
CA VAL D 204 15.00 10.20 6.21
C VAL D 204 16.30 10.36 5.45
N VAL D 205 16.27 10.22 4.12
CA VAL D 205 17.47 10.42 3.32
C VAL D 205 18.03 11.82 3.52
N ALA D 206 17.15 12.79 3.66
CA ALA D 206 17.58 14.14 3.91
C ALA D 206 18.19 14.29 5.27
N GLN D 207 17.65 13.57 6.23
CA GLN D 207 18.22 13.61 7.58
C GLN D 207 19.63 13.03 7.62
N LEU D 208 19.85 11.94 6.88
CA LEU D 208 21.19 11.37 6.81
C LEU D 208 22.16 12.29 6.07
N TYR D 209 21.72 12.91 4.99
CA TYR D 209 22.60 13.79 4.25
C TYR D 209 22.93 15.01 5.05
N ALA D 210 21.97 15.48 5.82
CA ALA D 210 22.22 16.65 6.65
C ALA D 210 23.33 16.37 7.66
N HIS D 211 23.27 15.22 8.33
CA HIS D 211 24.31 14.87 9.30
C HIS D 211 25.68 14.80 8.64
N LEU D 212 25.74 14.32 7.39
CA LEU D 212 27.00 14.30 6.67
C LEU D 212 27.53 15.71 6.39
N LEU D 213 26.66 16.70 6.41
CA LEU D 213 27.07 18.04 6.04
C LEU D 213 27.25 19.00 7.20
N THR D 214 26.71 18.69 8.36
CA THR D 214 26.80 19.58 9.49
C THR D 214 27.92 19.21 10.46
N VAL D 215 27.95 17.95 10.91
CA VAL D 215 28.84 17.54 11.99
C VAL D 215 29.96 16.62 11.47
N ASP D 216 29.61 15.50 10.86
CA ASP D 216 30.60 14.48 10.50
C ASP D 216 30.30 13.97 9.10
N ALA D 217 31.27 14.12 8.20
CA ALA D 217 31.15 13.59 6.84
C ALA D 217 31.57 12.13 6.73
N ARG D 218 32.21 11.58 7.76
CA ARG D 218 32.66 10.19 7.77
C ARG D 218 32.33 9.57 9.12
N PRO D 219 31.07 9.24 9.35
CA PRO D 219 30.68 8.59 10.61
C PRO D 219 30.86 7.07 10.53
N LYS D 220 30.79 6.43 11.69
CA LYS D 220 31.00 4.99 11.76
C LYS D 220 29.81 4.21 11.21
N TRP D 221 28.61 4.79 11.26
CA TRP D 221 27.42 4.08 10.79
C TRP D 221 27.22 4.20 9.28
N LEU D 222 28.01 5.03 8.59
CA LEU D 222 27.86 5.19 7.15
C LEU D 222 28.23 3.89 6.44
N ALA D 223 27.32 3.40 5.60
CA ALA D 223 27.55 2.15 4.88
C ALA D 223 28.64 2.33 3.84
N GLN D 224 29.64 1.44 3.87
CA GLN D 224 30.70 1.49 2.88
C GLN D 224 30.21 1.00 1.53
N SER D 225 29.35 -0.01 1.51
CA SER D 225 28.82 -0.56 0.28
C SER D 225 27.52 0.15 -0.11
N GLN D 226 27.08 -0.08 -1.34
CA GLN D 226 25.88 0.54 -1.88
C GLN D 226 24.78 -0.49 -2.06
N ILE D 227 23.57 0.01 -2.27
CA ILE D 227 22.43 -0.80 -2.70
C ILE D 227 21.61 0.04 -3.66
N SER D 228 21.16 -0.58 -4.74
CA SER D 228 20.43 0.15 -5.77
C SER D 228 19.08 0.61 -5.23
N ILE D 229 18.54 1.64 -5.88
CA ILE D 229 17.22 2.15 -5.50
C ILE D 229 16.17 1.06 -5.66
N GLU D 230 16.31 0.23 -6.71
CA GLU D 230 15.36 -0.85 -6.94
C GLU D 230 15.46 -1.92 -5.87
N ASP D 231 16.67 -2.22 -5.41
CA ASP D 231 16.84 -3.25 -4.40
C ASP D 231 16.42 -2.75 -3.02
N PHE D 232 16.63 -1.46 -2.73
CA PHE D 232 16.13 -0.90 -1.48
C PHE D 232 14.60 -0.92 -1.44
N ASN D 233 13.96 -0.65 -2.59
CA ASN D 233 12.50 -0.66 -2.62
C ASN D 233 11.94 -2.04 -2.33
N SER D 234 12.66 -3.09 -2.75
CA SER D 234 12.25 -4.45 -2.39
C SER D 234 12.40 -4.67 -0.89
N TRP D 235 13.47 -4.14 -0.29
CA TRP D 235 13.65 -4.23 1.15
C TRP D 235 12.69 -3.32 1.89
N ALA D 236 12.33 -2.19 1.32
CA ALA D 236 11.48 -1.24 2.00
C ALA D 236 10.08 -1.73 2.23
N ALA D 237 9.64 -2.64 1.39
CA ALA D 237 8.30 -3.15 1.48
C ALA D 237 8.03 -3.90 2.75
N ASN D 238 9.05 -4.51 3.29
CA ASN D 238 8.86 -5.32 4.47
C ASN D 238 9.44 -4.66 5.69
N ASN D 239 9.80 -3.39 5.57
CA ASN D 239 10.41 -2.68 6.69
C ASN D 239 9.78 -1.32 7.03
N SER D 240 8.53 -1.10 6.69
CA SER D 240 7.75 0.12 6.96
C SER D 240 8.44 1.35 6.40
N PHE D 241 8.98 1.24 5.18
CA PHE D 241 9.62 2.35 4.49
C PHE D 241 8.94 2.57 3.15
N ALA D 242 8.51 3.80 2.90
CA ALA D 242 7.82 4.12 1.67
C ALA D 242 8.75 3.95 0.47
N ASN D 243 8.13 3.81 -0.70
CA ASN D 243 8.90 3.60 -1.92
C ASN D 243 9.68 4.86 -2.28
N PHE D 244 10.95 4.67 -2.66
CA PHE D 244 11.85 5.77 -3.00
C PHE D 244 11.91 5.94 -4.51
N PRO D 245 11.74 7.15 -5.03
CA PRO D 245 11.45 8.34 -4.22
C PRO D 245 9.96 8.53 -3.95
N CYS D 246 9.61 8.98 -2.75
CA CYS D 246 8.21 9.28 -2.45
C CYS D 246 7.70 10.39 -3.34
N GLU D 247 8.48 11.45 -3.51
CA GLU D 247 8.17 12.54 -4.43
C GLU D 247 9.26 12.60 -5.49
N GLN D 248 8.85 12.59 -6.76
CA GLN D 248 9.82 12.66 -7.85
C GLN D 248 10.54 14.00 -7.88
N THR D 249 9.87 15.08 -7.48
CA THR D 249 10.53 16.38 -7.44
C THR D 249 11.59 16.45 -6.35
N ASN D 250 11.48 15.61 -5.31
CA ASN D 250 12.50 15.55 -4.27
C ASN D 250 13.81 14.97 -4.80
N MET D 251 13.78 14.30 -5.95
CA MET D 251 15.00 13.72 -6.51
C MET D 251 16.03 14.81 -6.81
N SER D 252 15.60 15.90 -7.45
CA SER D 252 16.52 16.98 -7.79
C SER D 252 17.20 17.55 -6.55
N TYR D 253 16.52 17.53 -5.40
CA TYR D 253 17.13 18.00 -4.17
C TYR D 253 18.08 16.96 -3.59
N ILE D 254 17.68 15.69 -3.58
CA ILE D 254 18.52 14.64 -3.01
C ILE D 254 19.77 14.43 -3.86
N MET D 255 19.64 14.55 -5.17
CA MET D 255 20.79 14.43 -6.04
C MET D 255 21.72 15.61 -5.84
N GLY D 256 21.17 16.78 -5.54
CA GLY D 256 22.01 17.92 -5.22
C GLY D 256 22.78 17.73 -3.93
N LEU D 257 22.14 17.10 -2.94
CA LEU D 257 22.85 16.76 -1.70
C LEU D 257 23.87 15.65 -1.94
N SER D 258 23.63 14.79 -2.93
CA SER D 258 24.57 13.72 -3.24
C SER D 258 25.89 14.29 -3.78
N GLN D 259 25.82 15.36 -4.55
CA GLN D 259 27.02 15.97 -5.09
C GLN D 259 27.73 16.82 -4.04
N THR D 260 26.98 17.43 -3.13
CA THR D 260 27.60 18.26 -2.11
C THR D 260 28.40 17.42 -1.13
N ALA D 261 27.76 16.44 -0.48
CA ALA D 261 28.45 15.54 0.43
C ALA D 261 29.36 14.55 -0.29
N ARG D 262 29.24 14.44 -1.61
CA ARG D 262 29.99 13.46 -2.41
C ARG D 262 29.77 12.04 -1.90
N VAL D 263 28.56 11.77 -1.42
CA VAL D 263 28.14 10.44 -0.99
C VAL D 263 26.89 10.09 -1.80
N PRO D 264 26.91 9.06 -2.62
CA PRO D 264 25.73 8.77 -3.46
C PRO D 264 24.56 8.27 -2.63
N VAL D 265 23.35 8.48 -3.16
CA VAL D 265 22.14 8.11 -2.44
C VAL D 265 22.05 6.61 -2.25
N GLU D 266 22.76 5.83 -3.07
CA GLU D 266 22.78 4.39 -2.89
C GLU D 266 23.45 4.00 -1.57
N ARG D 267 24.36 4.82 -1.08
CA ARG D 267 24.96 4.57 0.21
C ARG D 267 24.07 5.01 1.33
N ILE D 268 23.30 6.08 1.13
CA ILE D 268 22.35 6.51 2.14
C ILE D 268 21.26 5.45 2.31
N LEU D 269 20.74 4.92 1.21
CA LEU D 269 19.74 3.87 1.29
C LEU D 269 20.30 2.63 1.97
N ASN D 270 21.55 2.27 1.65
CA ASN D 270 22.18 1.14 2.31
C ASN D 270 22.38 1.42 3.80
N THR D 271 22.74 2.67 4.14
CA THR D 271 22.91 3.03 5.54
C THR D 271 21.61 2.91 6.30
N ILE D 272 20.49 3.26 5.66
CA ILE D 272 19.18 3.11 6.29
C ILE D 272 18.92 1.65 6.66
N ILE D 273 19.30 0.73 5.76
CA ILE D 273 19.09 -0.69 6.02
C ILE D 273 19.95 -1.16 7.18
N GLN D 274 21.25 -0.84 7.14
CA GLN D 274 22.13 -1.25 8.22
C GLN D 274 21.76 -0.60 9.54
N LEU D 275 21.23 0.61 9.53
CA LEU D 275 20.82 1.20 10.79
C LEU D 275 19.55 0.57 11.30
N THR D 276 18.72 0.08 10.40
CA THR D 276 17.53 -0.64 10.86
C THR D 276 17.92 -1.99 11.46
N THR D 277 18.92 -2.66 10.87
CA THR D 277 19.41 -3.92 11.42
C THR D 277 20.15 -3.69 12.73
N ASN D 278 21.12 -2.77 12.73
CA ASN D 278 21.89 -2.43 13.92
C ASN D 278 21.10 -1.40 14.72
N ARG D 279 20.13 -1.90 15.49
CA ARG D 279 19.31 -1.02 16.28
C ARG D 279 19.73 -1.22 17.72
N GLY D 281 23.71 2.17 19.08
CA GLY D 281 23.12 3.49 19.19
C GLY D 281 23.86 4.54 18.40
N ALA D 282 23.13 5.28 17.55
CA ALA D 282 23.72 6.31 16.71
C ALA D 282 22.83 7.54 16.71
N CYS D 283 23.43 8.70 16.91
CA CYS D 283 22.71 9.98 16.94
C CYS D 283 22.82 10.61 15.55
N ILE D 284 21.79 10.41 14.73
CA ILE D 284 21.72 11.03 13.42
C ILE D 284 21.13 12.41 13.56
N MET D 285 21.87 13.42 13.11
CA MET D 285 21.48 14.83 13.26
C MET D 285 21.26 15.19 14.72
N GLY D 286 20.00 15.26 15.15
CA GLY D 286 19.70 15.60 16.53
C GLY D 286 18.81 14.58 17.22
N SER D 287 18.57 13.45 16.57
CA SER D 287 17.69 12.42 17.10
C SER D 287 18.41 11.08 17.08
N TYR D 288 17.75 10.08 17.66
CA TYR D 288 18.31 8.74 17.74
C TYR D 288 17.53 7.77 16.86
N PHE D 290 14.59 6.75 13.33
CA PHE D 290 14.67 7.83 12.35
C PHE D 290 13.57 8.86 12.55
N GLU D 291 13.68 9.96 11.82
CA GLU D 291 12.68 10.99 11.90
C GLU D 291 12.39 11.46 10.50
N CYS D 292 11.23 12.04 10.27
CA CYS D 292 10.84 12.56 8.98
C CYS D 292 10.70 14.08 9.00
N ASP D 293 11.32 14.75 9.97
CA ASP D 293 11.21 16.19 10.10
C ASP D 293 12.06 16.95 9.08
N TRP D 294 13.05 16.30 8.47
CA TRP D 294 13.98 16.96 7.57
C TRP D 294 13.54 16.70 6.12
N THR D 295 12.90 17.70 5.51
CA THR D 295 12.57 17.58 4.11
C THR D 295 13.82 17.84 3.25
N PRO D 296 13.89 17.21 2.07
CA PRO D 296 15.05 17.47 1.19
C PRO D 296 15.19 18.92 0.77
N GLU D 297 14.08 19.67 0.69
CA GLU D 297 14.17 21.08 0.30
C GLU D 297 14.79 21.91 1.41
N MET D 298 14.36 21.70 2.65
CA MET D 298 14.91 22.46 3.77
C MET D 298 16.39 22.17 3.99
N VAL D 299 16.85 20.96 3.65
CA VAL D 299 18.26 20.65 3.82
C VAL D 299 19.07 21.18 2.64
N TYR D 300 18.56 21.05 1.43
CA TYR D 300 19.29 21.52 0.26
C TYR D 300 19.40 23.04 0.21
N ASN D 301 18.38 23.75 0.69
CA ASN D 301 18.39 25.20 0.67
C ASN D 301 19.40 25.80 1.63
N GLN D 302 19.95 25.00 2.56
CA GLN D 302 20.94 25.47 3.51
C GLN D 302 22.32 24.85 3.28
N ALA D 303 22.48 24.05 2.23
CA ALA D 303 23.74 23.36 1.95
C ALA D 303 24.57 24.13 0.95
N PRO D 304 25.90 24.19 1.14
CA PRO D 304 26.81 24.88 0.22
C PRO D 304 27.06 24.10 -1.06
N SER E 1 3.93 8.01 25.19
CA SER E 1 2.70 8.71 24.84
C SER E 1 2.77 10.13 25.29
N ALA E 2 3.73 10.88 24.75
CA ALA E 2 3.89 12.28 25.11
C ALA E 2 4.32 13.06 23.88
N GLY E 3 3.71 14.24 23.69
CA GLY E 3 4.08 15.11 22.60
C GLY E 3 5.10 16.16 23.02
N ILE E 4 6.36 15.77 23.02
CA ILE E 4 7.46 16.67 23.37
C ILE E 4 8.14 17.18 22.13
N LYS E 5 8.02 18.47 21.89
CA LYS E 5 8.58 19.09 20.70
C LYS E 5 9.44 20.27 21.10
N ILE E 6 10.31 20.68 20.18
CA ILE E 6 11.09 21.90 20.37
C ILE E 6 10.16 23.09 20.18
N LEU E 7 9.90 23.83 21.25
CA LEU E 7 8.96 24.94 21.24
C LEU E 7 9.69 26.25 21.04
N LEU E 8 9.24 27.07 20.10
CA LEU E 8 9.87 28.34 19.84
C LEU E 8 8.90 29.45 20.20
N HIS E 9 9.46 30.62 20.46
CA HIS E 9 8.67 31.74 20.84
C HIS E 9 8.10 32.51 19.64
N PRO E 10 6.83 32.98 19.72
CA PRO E 10 6.28 33.67 18.55
C PRO E 10 7.11 34.89 18.19
N SER E 11 7.28 35.09 16.89
CA SER E 11 8.14 36.15 16.36
C SER E 11 7.38 37.40 15.95
N GLY E 12 6.07 37.46 16.18
CA GLY E 12 5.30 38.62 15.75
C GLY E 12 5.76 39.90 16.44
N VAL E 13 6.13 39.80 17.70
CA VAL E 13 6.58 40.99 18.43
C VAL E 13 7.93 41.46 17.96
N VAL E 14 8.74 40.59 17.35
CA VAL E 14 10.07 40.96 16.90
C VAL E 14 10.04 41.54 15.49
N GLU E 15 9.17 41.00 14.62
CA GLU E 15 9.08 41.52 13.26
C GLU E 15 8.64 42.97 13.23
N ARG E 16 7.79 43.38 14.18
CA ARG E 16 7.34 44.76 14.24
C ARG E 16 8.45 45.72 14.66
N CYS E 17 9.46 45.23 15.36
CA CYS E 17 10.59 46.05 15.75
C CYS E 17 11.80 45.89 14.83
N MET E 18 11.73 44.98 13.87
CA MET E 18 12.85 44.78 12.95
C MET E 18 12.94 45.94 11.98
N VAL E 19 14.16 46.43 11.76
CA VAL E 19 14.43 47.49 10.80
C VAL E 19 15.66 47.10 9.99
N SER E 20 15.85 47.81 8.89
CA SER E 20 17.00 47.64 8.01
C SER E 20 17.94 48.83 8.18
N VAL E 21 19.23 48.56 8.31
CA VAL E 21 20.25 49.60 8.47
C VAL E 21 21.26 49.46 7.34
N VAL E 22 21.38 50.50 6.52
CA VAL E 22 22.31 50.53 5.40
C VAL E 22 23.22 51.74 5.57
N TYR E 23 24.54 51.50 5.50
CA TYR E 23 25.53 52.56 5.66
C TYR E 23 26.60 52.37 4.60
N ASN E 24 26.54 53.18 3.55
CA ASN E 24 27.57 53.24 2.50
C ASN E 24 27.87 51.86 1.92
N GLY E 25 26.81 51.22 1.42
CA GLY E 25 26.94 49.93 0.79
C GLY E 25 27.01 48.74 1.72
N SER E 26 26.73 48.93 3.01
CA SER E 26 26.73 47.84 3.99
C SER E 26 25.33 47.75 4.58
N ALA E 27 24.59 46.71 4.21
CA ALA E 27 23.20 46.55 4.62
C ALA E 27 23.10 45.38 5.59
N LEU E 28 22.55 45.66 6.77
CA LEU E 28 22.32 44.65 7.77
C LEU E 28 20.97 44.94 8.42
N ASN E 29 20.71 44.32 9.56
CA ASN E 29 19.43 44.48 10.24
C ASN E 29 19.64 45.16 11.59
N GLY E 30 18.54 45.63 12.16
CA GLY E 30 18.56 46.20 13.49
C GLY E 30 17.20 46.09 14.14
N ILE E 31 17.19 46.23 15.46
CA ILE E 31 15.97 46.20 16.25
C ILE E 31 15.68 47.61 16.74
N TRP E 32 14.40 47.99 16.77
CA TRP E 32 13.97 49.32 17.14
C TRP E 32 13.11 49.31 18.35
N LEU E 33 13.64 49.76 19.46
CA LEU E 33 12.95 49.82 20.74
C LEU E 33 12.97 51.25 21.25
N LYS E 34 11.80 51.75 21.64
CA LYS E 34 11.61 53.13 22.08
C LYS E 34 12.07 54.03 20.94
N ASN E 35 13.04 54.92 21.14
CA ASN E 35 13.54 55.78 20.08
C ASN E 35 14.99 55.45 19.70
N VAL E 36 15.44 54.25 20.01
CA VAL E 36 16.82 53.81 19.78
C VAL E 36 16.80 52.59 18.89
N VAL E 37 17.66 52.58 17.88
CA VAL E 37 17.83 51.44 16.97
C VAL E 37 19.19 50.82 17.26
N TYR E 38 19.20 49.53 17.55
CA TYR E 38 20.42 48.79 17.85
C TYR E 38 20.84 47.98 16.64
N CYS E 39 22.15 47.95 16.37
CA CYS E 39 22.68 47.22 15.23
C CYS E 39 24.18 47.01 15.46
N PRO E 40 24.79 46.04 14.78
CA PRO E 40 26.23 45.82 14.95
C PRO E 40 27.03 47.02 14.44
N ARG E 41 28.17 47.25 15.06
CA ARG E 41 28.98 48.38 14.69
C ARG E 41 29.70 48.21 13.37
N HIS E 42 29.96 46.98 12.98
CA HIS E 42 30.72 46.76 11.74
C HIS E 42 29.96 47.17 10.48
N VAL E 43 28.83 47.85 10.66
CA VAL E 43 28.08 48.37 9.52
C VAL E 43 28.81 49.57 8.92
N ILE E 44 29.65 50.22 9.71
CA ILE E 44 30.41 51.36 9.22
C ILE E 44 31.76 50.97 8.66
N GLY E 45 32.10 49.69 8.65
CA GLY E 45 33.38 49.22 8.15
C GLY E 45 33.92 48.10 9.01
N LYS E 46 34.86 47.34 8.45
CA LYS E 46 35.44 46.19 9.13
C LYS E 46 36.75 46.63 9.77
N PHE E 47 36.62 47.29 10.92
CA PHE E 47 37.77 47.77 11.68
C PHE E 47 38.16 46.74 12.74
N ARG E 48 39.15 47.07 13.55
CA ARG E 48 39.68 46.13 14.53
C ARG E 48 40.20 46.90 15.74
N GLY E 49 40.33 46.18 16.85
CA GLY E 49 40.98 46.74 18.02
C GLY E 49 40.23 47.94 18.57
N ASP E 50 40.97 49.02 18.80
CA ASP E 50 40.41 50.25 19.34
C ASP E 50 40.18 51.30 18.26
N GLN E 51 39.99 50.88 17.01
CA GLN E 51 39.67 51.82 15.95
C GLN E 51 38.21 52.26 15.99
N TRP E 52 37.34 51.46 16.62
CA TRP E 52 35.91 51.75 16.56
C TRP E 52 35.55 53.05 17.26
N THR E 53 36.29 53.41 18.31
CA THR E 53 35.97 54.61 19.07
C THR E 53 36.00 55.85 18.18
N HIS E 54 37.02 55.98 17.34
CA HIS E 54 37.16 57.17 16.51
C HIS E 54 36.25 57.13 15.29
N MET E 55 36.19 55.99 14.60
CA MET E 55 35.39 55.91 13.38
C MET E 55 33.91 56.12 13.66
N VAL E 56 33.44 55.73 14.85
CA VAL E 56 32.05 55.98 15.20
C VAL E 56 31.84 57.46 15.48
N SER E 57 32.81 58.11 16.13
CA SER E 57 32.69 59.51 16.49
C SER E 57 32.63 60.45 15.27
N ILE E 58 33.09 59.98 14.12
CA ILE E 58 33.10 60.80 12.90
C ILE E 58 32.15 60.27 11.85
N ALA E 59 31.36 59.24 12.15
CA ALA E 59 30.38 58.73 11.19
C ALA E 59 29.21 59.70 11.09
N ASP E 60 28.85 60.05 9.87
CA ASP E 60 27.78 61.02 9.64
C ASP E 60 26.42 60.34 9.81
N CYS E 61 25.53 61.01 10.54
CA CYS E 61 24.20 60.44 10.78
C CYS E 61 23.37 60.40 9.52
N ARG E 62 23.63 61.29 8.55
CA ARG E 62 22.85 61.31 7.32
C ARG E 62 23.14 60.09 6.44
N ASP E 63 24.27 59.42 6.65
CA ASP E 63 24.63 58.23 5.88
C ASP E 63 23.95 56.97 6.39
N PHE E 64 23.21 57.05 7.49
CA PHE E 64 22.48 55.91 8.03
C PHE E 64 21.07 55.89 7.45
N ILE E 65 20.79 54.91 6.61
CA ILE E 65 19.49 54.76 5.98
C ILE E 65 18.75 53.66 6.74
N VAL E 66 17.81 54.07 7.58
CA VAL E 66 17.06 53.15 8.45
C VAL E 66 15.61 53.12 7.97
N LYS E 67 15.09 51.91 7.77
CA LYS E 67 13.72 51.71 7.35
C LYS E 67 13.10 50.57 8.13
N CYS E 68 11.84 50.76 8.55
CA CYS E 68 11.07 49.71 9.22
C CYS E 68 10.10 49.11 8.20
N PRO E 69 10.38 47.94 7.64
CA PRO E 69 9.53 47.46 6.54
C PRO E 69 8.13 47.06 6.96
N ILE E 70 7.97 46.51 8.16
CA ILE E 70 6.65 46.08 8.61
C ILE E 70 5.71 47.28 8.75
N GLN E 71 6.21 48.38 9.31
CA GLN E 71 5.41 49.59 9.48
C GLN E 71 5.54 50.56 8.32
N GLY E 72 6.44 50.30 7.37
CA GLY E 72 6.59 51.18 6.22
C GLY E 72 7.03 52.58 6.55
N ILE E 73 7.93 52.70 7.52
CA ILE E 73 8.41 53.98 7.96
C ILE E 73 9.90 54.13 7.77
N GLN E 74 10.33 55.25 7.21
CA GLN E 74 11.74 55.56 7.08
C GLN E 74 12.18 56.43 8.25
N LEU E 75 13.24 55.99 8.94
CA LEU E 75 13.72 56.67 10.13
C LEU E 75 14.94 57.54 9.81
N ASN E 76 15.09 58.61 10.57
CA ASN E 76 16.24 59.50 10.47
C ASN E 76 17.04 59.44 11.77
N VAL E 77 18.34 59.20 11.64
CA VAL E 77 19.20 59.07 12.81
C VAL E 77 19.59 60.46 13.29
N GLN E 78 19.34 60.74 14.57
CA GLN E 78 19.69 62.02 15.18
C GLN E 78 21.05 62.02 15.85
N SER E 79 21.46 60.88 16.41
CA SER E 79 22.78 60.74 17.03
C SER E 79 23.14 59.27 17.08
N VAL E 80 24.44 59.00 17.06
CA VAL E 80 24.97 57.63 17.10
C VAL E 80 25.90 57.51 18.29
N LYS E 81 25.74 56.45 19.08
CA LYS E 81 26.59 56.17 20.23
C LYS E 81 26.92 54.69 20.25
N MET E 82 28.18 54.37 20.47
CA MET E 82 28.62 52.98 20.50
C MET E 82 28.52 52.44 21.92
N VAL E 83 27.79 51.35 22.09
CA VAL E 83 27.67 50.66 23.37
C VAL E 83 28.18 49.24 23.15
N GLY E 84 29.39 48.97 23.65
CA GLY E 84 29.99 47.67 23.40
C GLY E 84 30.35 47.53 21.95
N ALA E 85 30.02 46.38 21.36
CA ALA E 85 30.19 46.14 19.93
C ALA E 85 28.94 46.51 19.14
N LEU E 86 28.04 47.29 19.72
CA LEU E 86 26.79 47.66 19.07
C LEU E 86 26.74 49.16 18.87
N LEU E 87 25.80 49.56 18.04
CA LEU E 87 25.56 50.97 17.83
C LEU E 87 24.16 51.27 18.28
N GLN E 88 23.97 52.37 19.00
CA GLN E 88 22.68 52.83 19.48
C GLN E 88 22.32 54.09 18.68
N LEU E 89 21.45 53.92 17.69
CA LEU E 89 21.05 55.02 16.81
C LEU E 89 19.78 55.64 17.37
N THR E 90 19.92 56.81 18.00
CA THR E 90 18.75 57.53 18.49
C THR E 90 17.99 58.14 17.32
N VAL E 91 16.73 57.77 17.17
CA VAL E 91 15.90 58.25 16.08
C VAL E 91 14.82 59.18 16.65
N HIS E 92 14.19 59.94 15.76
CA HIS E 92 13.18 60.90 16.20
C HIS E 92 11.89 60.19 16.60
N THR E 93 11.43 59.25 15.79
CA THR E 93 10.16 58.59 16.04
C THR E 93 10.32 57.48 17.07
N ASN E 94 9.38 57.41 18.01
CA ASN E 94 9.34 56.35 19.00
C ASN E 94 8.43 55.23 18.50
N ASN E 95 8.97 54.01 18.48
CA ASN E 95 8.22 52.85 18.00
C ASN E 95 7.02 52.57 18.88
N THR E 96 5.82 52.80 18.36
CA THR E 96 4.60 52.55 19.13
C THR E 96 4.40 51.06 19.42
N ALA E 97 5.00 50.18 18.61
CA ALA E 97 4.89 48.75 18.83
C ALA E 97 5.97 48.22 19.76
N THR E 98 6.64 49.08 20.50
CA THR E 98 7.69 48.63 21.42
C THR E 98 7.06 47.94 22.62
N PRO E 99 7.32 46.67 22.83
CA PRO E 99 6.77 45.99 24.01
C PRO E 99 7.64 46.24 25.24
N ASP E 100 7.09 45.85 26.39
CA ASP E 100 7.89 45.84 27.61
C ASP E 100 9.03 44.85 27.45
N TYR E 101 10.24 45.34 27.22
CA TYR E 101 11.38 44.48 26.91
C TYR E 101 12.42 44.54 28.02
N LYS E 102 13.36 43.60 27.97
CA LYS E 102 14.44 43.50 28.93
C LYS E 102 15.65 42.89 28.23
N PHE E 103 16.82 43.42 28.54
CA PHE E 103 18.08 42.90 28.01
C PHE E 103 18.67 41.94 29.05
N GLU E 104 18.59 40.65 28.76
CA GLU E 104 19.12 39.61 29.63
C GLU E 104 20.26 38.88 28.93
N ARG E 105 21.33 38.61 29.67
CA ARG E 105 22.44 37.83 29.14
C ARG E 105 22.19 36.36 29.40
N LEU E 106 22.41 35.54 28.39
CA LEU E 106 22.19 34.10 28.51
C LEU E 106 23.39 33.42 29.15
N GLN E 107 23.11 32.51 30.07
CA GLN E 107 24.15 31.62 30.56
C GLN E 107 24.30 30.44 29.60
N PRO E 108 25.51 29.90 29.47
CA PRO E 108 25.71 28.76 28.57
C PRO E 108 24.82 27.59 28.96
N GLY E 109 24.18 26.98 27.97
CA GLY E 109 23.25 25.91 28.19
C GLY E 109 21.79 26.30 28.07
N SER E 110 21.50 27.59 27.95
CA SER E 110 20.12 28.06 27.84
C SER E 110 19.71 28.13 26.37
N SER E 111 18.40 28.12 26.15
CA SER E 111 17.82 28.12 24.82
C SER E 111 17.24 29.48 24.49
N MET E 112 17.09 29.74 23.20
CA MET E 112 16.53 30.99 22.71
C MET E 112 16.07 30.81 21.28
N THR E 113 15.15 31.66 20.86
CA THR E 113 14.62 31.66 19.50
C THR E 113 15.36 32.71 18.67
N ILE E 114 15.82 32.31 17.49
CA ILE E 114 16.56 33.19 16.59
C ILE E 114 15.61 33.66 15.49
N ALA E 115 15.58 34.97 15.27
CA ALA E 115 14.78 35.58 14.20
C ALA E 115 15.74 36.01 13.10
N CYS E 116 16.09 35.07 12.23
CA CYS E 116 16.97 35.36 11.11
C CYS E 116 16.29 36.31 10.14
N ALA E 117 16.87 37.51 9.99
CA ALA E 117 16.25 38.57 9.20
C ALA E 117 17.16 38.98 8.04
N TYR E 118 16.54 39.52 7.00
CA TYR E 118 17.23 40.05 5.84
C TYR E 118 16.50 41.28 5.37
N ASP E 119 17.24 42.37 5.14
CA ASP E 119 16.67 43.65 4.71
C ASP E 119 15.59 44.13 5.67
N GLY E 120 15.79 43.88 6.96
CA GLY E 120 14.82 44.28 7.96
C GLY E 120 13.57 43.43 8.03
N ILE E 121 13.53 42.29 7.33
CA ILE E 121 12.37 41.42 7.31
C ILE E 121 12.79 40.04 7.81
N VAL E 122 12.07 39.52 8.80
CA VAL E 122 12.33 38.19 9.32
C VAL E 122 11.83 37.16 8.30
N ARG E 123 12.73 36.31 7.83
CA ARG E 123 12.40 35.28 6.84
C ARG E 123 12.34 33.88 7.44
N HIS E 124 13.27 33.54 8.32
CA HIS E 124 13.31 32.22 8.95
C HIS E 124 13.40 32.38 10.46
N VAL E 125 12.86 31.39 11.16
CA VAL E 125 12.89 31.35 12.62
C VAL E 125 13.27 29.94 13.04
N TYR E 126 14.26 29.82 13.92
CA TYR E 126 14.68 28.51 14.40
C TYR E 126 15.11 28.61 15.86
N HIS E 127 15.58 27.48 16.40
CA HIS E 127 15.87 27.34 17.82
C HIS E 127 17.31 26.90 18.00
N VAL E 128 18.07 27.63 18.81
CA VAL E 128 19.45 27.31 19.13
C VAL E 128 19.63 27.31 20.63
N VAL E 129 20.81 26.86 21.07
CA VAL E 129 21.18 26.84 22.47
C VAL E 129 22.61 27.33 22.58
N LEU E 130 22.85 28.27 23.50
CA LEU E 130 24.20 28.76 23.73
C LEU E 130 25.07 27.65 24.31
N GLN E 131 26.12 27.29 23.59
CA GLN E 131 26.99 26.19 23.99
C GLN E 131 28.05 26.68 24.98
N LEU E 132 28.76 25.71 25.58
CA LEU E 132 29.75 26.04 26.59
C LEU E 132 30.95 26.77 26.03
N ASN E 133 31.23 26.65 24.74
CA ASN E 133 32.24 27.48 24.09
C ASN E 133 31.71 28.85 23.71
N ASN E 134 30.51 29.20 24.20
CA ASN E 134 29.90 30.52 23.97
C ASN E 134 29.65 30.77 22.48
N LEU E 135 29.25 29.71 21.78
CA LEU E 135 28.86 29.81 20.39
C LEU E 135 27.48 29.17 20.21
N ILE E 136 26.76 29.63 19.19
CA ILE E 136 25.50 29.03 18.79
C ILE E 136 25.69 28.41 17.41
N TYR E 137 25.01 27.29 17.18
CA TYR E 137 25.08 26.58 15.90
C TYR E 137 23.79 26.91 15.16
N ALA E 138 23.85 27.99 14.38
CA ALA E 138 22.67 28.56 13.75
C ALA E 138 22.77 28.43 12.23
N SER E 139 21.96 29.22 11.52
CA SER E 139 21.97 29.25 10.06
C SER E 139 21.85 30.70 9.62
N PHE E 140 22.89 31.22 8.99
CA PHE E 140 22.91 32.62 8.56
C PHE E 140 23.63 32.73 7.24
N LEU E 141 23.27 33.76 6.48
CA LEU E 141 23.94 34.14 5.24
C LEU E 141 24.39 35.60 5.34
N ASN E 142 25.00 36.08 4.27
CA ASN E 142 25.42 37.48 4.23
C ASN E 142 24.21 38.40 4.23
N GLY E 143 24.27 39.46 5.02
CA GLY E 143 23.15 40.35 5.19
C GLY E 143 22.22 40.01 6.34
N ALA E 144 22.56 39.01 7.15
CA ALA E 144 21.74 38.59 8.27
C ALA E 144 22.22 39.15 9.60
N CYS E 145 23.36 39.84 9.62
CA CYS E 145 23.85 40.41 10.86
C CYS E 145 22.84 41.40 11.42
N GLY E 146 22.74 41.44 12.74
CA GLY E 146 21.70 42.21 13.40
C GLY E 146 20.48 41.39 13.80
N SER E 147 20.36 40.17 13.29
CA SER E 147 19.28 39.29 13.71
C SER E 147 19.39 39.01 15.20
N VAL E 148 18.25 38.91 15.87
CA VAL E 148 18.22 38.86 17.33
C VAL E 148 17.79 37.48 17.79
N GLY E 149 18.30 37.09 18.96
CA GLY E 149 17.84 35.91 19.67
C GLY E 149 17.09 36.34 20.92
N TYR E 150 15.94 35.71 21.15
CA TYR E 150 15.02 36.18 22.16
C TYR E 150 14.29 35.01 22.79
N THR E 151 13.54 35.34 23.86
CA THR E 151 12.66 34.39 24.52
C THR E 151 11.49 35.28 24.92
N LEU E 152 10.43 34.71 25.51
CA LEU E 152 9.25 35.45 25.93
C LEU E 152 8.67 34.88 27.21
N LYS E 153 8.35 35.73 28.18
CA LYS E 153 7.70 35.37 29.44
C LYS E 153 6.44 36.21 29.51
N GLY E 154 5.34 35.65 29.03
CA GLY E 154 4.11 36.42 28.90
C GLY E 154 4.16 37.30 27.67
N LYS E 155 4.09 38.62 27.87
CA LYS E 155 4.23 39.58 26.79
C LYS E 155 5.53 40.38 26.90
N THR E 156 6.42 39.99 27.79
CA THR E 156 7.71 40.65 27.96
C THR E 156 8.73 40.02 27.02
N LEU E 157 9.37 40.86 26.21
CA LEU E 157 10.40 40.41 25.27
C LEU E 157 11.75 40.38 25.97
N TYR E 158 12.37 39.20 26.03
CA TYR E 158 13.69 39.03 26.63
C TYR E 158 14.70 38.88 25.51
N LEU E 159 15.38 39.98 25.16
CA LEU E 159 16.40 39.94 24.13
C LEU E 159 17.73 39.48 24.71
N HIS E 160 18.39 38.56 24.03
CA HIS E 160 19.62 38.00 24.55
C HIS E 160 20.78 37.93 23.61
N TYR E 161 20.55 38.12 22.33
CA TYR E 161 21.60 37.87 21.35
C TYR E 161 21.35 38.69 20.11
N MET E 162 22.46 39.11 19.48
CA MET E 162 22.42 39.74 18.17
C MET E 162 23.58 39.20 17.36
N HIS E 163 23.31 38.79 16.12
CA HIS E 163 24.31 38.07 15.34
C HIS E 163 25.38 39.02 14.81
N HIS E 164 26.62 38.54 14.76
CA HIS E 164 27.74 39.34 14.30
C HIS E 164 28.63 38.61 13.31
N ILE E 165 29.10 37.41 13.68
CA ILE E 165 30.17 36.76 12.95
C ILE E 165 29.90 35.26 12.79
N GLU E 166 30.53 34.68 11.77
CA GLU E 166 30.49 33.25 11.50
C GLU E 166 31.90 32.73 11.29
N PHE E 167 32.19 31.57 11.85
CA PHE E 167 33.48 30.93 11.68
C PHE E 167 33.42 29.85 10.60
N ASN E 168 34.59 29.35 10.21
CA ASN E 168 34.64 28.42 9.10
C ASN E 168 33.91 27.12 9.40
N ASN E 169 33.90 26.70 10.67
CA ASN E 169 33.23 25.47 11.06
C ASN E 169 31.75 25.73 11.25
N LYS E 170 31.27 26.83 10.66
CA LYS E 170 29.86 27.24 10.71
C LYS E 170 29.37 27.39 12.14
N THR E 171 30.25 27.79 13.05
CA THR E 171 29.84 28.26 14.36
C THR E 171 29.49 29.75 14.26
N HIS E 172 28.61 30.19 15.14
CA HIS E 172 28.12 31.58 15.10
C HIS E 172 28.34 32.26 16.43
N SER E 173 28.75 33.52 16.37
CA SER E 173 29.11 34.31 17.55
C SER E 173 28.54 35.70 17.43
N GLY E 174 28.05 36.22 18.55
CA GLY E 174 27.51 37.56 18.58
C GLY E 174 27.56 38.12 19.98
N THR E 175 26.83 39.22 20.18
CA THR E 175 26.78 39.91 21.45
C THR E 175 25.39 39.84 22.04
N ASP E 176 25.29 40.17 23.32
CA ASP E 176 23.99 40.46 23.91
C ASP E 176 23.54 41.84 23.44
N LEU E 177 22.36 42.27 23.90
CA LEU E 177 21.87 43.58 23.50
C LEU E 177 22.56 44.71 24.25
N GLU E 178 23.45 44.40 25.19
CA GLU E 178 24.27 45.41 25.85
C GLU E 178 25.60 45.65 25.14
N GLY E 179 25.91 44.86 24.10
CA GLY E 179 27.07 45.07 23.28
C GLY E 179 28.27 44.19 23.59
N ASN E 180 28.16 43.30 24.57
CA ASN E 180 29.28 42.46 24.98
C ASN E 180 29.18 41.09 24.32
N PHE E 181 30.28 40.64 23.73
CA PHE E 181 30.30 39.37 23.05
C PHE E 181 30.15 38.21 24.03
N TYR E 182 29.63 37.10 23.52
CA TYR E 182 29.65 35.83 24.25
C TYR E 182 30.99 35.15 23.96
N GLY E 183 31.80 34.96 25.00
CA GLY E 183 33.11 34.38 24.83
C GLY E 183 34.15 35.38 24.42
N PRO E 184 35.37 34.92 24.15
CA PRO E 184 36.46 35.84 23.82
C PRO E 184 36.51 36.22 22.35
N TYR E 185 35.39 36.08 21.65
CA TYR E 185 35.34 36.35 20.22
C TYR E 185 35.06 37.83 19.96
N VAL E 186 35.50 38.30 18.80
CA VAL E 186 35.34 39.69 18.40
C VAL E 186 34.86 39.74 16.95
N ASP E 187 34.37 40.91 16.55
CA ASP E 187 33.81 41.10 15.20
C ASP E 187 34.92 41.45 14.21
N GLU E 188 35.89 40.54 14.10
CA GLU E 188 37.03 40.72 13.21
C GLU E 188 37.22 39.47 12.37
N GLU E 189 37.44 39.67 11.07
CA GLU E 189 37.59 38.57 10.12
C GLU E 189 39.02 38.01 10.15
N VAL E 190 39.41 37.53 11.32
CA VAL E 190 40.73 36.93 11.53
C VAL E 190 40.55 35.61 12.27
N ILE E 191 41.63 34.83 12.31
CA ILE E 191 41.61 33.57 13.04
C ILE E 191 41.49 33.86 14.54
N GLN E 192 40.55 33.17 15.19
CA GLN E 192 40.29 33.35 16.61
C GLN E 192 40.24 32.00 17.29
N GLN E 193 40.98 31.86 18.39
CA GLN E 193 41.02 30.59 19.11
C GLN E 193 39.65 30.31 19.73
N GLN E 194 39.16 29.09 19.54
CA GLN E 194 37.86 28.71 20.09
C GLN E 194 38.09 27.73 21.19
N THR E 195 37.25 27.79 22.21
CA THR E 195 37.38 26.89 23.33
C THR E 195 36.98 25.51 22.88
N ALA E 196 37.58 24.51 23.48
CA ALA E 196 37.23 23.15 23.12
C ALA E 196 35.81 22.84 23.47
N PHE E 197 35.19 22.03 22.66
CA PHE E 197 33.81 21.74 22.88
C PHE E 197 33.58 20.93 24.12
N GLN E 198 32.58 21.31 24.87
CA GLN E 198 32.20 20.57 26.06
C GLN E 198 30.69 20.37 26.02
N TYR E 199 30.25 19.14 26.24
CA TYR E 199 28.83 18.83 26.20
C TYR E 199 28.13 19.36 27.46
N TYR E 200 27.02 20.05 27.30
CA TYR E 200 26.24 20.53 28.45
C TYR E 200 25.51 19.32 28.96
N THR E 201 25.88 18.82 30.12
CA THR E 201 25.38 17.55 30.63
C THR E 201 23.92 17.64 31.03
N ASP E 202 23.45 18.78 31.49
CA ASP E 202 22.06 18.91 31.86
C ASP E 202 21.15 18.80 30.65
N ASN E 203 21.59 19.35 29.54
CA ASN E 203 20.75 19.35 28.35
C ASN E 203 20.71 17.99 27.67
N VAL E 204 21.85 17.29 27.60
CA VAL E 204 21.87 15.98 26.98
C VAL E 204 21.10 14.98 27.84
N VAL E 205 21.10 15.17 29.16
CA VAL E 205 20.28 14.33 30.04
C VAL E 205 18.80 14.56 29.73
N ALA E 206 18.43 15.82 29.49
CA ALA E 206 17.04 16.13 29.17
C ALA E 206 16.62 15.54 27.82
N GLN E 207 17.56 15.45 26.87
CA GLN E 207 17.24 14.86 25.58
C GLN E 207 17.01 13.36 25.69
N LEU E 208 17.81 12.67 26.48
CA LEU E 208 17.65 11.23 26.62
C LEU E 208 16.32 10.91 27.26
N TYR E 209 15.87 11.76 28.16
CA TYR E 209 14.59 11.54 28.82
C TYR E 209 13.43 11.77 27.90
N ALA E 210 13.50 12.78 27.07
CA ALA E 210 12.46 13.03 26.07
C ALA E 210 12.30 11.84 25.13
N HIS E 211 13.39 11.12 24.86
CA HIS E 211 13.31 9.90 24.06
C HIS E 211 12.54 8.80 24.78
N LEU E 212 12.43 8.86 26.10
CA LEU E 212 11.67 7.87 26.85
C LEU E 212 10.20 8.22 26.96
N LEU E 213 9.87 9.48 26.83
CA LEU E 213 8.51 9.88 26.97
C LEU E 213 7.81 9.93 25.63
N THR E 214 8.52 10.27 24.57
CA THR E 214 7.96 10.28 23.22
C THR E 214 7.96 8.88 22.60
N VAL E 215 9.11 8.22 22.59
CA VAL E 215 9.22 6.89 21.99
C VAL E 215 9.75 5.90 23.02
N ALA E 217 9.95 3.03 27.60
CA ALA E 217 11.39 3.20 27.60
C ALA E 217 11.98 2.76 26.28
N ARG E 218 11.58 1.59 25.79
CA ARG E 218 12.09 1.08 24.53
C ARG E 218 13.59 1.12 24.63
N PRO E 219 14.14 0.54 25.68
CA PRO E 219 15.55 0.70 25.96
C PRO E 219 16.70 -0.15 25.39
N LYS E 220 17.02 -0.10 24.11
CA LYS E 220 18.19 -0.88 23.66
C LYS E 220 19.55 -0.41 24.18
N TRP E 221 19.79 0.91 24.19
CA TRP E 221 21.10 1.46 24.58
C TRP E 221 21.03 1.94 25.99
N LEU E 222 19.85 1.94 26.54
CA LEU E 222 19.63 2.33 27.91
C LEU E 222 20.40 1.41 28.82
N ALA E 223 21.14 1.98 29.74
CA ALA E 223 21.95 1.18 30.61
C ALA E 223 21.16 0.59 31.73
N GLN E 224 21.31 -0.72 31.92
CA GLN E 224 20.67 -1.37 33.06
C GLN E 224 21.37 -1.00 34.36
N SER E 225 22.69 -1.03 34.37
CA SER E 225 23.44 -0.58 35.53
C SER E 225 23.38 0.94 35.64
N GLN E 226 23.70 1.44 36.83
CA GLN E 226 23.68 2.87 37.10
C GLN E 226 25.00 3.28 37.71
N ILE E 227 25.37 4.55 37.47
CA ILE E 227 26.62 5.10 38.00
C ILE E 227 26.30 6.30 38.83
N SER E 228 26.97 6.47 39.95
CA SER E 228 26.74 7.61 40.82
C SER E 228 27.14 8.91 40.13
N ILE E 229 26.59 10.02 40.62
CA ILE E 229 26.90 11.32 40.06
C ILE E 229 28.38 11.63 40.20
N GLU E 230 28.96 11.32 41.37
CA GLU E 230 30.38 11.59 41.58
C GLU E 230 31.26 10.81 40.62
N ASP E 231 30.90 9.56 40.34
CA ASP E 231 31.72 8.73 39.48
C ASP E 231 31.61 9.18 38.04
N PHE E 232 30.48 9.75 37.66
CA PHE E 232 30.34 10.28 36.32
C PHE E 232 31.20 11.52 36.19
N ASN E 233 31.18 12.37 37.20
CA ASN E 233 31.94 13.61 37.13
C ASN E 233 33.43 13.36 37.00
N SER E 234 33.93 12.26 37.58
CA SER E 234 35.32 11.89 37.38
C SER E 234 35.57 11.43 35.95
N TRP E 235 34.56 10.81 35.32
CA TRP E 235 34.67 10.44 33.92
C TRP E 235 34.41 11.61 32.99
N ALA E 236 33.52 12.53 33.39
CA ALA E 236 33.19 13.66 32.55
C ALA E 236 34.37 14.61 32.38
N ALA E 237 35.27 14.67 33.37
CA ALA E 237 36.40 15.58 33.31
C ALA E 237 37.39 15.19 32.21
N ASN E 238 37.34 13.96 31.71
CA ASN E 238 38.26 13.50 30.67
C ASN E 238 37.52 13.05 29.41
N ASN E 239 36.29 13.52 29.23
CA ASN E 239 35.50 13.14 28.08
C ASN E 239 34.67 14.28 27.51
N SER E 240 35.10 15.52 27.74
CA SER E 240 34.46 16.72 27.19
C SER E 240 33.01 16.83 27.62
N PHE E 241 32.73 16.52 28.89
CA PHE E 241 31.40 16.65 29.46
C PHE E 241 31.47 17.53 30.70
N ALA E 242 30.49 18.42 30.85
CA ALA E 242 30.48 19.33 31.98
C ALA E 242 30.12 18.58 33.27
N ASN E 243 30.50 19.18 34.40
CA ASN E 243 30.17 18.59 35.68
C ASN E 243 28.66 18.60 35.90
N PHE E 244 28.12 17.50 36.40
CA PHE E 244 26.68 17.40 36.65
C PHE E 244 26.37 17.68 38.10
N PRO E 245 25.44 18.60 38.40
CA PRO E 245 24.72 19.38 37.37
C PRO E 245 25.46 20.67 36.99
N CYS E 246 25.16 21.18 35.79
CA CYS E 246 25.71 22.47 35.38
C CYS E 246 25.01 23.61 36.10
N GLU E 247 23.69 23.52 36.15
CA GLU E 247 22.92 24.49 36.89
C GLU E 247 22.10 23.75 37.93
N GLN E 248 22.25 24.14 39.19
CA GLN E 248 21.54 23.45 40.27
C GLN E 248 20.02 23.63 40.18
N THR E 249 19.56 24.69 39.51
CA THR E 249 18.11 24.88 39.35
C THR E 249 17.48 23.83 38.45
N ASN E 250 18.30 23.18 37.64
CA ASN E 250 17.80 22.18 36.72
C ASN E 250 17.61 20.82 37.37
N MET E 251 17.92 20.72 38.66
CA MET E 251 17.70 19.46 39.37
C MET E 251 16.22 19.21 39.63
N SER E 252 15.48 20.28 39.97
CA SER E 252 14.04 20.11 40.19
C SER E 252 13.33 19.65 38.92
N TYR E 253 13.84 20.04 37.75
CA TYR E 253 13.21 19.62 36.50
C TYR E 253 13.57 18.18 36.15
N ILE E 254 14.81 17.80 36.39
CA ILE E 254 15.26 16.46 36.05
C ILE E 254 14.74 15.40 36.97
N MET E 255 14.60 15.72 38.25
CA MET E 255 14.06 14.78 39.20
C MET E 255 12.62 14.44 38.90
N GLY E 256 11.83 15.41 38.52
CA GLY E 256 10.46 15.15 38.13
C GLY E 256 10.44 14.28 36.92
N LEU E 257 11.34 14.54 36.00
CA LEU E 257 11.39 13.76 34.79
C LEU E 257 11.67 12.34 35.15
N SER E 258 12.56 12.14 36.12
CA SER E 258 12.91 10.79 36.51
C SER E 258 11.69 10.05 37.00
N GLN E 259 10.87 10.71 37.78
CA GLN E 259 9.68 10.09 38.34
C GLN E 259 8.76 9.67 37.25
N THR E 260 8.46 10.59 36.36
CA THR E 260 7.52 10.29 35.31
C THR E 260 8.03 9.18 34.45
N ALA E 261 9.33 9.15 34.21
CA ALA E 261 9.90 8.15 33.33
C ALA E 261 10.31 6.87 34.03
N ARG E 262 10.20 6.84 35.35
CA ARG E 262 10.60 5.67 36.12
C ARG E 262 12.04 5.25 35.90
N VAL E 263 12.89 6.21 35.58
CA VAL E 263 14.32 5.96 35.43
C VAL E 263 15.08 6.98 36.26
N PRO E 264 15.98 6.55 37.14
CA PRO E 264 16.80 7.51 37.89
C PRO E 264 17.82 8.19 36.99
N VAL E 265 18.29 9.35 37.44
CA VAL E 265 19.32 10.07 36.70
C VAL E 265 20.61 9.25 36.65
N GLU E 266 20.87 8.46 37.69
CA GLU E 266 22.06 7.61 37.70
C GLU E 266 22.12 6.70 36.48
N ARG E 267 20.97 6.16 36.06
CA ARG E 267 20.96 5.27 34.90
C ARG E 267 21.11 6.06 33.61
N ILE E 268 20.54 7.27 33.55
CA ILE E 268 20.68 8.10 32.37
C ILE E 268 22.14 8.53 32.21
N LEU E 269 22.81 8.84 33.32
CA LEU E 269 24.23 9.21 33.25
C LEU E 269 25.08 8.03 32.78
N ASN E 270 24.74 6.82 33.21
CA ASN E 270 25.48 5.64 32.75
C ASN E 270 25.20 5.36 31.28
N THR E 271 24.00 5.68 30.80
CA THR E 271 23.69 5.52 29.39
C THR E 271 24.60 6.40 28.53
N ILE E 272 24.95 7.59 29.03
CA ILE E 272 25.80 8.48 28.26
C ILE E 272 27.21 7.92 28.15
N ILE E 273 27.69 7.27 29.20
CA ILE E 273 29.06 6.74 29.20
C ILE E 273 29.19 5.62 28.17
N GLN E 274 28.24 4.67 28.17
CA GLN E 274 28.30 3.58 27.21
C GLN E 274 28.04 4.07 25.79
N LEU E 275 27.22 5.10 25.63
CA LEU E 275 26.95 5.63 24.30
C LEU E 275 28.18 6.33 23.71
N THR E 276 29.05 6.87 24.56
CA THR E 276 30.27 7.49 24.06
C THR E 276 31.19 6.47 23.43
N THR E 277 31.31 5.30 24.03
CA THR E 277 32.15 4.23 23.48
C THR E 277 31.56 3.68 22.18
N PHE E 290 23.25 13.27 21.96
CA PHE E 290 24.48 14.02 21.76
C PHE E 290 24.18 15.43 21.27
N GLU E 291 23.04 15.99 21.71
CA GLU E 291 22.64 17.35 21.36
C GLU E 291 22.14 18.06 22.60
N CYS E 292 22.54 19.32 22.75
CA CYS E 292 22.16 20.12 23.91
C CYS E 292 20.99 21.07 23.62
N ASP E 293 20.16 20.74 22.63
CA ASP E 293 19.04 21.60 22.28
C ASP E 293 17.85 21.42 23.22
N TRP E 294 17.79 20.32 23.95
CA TRP E 294 16.68 20.05 24.87
C TRP E 294 17.09 20.49 26.27
N THR E 295 16.46 21.55 26.77
CA THR E 295 16.78 21.96 28.12
C THR E 295 15.86 21.25 29.11
N PRO E 296 16.37 20.95 30.32
CA PRO E 296 15.51 20.30 31.32
C PRO E 296 14.24 21.08 31.64
N GLU E 297 14.26 22.40 31.49
CA GLU E 297 13.04 23.18 31.70
C GLU E 297 12.01 22.91 30.61
N MET E 298 12.47 22.71 29.37
CA MET E 298 11.54 22.54 28.26
C MET E 298 10.94 21.13 28.24
N VAL E 299 11.73 20.13 28.57
CA VAL E 299 11.24 18.77 28.57
C VAL E 299 10.22 18.55 29.67
N TYR E 300 10.41 19.16 30.83
CA TYR E 300 9.45 19.01 31.92
C TYR E 300 8.11 19.62 31.54
N ASN E 301 8.12 20.82 30.95
CA ASN E 301 6.88 21.56 30.72
C ASN E 301 5.94 20.81 29.78
N GLN E 302 6.49 19.97 28.90
CA GLN E 302 5.67 19.17 27.99
C GLN E 302 5.43 17.75 28.49
N ALA E 303 6.07 17.36 29.58
CA ALA E 303 5.92 16.02 30.13
C ALA E 303 4.67 15.92 31.00
N PRO E 304 4.11 14.71 31.14
CA PRO E 304 2.96 14.46 32.02
C PRO E 304 3.18 14.95 33.45
N SER F 1 -4.43 -4.15 -22.92
CA SER F 1 -5.27 -3.05 -22.44
C SER F 1 -6.73 -3.46 -22.44
N ALA F 2 -7.35 -3.43 -21.25
CA ALA F 2 -8.75 -3.82 -21.09
C ALA F 2 -9.56 -2.72 -20.40
N GLY F 3 -9.12 -1.47 -20.48
CA GLY F 3 -9.86 -0.38 -19.90
C GLY F 3 -10.96 0.10 -20.83
N ILE F 4 -12.22 -0.12 -20.45
CA ILE F 4 -13.36 0.15 -21.31
C ILE F 4 -14.22 1.22 -20.64
N LYS F 5 -14.30 2.39 -21.27
CA LYS F 5 -15.12 3.49 -20.78
C LYS F 5 -16.05 3.95 -21.88
N ILE F 6 -16.99 4.82 -21.50
CA ILE F 6 -17.85 5.48 -22.47
C ILE F 6 -17.03 6.60 -23.10
N LEU F 7 -16.65 6.42 -24.36
CA LEU F 7 -15.81 7.38 -25.07
C LEU F 7 -16.68 8.45 -25.74
N LEU F 8 -16.32 9.70 -25.58
CA LEU F 8 -17.08 10.79 -26.18
C LEU F 8 -16.17 11.49 -27.17
N HIS F 9 -16.73 12.18 -28.15
CA HIS F 9 -15.86 12.81 -29.13
C HIS F 9 -15.55 14.24 -28.71
N PRO F 10 -14.32 14.71 -29.00
CA PRO F 10 -13.96 16.07 -28.62
C PRO F 10 -14.86 17.10 -29.28
N SER F 11 -15.16 18.16 -28.54
CA SER F 11 -16.07 19.21 -28.99
C SER F 11 -15.36 20.40 -29.60
N GLY F 12 -14.04 20.36 -29.74
CA GLY F 12 -13.31 21.51 -30.25
C GLY F 12 -13.72 21.89 -31.66
N VAL F 13 -13.94 20.89 -32.52
CA VAL F 13 -14.35 21.17 -33.88
C VAL F 13 -15.78 21.73 -33.91
N VAL F 14 -16.62 21.36 -32.93
CA VAL F 14 -17.98 21.86 -32.92
C VAL F 14 -18.06 23.21 -32.21
N GLU F 15 -17.12 23.48 -31.28
CA GLU F 15 -17.15 24.73 -30.54
C GLU F 15 -17.01 25.93 -31.48
N ARG F 16 -16.07 25.86 -32.41
CA ARG F 16 -15.79 26.95 -33.34
C ARG F 16 -16.80 27.03 -34.49
N CYS F 17 -17.96 26.39 -34.35
CA CYS F 17 -18.99 26.43 -35.38
C CYS F 17 -20.37 26.74 -34.83
N MET F 18 -20.52 26.86 -33.51
CA MET F 18 -21.81 27.09 -32.89
C MET F 18 -22.14 28.58 -32.89
N VAL F 19 -23.39 28.89 -33.21
CA VAL F 19 -23.88 30.28 -33.22
C VAL F 19 -25.20 30.32 -32.44
N SER F 20 -25.52 31.51 -31.96
CA SER F 20 -26.77 31.78 -31.26
C SER F 20 -27.70 32.54 -32.19
N VAL F 21 -28.93 32.03 -32.33
CA VAL F 21 -29.90 32.66 -33.20
C VAL F 21 -31.06 33.19 -32.39
N VAL F 22 -31.41 34.45 -32.60
CA VAL F 22 -32.50 35.11 -31.89
C VAL F 22 -33.47 35.67 -32.91
N TYR F 23 -34.77 35.48 -32.68
CA TYR F 23 -35.82 36.00 -33.55
C TYR F 23 -36.95 36.54 -32.68
N ASN F 24 -36.96 37.84 -32.46
CA ASN F 24 -38.01 38.51 -31.67
C ASN F 24 -38.09 37.94 -30.26
N GLY F 25 -36.95 37.92 -29.56
CA GLY F 25 -36.88 37.49 -28.19
C GLY F 25 -36.64 36.02 -27.97
N SER F 26 -36.95 35.18 -28.96
CA SER F 26 -36.76 33.73 -28.83
C SER F 26 -35.28 33.40 -28.95
N ALA F 27 -34.67 33.03 -27.83
CA ALA F 27 -33.26 32.64 -27.80
C ALA F 27 -33.12 31.17 -28.16
N LEU F 28 -32.32 30.87 -29.18
CA LEU F 28 -32.11 29.51 -29.64
C LEU F 28 -30.62 29.30 -29.91
N ASN F 29 -30.31 28.21 -30.58
CA ASN F 29 -28.93 27.84 -30.86
CA ASN F 29 -28.93 27.82 -30.86
C ASN F 29 -28.85 27.28 -32.28
N GLY F 30 -27.69 27.44 -32.91
CA GLY F 30 -27.49 26.98 -34.26
C GLY F 30 -26.03 26.65 -34.52
N ILE F 31 -25.76 26.17 -35.73
CA ILE F 31 -24.40 25.85 -36.17
C ILE F 31 -24.18 26.50 -37.53
N TRP F 32 -22.97 27.02 -37.71
CA TRP F 32 -22.61 27.71 -38.94
C TRP F 32 -21.55 26.98 -39.72
N LEU F 33 -21.97 26.42 -40.82
CA LEU F 33 -21.07 25.67 -41.69
C LEU F 33 -21.05 26.32 -43.07
N LYS F 34 -19.85 26.52 -43.61
CA LYS F 34 -19.70 27.18 -44.89
C LYS F 34 -20.42 28.51 -44.89
N ASN F 35 -21.28 28.73 -45.88
CA ASN F 35 -22.02 29.98 -45.98
C ASN F 35 -23.39 29.87 -45.38
N VAL F 36 -23.69 28.76 -44.71
CA VAL F 36 -25.03 28.53 -44.19
C VAL F 36 -25.12 28.29 -42.69
N VAL F 37 -26.13 28.84 -42.07
CA VAL F 37 -26.37 28.62 -40.64
C VAL F 37 -27.56 27.71 -40.49
N TYR F 38 -27.40 26.63 -39.73
CA TYR F 38 -28.45 25.63 -39.53
C TYR F 38 -29.02 25.79 -38.13
N CYS F 39 -30.33 26.02 -38.06
CA CYS F 39 -31.02 26.21 -36.79
C CYS F 39 -32.43 25.67 -36.91
N PRO F 40 -33.04 25.24 -35.80
CA PRO F 40 -34.40 24.72 -35.86
C PRO F 40 -35.40 25.79 -36.30
N ARG F 41 -36.48 25.38 -36.95
CA ARG F 41 -37.45 26.32 -37.49
C ARG F 41 -38.39 26.97 -36.51
N HIS F 42 -38.35 26.58 -35.25
CA HIS F 42 -39.28 27.13 -34.30
C HIS F 42 -38.77 28.40 -33.70
N VAL F 43 -37.69 28.92 -34.25
CA VAL F 43 -37.17 30.20 -33.79
C VAL F 43 -38.22 31.21 -34.22
N ILE F 44 -38.87 30.96 -35.36
CA ILE F 44 -39.95 31.81 -35.81
C ILE F 44 -41.15 31.78 -34.89
N GLY F 45 -41.47 30.63 -34.30
CA GLY F 45 -42.54 30.57 -33.32
C GLY F 45 -43.03 29.14 -33.14
N LYS F 46 -44.18 29.01 -32.48
CA LYS F 46 -44.76 27.72 -32.24
C LYS F 46 -45.93 27.48 -33.16
N PHE F 47 -45.68 26.83 -34.27
CA PHE F 47 -46.69 26.53 -35.29
C PHE F 47 -46.94 25.05 -35.47
N ARG F 48 -47.98 24.69 -36.19
CA ARG F 48 -48.38 23.30 -36.36
C ARG F 48 -48.70 23.02 -37.81
N GLY F 49 -48.21 21.90 -38.30
CA GLY F 49 -48.69 21.40 -39.58
C GLY F 49 -48.13 22.18 -40.73
N ASP F 50 -49.00 22.47 -41.70
CA ASP F 50 -48.59 23.16 -42.93
C ASP F 50 -48.41 24.66 -42.84
N GLN F 51 -48.52 25.21 -41.65
CA GLN F 51 -48.35 26.65 -41.50
C GLN F 51 -46.90 27.08 -41.70
N TRP F 52 -45.94 26.16 -41.56
CA TRP F 52 -44.53 26.55 -41.56
C TRP F 52 -44.10 27.13 -42.90
N THR F 53 -44.65 26.61 -44.01
CA THR F 53 -44.21 27.04 -45.32
C THR F 53 -44.48 28.53 -45.54
N HIS F 54 -45.66 29.00 -45.14
CA HIS F 54 -46.02 30.38 -45.39
C HIS F 54 -45.28 31.34 -44.45
N MET F 55 -45.05 30.94 -43.20
CA MET F 55 -44.48 31.87 -42.25
C MET F 55 -42.98 32.03 -42.41
N VAL F 56 -42.30 31.04 -43.01
CA VAL F 56 -40.90 31.23 -43.36
C VAL F 56 -40.76 32.33 -44.42
N SER F 57 -41.72 32.39 -45.34
CA SER F 57 -41.70 33.44 -46.35
C SER F 57 -42.01 34.81 -45.75
N ILE F 58 -42.92 34.86 -44.78
CA ILE F 58 -43.30 36.15 -44.18
C ILE F 58 -42.18 36.68 -43.30
N ALA F 59 -41.35 35.81 -42.74
CA ALA F 59 -40.27 36.26 -41.88
C ALA F 59 -39.20 36.99 -42.70
N ASP F 60 -38.72 38.10 -42.15
CA ASP F 60 -37.69 38.90 -42.79
C ASP F 60 -36.32 38.54 -42.23
N CYS F 61 -35.32 38.57 -43.10
CA CYS F 61 -33.99 38.23 -42.69
C CYS F 61 -33.43 39.14 -41.60
N ARG F 62 -33.84 40.41 -41.58
CA ARG F 62 -33.31 41.35 -40.61
C ARG F 62 -33.70 40.99 -39.17
N ASP F 63 -34.77 40.22 -38.99
CA ASP F 63 -35.22 39.87 -37.65
C ASP F 63 -34.40 38.74 -37.03
N PHE F 64 -33.53 38.09 -37.80
CA PHE F 64 -32.67 37.02 -37.29
C PHE F 64 -31.40 37.65 -36.74
N ILE F 65 -31.30 37.71 -35.42
CA ILE F 65 -30.11 38.25 -34.74
C ILE F 65 -29.20 37.06 -34.48
N VAL F 66 -28.30 36.80 -35.42
CA VAL F 66 -27.39 35.65 -35.36
C VAL F 66 -26.00 36.16 -34.99
N LYS F 67 -25.44 35.60 -33.92
CA LYS F 67 -24.11 35.96 -33.45
C LYS F 67 -23.30 34.70 -33.18
N CYS F 68 -21.99 34.74 -33.47
CA CYS F 68 -21.07 33.61 -33.23
C CYS F 68 -20.14 33.91 -32.04
N PRO F 69 -20.46 33.42 -30.81
CA PRO F 69 -19.68 33.81 -29.62
C PRO F 69 -18.22 33.39 -29.68
N ILE F 70 -17.90 32.28 -30.36
CA ILE F 70 -16.53 31.77 -30.34
C ILE F 70 -15.60 32.71 -31.08
N GLN F 71 -16.05 33.28 -32.19
CA GLN F 71 -15.22 34.14 -33.03
C GLN F 71 -15.46 35.63 -32.80
N GLY F 72 -16.37 35.97 -31.88
CA GLY F 72 -16.63 37.36 -31.54
C GLY F 72 -17.11 38.22 -32.69
N ILE F 73 -18.12 37.72 -33.38
CA ILE F 73 -18.69 38.45 -34.50
C ILE F 73 -20.19 38.31 -34.60
N GLN F 74 -20.83 39.21 -35.33
CA GLN F 74 -22.25 39.12 -35.62
C GLN F 74 -22.43 38.85 -37.11
N LEU F 75 -23.50 38.15 -37.45
CA LEU F 75 -23.75 37.74 -38.82
C LEU F 75 -25.06 38.31 -39.33
N ASN F 76 -25.18 38.42 -40.65
CA ASN F 76 -26.38 38.95 -41.29
C ASN F 76 -26.91 37.98 -42.33
N VAL F 77 -28.18 37.61 -42.23
CA VAL F 77 -28.77 36.62 -43.11
C VAL F 77 -29.19 37.15 -44.47
N GLN F 78 -28.67 36.57 -45.53
CA GLN F 78 -29.07 36.98 -46.86
C GLN F 78 -30.36 36.29 -47.27
N SER F 79 -30.48 35.00 -46.97
CA SER F 79 -31.66 34.24 -47.39
C SER F 79 -32.14 33.21 -46.39
N VAL F 80 -33.41 32.83 -46.48
CA VAL F 80 -33.98 31.83 -45.59
C VAL F 80 -34.67 30.73 -46.35
N LYS F 81 -34.14 29.51 -46.26
CA LYS F 81 -34.69 28.36 -46.96
C LYS F 81 -35.01 27.27 -45.95
N MET F 82 -36.27 26.86 -45.90
CA MET F 82 -36.71 25.83 -44.98
C MET F 82 -36.50 24.46 -45.62
N VAL F 83 -35.58 23.68 -45.07
CA VAL F 83 -35.30 22.32 -45.52
C VAL F 83 -35.75 21.40 -44.39
N GLY F 84 -36.92 20.79 -44.54
CA GLY F 84 -37.47 19.98 -43.47
C GLY F 84 -37.86 20.84 -42.27
N ALA F 85 -37.51 20.37 -41.08
CA ALA F 85 -37.77 21.10 -39.85
C ALA F 85 -36.65 22.07 -39.49
N LEU F 86 -35.67 22.24 -40.37
CA LEU F 86 -34.55 23.14 -40.14
C LEU F 86 -34.63 24.33 -41.08
N LEU F 87 -33.87 25.37 -40.74
CA LEU F 87 -33.79 26.59 -41.54
C LEU F 87 -32.34 26.79 -41.98
N GLN F 88 -32.11 26.78 -43.28
CA GLN F 88 -30.77 26.98 -43.85
C GLN F 88 -30.57 28.48 -44.06
N LEU F 89 -30.00 29.14 -43.07
CA LEU F 89 -29.80 30.59 -43.09
C LEU F 89 -28.53 30.90 -43.86
N THR F 90 -28.69 31.15 -45.16
CA THR F 90 -27.56 31.56 -45.99
C THR F 90 -27.05 32.93 -45.51
N VAL F 91 -25.81 32.96 -45.06
CA VAL F 91 -25.25 34.20 -44.56
C VAL F 91 -24.15 34.73 -45.47
N HIS F 92 -23.54 35.85 -45.09
CA HIS F 92 -22.54 36.49 -45.94
C HIS F 92 -21.14 35.94 -45.85
N THR F 93 -20.73 35.61 -44.64
CA THR F 93 -19.37 35.14 -44.44
C THR F 93 -19.24 33.63 -44.38
N ASN F 94 -18.24 33.08 -45.04
CA ASN F 94 -17.98 31.66 -44.95
C ASN F 94 -17.20 31.43 -43.69
N ASN F 95 -17.37 30.27 -43.10
CA ASN F 95 -16.62 29.93 -41.89
C ASN F 95 -15.26 29.39 -42.18
N THR F 96 -14.24 30.13 -41.76
CA THR F 96 -12.87 29.66 -41.92
C THR F 96 -12.61 28.42 -41.08
N ALA F 97 -13.44 28.15 -40.08
CA ALA F 97 -13.31 26.97 -39.22
C ALA F 97 -14.19 25.82 -39.68
N THR F 98 -14.58 25.82 -40.94
CA THR F 98 -15.42 24.75 -41.47
C THR F 98 -14.58 23.50 -41.72
N PRO F 99 -14.88 22.39 -41.01
CA PRO F 99 -14.15 21.15 -41.30
C PRO F 99 -14.87 20.39 -42.41
N ASP F 100 -14.22 19.32 -42.86
CA ASP F 100 -14.89 18.37 -43.73
C ASP F 100 -16.05 17.74 -42.96
N TYR F 101 -17.27 17.93 -43.44
CA TYR F 101 -18.45 17.50 -42.72
C TYR F 101 -19.32 16.65 -43.63
N LYS F 102 -20.07 15.75 -43.00
CA LYS F 102 -21.02 14.90 -43.71
C LYS F 102 -22.30 14.81 -42.89
N PHE F 103 -23.44 14.93 -43.56
CA PHE F 103 -24.74 14.84 -42.90
C PHE F 103 -25.17 13.38 -42.91
N GLU F 104 -24.79 12.65 -41.87
CA GLU F 104 -25.04 11.22 -41.78
C GLU F 104 -26.20 10.96 -40.83
N ARG F 105 -27.20 10.23 -41.31
CA ARG F 105 -28.34 9.87 -40.47
C ARG F 105 -27.98 8.64 -39.63
N LEU F 106 -28.41 8.66 -38.37
CA LEU F 106 -28.12 7.58 -37.44
C LEU F 106 -29.20 6.52 -37.48
N GLN F 107 -28.78 5.25 -37.40
CA GLN F 107 -29.74 4.18 -37.17
C GLN F 107 -29.88 3.93 -35.67
N PRO F 108 -31.03 3.40 -35.23
CA PRO F 108 -31.19 3.14 -33.80
C PRO F 108 -30.11 2.20 -33.28
N GLY F 109 -29.66 2.47 -32.05
CA GLY F 109 -28.59 1.71 -31.44
C GLY F 109 -27.21 2.30 -31.60
N SER F 110 -27.05 3.32 -32.44
CA SER F 110 -25.76 3.97 -32.63
C SER F 110 -25.57 5.07 -31.59
N SER F 111 -24.31 5.28 -31.21
CA SER F 111 -23.96 6.27 -30.21
C SER F 111 -23.51 7.56 -30.88
N MET F 112 -23.53 8.65 -30.10
CA MET F 112 -23.13 9.95 -30.59
C MET F 112 -22.89 10.87 -29.40
N THR F 113 -22.07 11.88 -29.63
CA THR F 113 -21.73 12.87 -28.60
C THR F 113 -22.61 14.09 -28.77
N ILE F 114 -23.24 14.52 -27.66
CA ILE F 114 -24.10 15.70 -27.64
C ILE F 114 -23.30 16.87 -27.10
N ALA F 115 -23.36 18.01 -27.76
CA ALA F 115 -22.72 19.21 -27.25
C ALA F 115 -23.83 20.13 -26.87
N CYS F 116 -24.13 20.20 -25.59
CA CYS F 116 -25.25 21.02 -25.15
C CYS F 116 -24.82 22.42 -25.15
N ALA F 117 -25.51 23.25 -25.90
CA ALA F 117 -25.10 24.63 -26.05
C ALA F 117 -26.11 25.63 -25.61
N TYR F 118 -25.67 26.62 -24.86
CA TYR F 118 -26.58 27.69 -24.49
C TYR F 118 -25.99 29.01 -24.96
N ASP F 119 -26.79 29.81 -25.63
CA ASP F 119 -26.34 31.11 -26.12
C ASP F 119 -25.16 31.00 -27.06
N GLY F 120 -25.18 30.01 -27.94
CA GLY F 120 -24.11 29.82 -28.91
C GLY F 120 -22.84 29.25 -28.34
N ILE F 121 -22.85 28.97 -27.05
CA ILE F 121 -21.69 28.38 -26.43
C ILE F 121 -22.00 27.04 -25.79
N VAL F 122 -21.21 26.03 -26.13
CA VAL F 122 -21.41 24.73 -25.54
C VAL F 122 -21.12 24.82 -24.07
N ARG F 123 -22.00 24.23 -23.28
CA ARG F 123 -21.83 24.23 -21.84
C ARG F 123 -21.40 22.88 -21.36
N HIS F 124 -22.09 21.85 -21.84
CA HIS F 124 -21.74 20.50 -21.40
C HIS F 124 -21.63 19.59 -22.61
N VAL F 125 -20.93 18.47 -22.43
CA VAL F 125 -20.76 17.47 -23.49
C VAL F 125 -20.99 16.10 -22.87
N TYR F 126 -22.01 15.38 -23.32
CA TYR F 126 -22.33 14.05 -22.79
C TYR F 126 -22.61 13.11 -23.96
N HIS F 127 -22.84 11.84 -23.61
CA HIS F 127 -22.97 10.76 -24.58
C HIS F 127 -24.35 10.15 -24.47
N VAL F 128 -25.00 9.95 -25.62
CA VAL F 128 -26.32 9.34 -25.68
C VAL F 128 -26.33 8.28 -26.78
N VAL F 129 -27.39 7.48 -26.77
CA VAL F 129 -27.61 6.45 -27.78
C VAL F 129 -29.05 6.57 -28.27
N LEU F 130 -29.21 6.56 -29.60
CA LEU F 130 -30.55 6.63 -30.19
C LEU F 130 -31.28 5.32 -29.95
N GLN F 131 -32.32 5.36 -29.12
CA GLN F 131 -33.06 4.15 -28.76
C GLN F 131 -33.92 3.69 -29.93
N LEU F 132 -34.58 2.55 -29.75
CA LEU F 132 -35.42 1.98 -30.79
C LEU F 132 -36.74 2.71 -30.96
N ASN F 133 -37.13 3.55 -30.01
CA ASN F 133 -38.28 4.43 -30.15
C ASN F 133 -37.92 5.76 -30.80
N ASN F 134 -36.74 5.84 -31.43
CA ASN F 134 -36.24 7.04 -32.12
C ASN F 134 -36.14 8.23 -31.19
N LEU F 135 -36.01 7.99 -29.89
CA LEU F 135 -35.79 9.04 -28.91
C LEU F 135 -34.43 8.84 -28.26
N ILE F 136 -33.87 9.93 -27.74
CA ILE F 136 -32.64 9.89 -26.97
C ILE F 136 -32.94 10.38 -25.56
N TYR F 137 -32.39 9.69 -24.57
CA TYR F 137 -32.49 10.09 -23.18
C TYR F 137 -31.31 11.01 -22.88
N ALA F 138 -31.55 12.31 -22.92
CA ALA F 138 -30.48 13.29 -22.88
C ALA F 138 -30.72 14.24 -21.71
N SER F 139 -30.15 15.44 -21.80
CA SER F 139 -30.26 16.43 -20.74
C SER F 139 -30.22 17.81 -21.39
N PHE F 140 -31.37 18.48 -21.43
CA PHE F 140 -31.47 19.81 -21.99
C PHE F 140 -32.34 20.67 -21.06
N LEU F 141 -32.33 21.97 -21.32
CA LEU F 141 -33.20 22.92 -20.64
C LEU F 141 -33.73 23.92 -21.68
N ASN F 142 -34.40 24.96 -21.21
CA ASN F 142 -34.88 25.99 -22.12
C ASN F 142 -33.71 26.75 -22.72
N GLY F 143 -33.76 26.97 -24.03
CA GLY F 143 -32.69 27.59 -24.76
C GLY F 143 -31.64 26.64 -25.29
N ALA F 144 -31.83 25.33 -25.12
CA ALA F 144 -30.87 24.35 -25.60
C ALA F 144 -31.22 23.81 -26.98
N CYS F 145 -32.37 24.17 -27.52
CA CYS F 145 -32.73 23.73 -28.87
C CYS F 145 -31.72 24.27 -29.88
N GLY F 146 -31.21 23.38 -30.73
CA GLY F 146 -30.17 23.72 -31.67
C GLY F 146 -28.84 23.06 -31.38
N SER F 147 -28.67 22.51 -30.17
CA SER F 147 -27.49 21.72 -29.87
C SER F 147 -27.43 20.51 -30.80
N VAL F 148 -26.21 20.13 -31.18
CA VAL F 148 -25.99 19.12 -32.21
C VAL F 148 -25.45 17.85 -31.58
N GLY F 149 -25.79 16.72 -32.19
CA GLY F 149 -25.20 15.43 -31.88
C GLY F 149 -24.28 15.00 -33.01
N TYR F 150 -23.05 14.64 -32.65
CA TYR F 150 -22.00 14.46 -33.64
C TYR F 150 -21.13 13.26 -33.27
N THR F 151 -20.41 12.77 -34.27
CA THR F 151 -19.32 11.82 -34.10
C THR F 151 -18.17 12.28 -34.98
N LEU F 152 -16.97 11.77 -34.68
CA LEU F 152 -15.77 12.12 -35.41
C LEU F 152 -15.12 10.88 -35.99
N LYS F 153 -14.50 11.04 -37.15
CA LYS F 153 -13.72 9.97 -37.77
C LYS F 153 -12.52 10.63 -38.47
N GLY F 154 -11.41 10.69 -37.76
CA GLY F 154 -10.22 11.33 -38.28
C GLY F 154 -10.36 12.83 -38.37
N LYS F 155 -10.46 13.35 -39.60
CA LYS F 155 -10.61 14.77 -39.83
C LYS F 155 -12.06 15.18 -40.12
N THR F 156 -12.94 14.22 -40.39
CA THR F 156 -14.30 14.51 -40.79
C THR F 156 -15.22 14.66 -39.57
N LEU F 157 -16.10 15.66 -39.64
CA LEU F 157 -17.11 15.90 -38.60
C LEU F 157 -18.42 15.29 -39.08
N TYR F 158 -18.86 14.23 -38.41
CA TYR F 158 -20.10 13.53 -38.77
C TYR F 158 -21.23 14.06 -37.90
N LEU F 159 -22.11 14.86 -38.49
CA LEU F 159 -23.23 15.46 -37.78
C LEU F 159 -24.46 14.57 -37.92
N HIS F 160 -25.13 14.32 -36.79
CA HIS F 160 -26.24 13.38 -36.76
C HIS F 160 -27.55 13.93 -36.22
N TYR F 161 -27.53 14.98 -35.41
CA TYR F 161 -28.70 15.32 -34.62
C TYR F 161 -28.72 16.81 -34.31
N MET F 162 -29.93 17.35 -34.16
CA MET F 162 -30.12 18.69 -33.65
C MET F 162 -31.39 18.69 -32.81
N HIS F 163 -31.29 19.21 -31.59
CA HIS F 163 -32.38 19.08 -30.63
C HIS F 163 -33.56 19.95 -31.02
N HIS F 164 -34.75 19.55 -30.55
CA HIS F 164 -35.99 20.26 -30.89
C HIS F 164 -36.98 20.24 -29.73
N ILE F 165 -37.39 19.06 -29.27
CA ILE F 165 -38.52 18.91 -28.35
C ILE F 165 -38.17 17.89 -27.27
N GLU F 166 -38.78 18.07 -26.10
CA GLU F 166 -38.64 17.16 -24.97
C GLU F 166 -40.01 16.61 -24.59
N PHE F 167 -40.03 15.35 -24.16
CA PHE F 167 -41.26 14.68 -23.72
C PHE F 167 -41.09 14.23 -22.28
N ASN F 168 -42.01 14.68 -21.41
CA ASN F 168 -42.11 14.19 -20.02
C ASN F 168 -40.81 14.36 -19.25
N ASN F 169 -39.98 15.33 -19.63
CA ASN F 169 -38.68 15.59 -19.02
C ASN F 169 -37.77 14.37 -19.01
N LYS F 170 -38.09 13.34 -19.80
CA LYS F 170 -37.28 12.12 -19.85
C LYS F 170 -36.71 11.89 -21.23
N THR F 171 -37.55 11.82 -22.27
CA THR F 171 -37.11 11.56 -23.62
C THR F 171 -36.97 12.87 -24.40
N HIS F 172 -36.04 12.87 -25.35
CA HIS F 172 -35.79 14.04 -26.19
C HIS F 172 -35.78 13.62 -27.65
N SER F 173 -36.39 14.46 -28.49
CA SER F 173 -36.49 14.19 -29.91
C SER F 173 -35.90 15.36 -30.70
N GLY F 174 -35.53 15.06 -31.93
CA GLY F 174 -34.94 16.06 -32.79
C GLY F 174 -34.85 15.55 -34.21
N THR F 175 -34.13 16.32 -35.03
CA THR F 175 -33.94 15.99 -36.44
C THR F 175 -32.47 15.72 -36.74
N ASP F 176 -32.23 15.28 -37.96
CA ASP F 176 -30.88 15.10 -38.42
C ASP F 176 -30.50 16.39 -39.13
N LEU F 177 -29.25 16.51 -39.54
CA LEU F 177 -28.83 17.74 -40.17
C LEU F 177 -29.42 17.92 -41.57
N GLU F 178 -30.08 16.89 -42.11
CA GLU F 178 -30.79 17.03 -43.38
C GLU F 178 -32.17 17.64 -43.20
N GLY F 179 -32.69 17.69 -41.98
CA GLY F 179 -33.96 18.33 -41.70
C GLY F 179 -35.09 17.39 -41.36
N ASN F 180 -34.87 16.08 -41.38
CA ASN F 180 -35.93 15.11 -41.15
C ASN F 180 -35.90 14.63 -39.69
N PHE F 181 -37.09 14.47 -39.11
CA PHE F 181 -37.18 14.05 -37.73
C PHE F 181 -36.79 12.59 -37.57
N TYR F 182 -36.26 12.27 -36.39
CA TYR F 182 -35.99 10.89 -35.99
C TYR F 182 -37.28 10.31 -35.43
N GLY F 183 -37.97 9.50 -36.24
CA GLY F 183 -39.21 8.90 -35.82
C GLY F 183 -40.42 9.71 -36.20
N PRO F 184 -41.59 9.34 -35.67
CA PRO F 184 -42.85 10.03 -36.01
C PRO F 184 -43.17 11.18 -35.06
N TYR F 185 -42.19 12.05 -34.83
CA TYR F 185 -42.35 13.18 -33.94
C TYR F 185 -42.24 14.47 -34.71
N VAL F 186 -42.83 15.53 -34.15
CA VAL F 186 -42.82 16.85 -34.76
C VAL F 186 -42.55 17.89 -33.67
N ASP F 187 -42.19 19.10 -34.11
CA ASP F 187 -41.91 20.20 -33.20
C ASP F 187 -43.20 20.96 -32.87
N GLU F 188 -44.13 20.24 -32.24
CA GLU F 188 -45.41 20.80 -31.83
C GLU F 188 -45.68 20.39 -30.39
N GLU F 189 -46.06 21.36 -29.57
CA GLU F 189 -46.34 21.08 -28.18
C GLU F 189 -47.71 20.48 -28.09
N VAL F 190 -47.78 19.18 -28.27
CA VAL F 190 -49.04 18.43 -28.24
C VAL F 190 -48.72 16.99 -27.86
N ILE F 191 -49.74 16.30 -27.34
CA ILE F 191 -49.57 14.91 -26.95
C ILE F 191 -49.30 14.07 -28.19
N GLN F 192 -48.12 13.47 -28.26
CA GLN F 192 -47.71 12.64 -29.39
C GLN F 192 -47.48 11.22 -28.90
N GLN F 193 -47.93 10.25 -29.69
CA GLN F 193 -47.81 8.84 -29.31
C GLN F 193 -46.35 8.40 -29.36
N GLN F 194 -45.91 7.71 -28.33
CA GLN F 194 -44.55 7.21 -28.23
C GLN F 194 -44.53 5.71 -28.52
N THR F 195 -43.55 5.28 -29.31
CA THR F 195 -43.37 3.86 -29.53
C THR F 195 -42.91 3.18 -28.24
N ALA F 196 -43.46 2.01 -27.97
CA ALA F 196 -43.09 1.29 -26.75
C ALA F 196 -41.60 0.98 -26.74
N PHE F 197 -41.01 1.07 -25.56
CA PHE F 197 -39.57 0.88 -25.43
C PHE F 197 -39.17 -0.54 -25.80
N GLN F 198 -38.07 -0.67 -26.55
CA GLN F 198 -37.52 -1.96 -26.91
C GLN F 198 -36.01 -1.91 -26.73
N TYR F 199 -35.46 -2.86 -25.99
CA TYR F 199 -34.04 -2.87 -25.71
C TYR F 199 -33.26 -3.22 -26.98
N TYR F 200 -32.22 -2.43 -27.26
CA TYR F 200 -31.29 -2.75 -28.34
C TYR F 200 -30.40 -3.89 -27.88
N THR F 201 -30.68 -5.10 -28.37
CA THR F 201 -30.03 -6.29 -27.83
C THR F 201 -28.53 -6.27 -28.09
N ASP F 202 -28.10 -5.81 -29.27
CA ASP F 202 -26.68 -5.73 -29.56
C ASP F 202 -25.93 -4.89 -28.53
N ASN F 203 -26.58 -3.84 -28.01
CA ASN F 203 -25.92 -2.98 -27.03
C ASN F 203 -25.94 -3.58 -25.65
N VAL F 204 -27.05 -4.24 -25.27
CA VAL F 204 -27.11 -4.89 -23.97
C VAL F 204 -26.07 -6.00 -23.89
N VAL F 205 -25.84 -6.71 -25.00
CA VAL F 205 -24.79 -7.73 -25.03
C VAL F 205 -23.42 -7.08 -24.89
N ALA F 206 -23.22 -5.94 -25.54
CA ALA F 206 -21.93 -5.25 -25.44
C ALA F 206 -21.62 -4.82 -24.01
N GLN F 207 -22.64 -4.32 -23.30
CA GLN F 207 -22.43 -3.85 -21.94
C GLN F 207 -22.03 -5.02 -21.02
N LEU F 208 -22.65 -6.18 -21.21
CA LEU F 208 -22.32 -7.33 -20.38
C LEU F 208 -20.90 -7.83 -20.66
N TYR F 209 -20.44 -7.75 -21.89
CA TYR F 209 -19.07 -8.13 -22.18
C TYR F 209 -18.11 -7.11 -21.63
N ALA F 210 -18.51 -5.85 -21.64
CA ALA F 210 -17.65 -4.83 -21.04
C ALA F 210 -17.49 -5.06 -19.55
N HIS F 211 -18.56 -5.50 -18.87
CA HIS F 211 -18.46 -5.77 -17.44
C HIS F 211 -17.62 -7.00 -17.16
N LEU F 212 -17.73 -8.03 -18.02
CA LEU F 212 -16.95 -9.25 -17.82
C LEU F 212 -15.47 -9.00 -18.02
N LEU F 213 -15.10 -8.02 -18.84
CA LEU F 213 -13.71 -7.68 -19.07
C LEU F 213 -13.19 -6.61 -18.11
N THR F 214 -14.07 -5.91 -17.40
CA THR F 214 -13.65 -4.94 -16.41
C THR F 214 -13.51 -5.54 -15.01
N VAL F 215 -14.34 -6.52 -14.67
CA VAL F 215 -14.28 -7.20 -13.39
C VAL F 215 -13.50 -8.49 -13.55
N ASP F 216 -12.62 -8.78 -12.59
CA ASP F 216 -11.78 -9.98 -12.69
C ASP F 216 -12.59 -11.24 -12.42
N ALA F 217 -13.37 -11.24 -11.34
CA ALA F 217 -14.16 -12.40 -10.95
C ALA F 217 -15.52 -12.38 -11.64
N ARG F 218 -15.86 -13.50 -12.28
CA ARG F 218 -17.14 -13.58 -12.98
C ARG F 218 -18.29 -13.51 -11.99
N PRO F 219 -19.33 -12.74 -12.28
CA PRO F 219 -20.43 -12.55 -11.33
C PRO F 219 -21.29 -13.81 -11.20
N LYS F 220 -22.01 -13.88 -10.09
CA LYS F 220 -22.83 -15.05 -9.79
C LYS F 220 -24.06 -15.11 -10.70
N TRP F 221 -24.58 -13.96 -11.13
CA TRP F 221 -25.78 -13.91 -11.96
C TRP F 221 -25.51 -14.27 -13.42
N LEU F 222 -24.26 -14.45 -13.80
CA LEU F 222 -23.96 -14.85 -15.17
C LEU F 222 -24.44 -16.28 -15.41
N ALA F 223 -25.21 -16.45 -16.50
CA ALA F 223 -25.76 -17.77 -16.80
C ALA F 223 -24.65 -18.76 -17.10
N GLN F 224 -24.78 -19.96 -16.53
CA GLN F 224 -23.80 -21.02 -16.77
C GLN F 224 -24.11 -21.83 -18.01
N SER F 225 -25.39 -22.04 -18.30
CA SER F 225 -25.80 -22.77 -19.48
C SER F 225 -26.09 -21.81 -20.63
N GLN F 226 -26.22 -22.36 -21.82
CA GLN F 226 -26.44 -21.58 -23.03
C GLN F 226 -27.91 -21.60 -23.44
N ILE F 227 -28.31 -20.57 -24.17
CA ILE F 227 -29.54 -20.57 -24.94
C ILE F 227 -29.19 -20.15 -26.36
N SER F 228 -29.79 -20.83 -27.34
CA SER F 228 -29.49 -20.55 -28.73
C SER F 228 -29.98 -19.16 -29.11
N ILE F 229 -29.36 -18.59 -30.15
CA ILE F 229 -29.80 -17.31 -30.67
C ILE F 229 -31.25 -17.39 -31.11
N GLU F 230 -31.64 -18.51 -31.74
CA GLU F 230 -33.01 -18.69 -32.20
C GLU F 230 -34.00 -18.71 -31.04
N ASP F 231 -33.68 -19.46 -29.98
CA ASP F 231 -34.58 -19.54 -28.84
C ASP F 231 -34.68 -18.21 -28.13
N PHE F 232 -33.60 -17.42 -28.13
CA PHE F 232 -33.65 -16.09 -27.52
C PHE F 232 -34.56 -15.16 -28.32
N ASN F 233 -34.48 -15.20 -29.65
CA ASN F 233 -35.32 -14.35 -30.47
C ASN F 233 -36.79 -14.71 -30.33
N SER F 234 -37.10 -15.99 -30.06
CA SER F 234 -38.48 -16.36 -29.74
C SER F 234 -38.92 -15.73 -28.43
N TRP F 235 -38.01 -15.63 -27.46
CA TRP F 235 -38.33 -15.00 -26.19
C TRP F 235 -38.33 -13.47 -26.33
N ALA F 236 -37.42 -12.94 -27.14
CA ALA F 236 -37.29 -11.49 -27.25
C ALA F 236 -38.54 -10.84 -27.82
N ALA F 237 -39.30 -11.57 -28.64
CA ALA F 237 -40.48 -11.02 -29.27
C ALA F 237 -41.56 -10.66 -28.26
N ASN F 238 -41.62 -11.36 -27.13
CA ASN F 238 -42.61 -11.12 -26.10
C ASN F 238 -42.03 -10.44 -24.86
N ASN F 239 -40.81 -9.92 -24.94
CA ASN F 239 -40.19 -9.30 -23.77
C ASN F 239 -39.52 -7.98 -24.11
N SER F 240 -39.94 -7.31 -25.18
CA SER F 240 -39.48 -5.96 -25.54
C SER F 240 -37.98 -5.94 -25.78
N PHE F 241 -37.47 -6.98 -26.44
CA PHE F 241 -36.07 -7.07 -26.85
C PHE F 241 -36.01 -7.23 -28.36
N ALA F 242 -35.12 -6.46 -28.99
CA ALA F 242 -34.98 -6.52 -30.44
C ALA F 242 -34.42 -7.87 -30.88
N ASN F 243 -34.76 -8.24 -32.12
CA ASN F 243 -34.28 -9.49 -32.69
C ASN F 243 -32.77 -9.48 -32.82
N PHE F 244 -32.12 -10.54 -32.30
CA PHE F 244 -30.66 -10.58 -32.31
C PHE F 244 -30.15 -11.31 -33.55
N PRO F 245 -29.17 -10.77 -34.27
CA PRO F 245 -28.57 -9.47 -33.97
C PRO F 245 -29.33 -8.30 -34.59
N CYS F 246 -29.26 -7.12 -33.96
CA CYS F 246 -29.88 -5.94 -34.53
C CYS F 246 -29.13 -5.48 -35.78
N GLU F 247 -27.81 -5.63 -35.78
CA GLU F 247 -26.97 -5.30 -36.92
C GLU F 247 -26.01 -6.44 -37.15
N GLN F 248 -25.94 -6.93 -38.39
CA GLN F 248 -25.02 -8.00 -38.72
C GLN F 248 -23.57 -7.55 -38.61
N THR F 249 -23.29 -6.25 -38.76
CA THR F 249 -21.92 -5.77 -38.60
C THR F 249 -21.48 -5.84 -37.15
N ASN F 250 -22.43 -5.81 -36.20
CA ASN F 250 -22.08 -5.98 -34.79
C ASN F 250 -21.66 -7.39 -34.46
N MET F 251 -21.92 -8.36 -35.34
CA MET F 251 -21.56 -9.74 -35.06
C MET F 251 -20.05 -9.91 -34.97
N SER F 252 -19.31 -9.28 -35.88
CA SER F 252 -17.85 -9.37 -35.82
C SER F 252 -17.30 -8.81 -34.52
N TYR F 253 -17.94 -7.81 -33.97
CA TYR F 253 -17.49 -7.29 -32.73
C TYR F 253 -17.91 -8.20 -31.59
N ILE F 254 -19.16 -8.66 -31.59
CA ILE F 254 -19.65 -9.49 -30.50
C ILE F 254 -18.91 -10.82 -30.46
N MET F 255 -18.70 -11.45 -31.62
CA MET F 255 -17.93 -12.69 -31.65
C MET F 255 -16.49 -12.47 -31.21
N GLY F 256 -15.93 -11.28 -31.49
CA GLY F 256 -14.61 -10.97 -30.99
C GLY F 256 -14.57 -10.83 -29.48
N LEU F 257 -15.57 -10.15 -28.91
CA LEU F 257 -15.64 -10.04 -27.45
C LEU F 257 -15.88 -11.40 -26.81
N SER F 258 -16.59 -12.29 -27.50
CA SER F 258 -16.79 -13.64 -26.96
C SER F 258 -15.49 -14.42 -26.92
N GLN F 259 -14.55 -14.12 -27.82
CA GLN F 259 -13.26 -14.80 -27.82
C GLN F 259 -12.37 -14.31 -26.68
N THR F 260 -12.23 -12.99 -26.53
CA THR F 260 -11.38 -12.46 -25.48
C THR F 260 -11.95 -12.74 -24.10
N ALA F 261 -13.26 -12.57 -23.92
CA ALA F 261 -13.89 -12.84 -22.63
C ALA F 261 -14.10 -14.33 -22.37
N ARG F 262 -13.87 -15.17 -23.37
CA ARG F 262 -14.05 -16.61 -23.25
C ARG F 262 -15.45 -16.97 -22.77
N VAL F 263 -16.44 -16.17 -23.14
CA VAL F 263 -17.83 -16.43 -22.85
C VAL F 263 -18.61 -16.35 -24.16
N PRO F 264 -19.24 -17.43 -24.61
CA PRO F 264 -20.01 -17.36 -25.86
C PRO F 264 -21.26 -16.52 -25.69
N VAL F 265 -21.67 -15.87 -26.79
CA VAL F 265 -22.81 -14.97 -26.75
C VAL F 265 -24.08 -15.68 -26.31
N GLU F 266 -24.15 -17.00 -26.50
CA GLU F 266 -25.31 -17.76 -26.05
C GLU F 266 -25.47 -17.66 -24.54
N ARG F 267 -24.37 -17.67 -23.80
CA ARG F 267 -24.46 -17.51 -22.34
C ARG F 267 -24.83 -16.09 -21.96
N ILE F 268 -24.35 -15.10 -22.73
CA ILE F 268 -24.74 -13.71 -22.47
C ILE F 268 -26.24 -13.53 -22.69
N LEU F 269 -26.76 -14.09 -23.79
CA LEU F 269 -28.20 -13.95 -24.07
C LEU F 269 -29.04 -14.62 -22.99
N ASN F 270 -28.63 -15.81 -22.54
CA ASN F 270 -29.32 -16.46 -21.43
C ASN F 270 -29.24 -15.61 -20.17
N THR F 271 -28.10 -14.95 -19.94
CA THR F 271 -27.98 -14.06 -18.79
C THR F 271 -28.99 -12.91 -18.89
N ILE F 272 -29.19 -12.38 -20.10
CA ILE F 272 -30.20 -11.33 -20.30
C ILE F 272 -31.58 -11.84 -19.89
N ILE F 273 -31.91 -13.06 -20.29
CA ILE F 273 -33.22 -13.62 -19.95
C ILE F 273 -33.34 -13.81 -18.44
N GLN F 274 -32.29 -14.30 -17.79
CA GLN F 274 -32.35 -14.51 -16.35
C GLN F 274 -32.37 -13.20 -15.58
N LEU F 275 -31.71 -12.16 -16.09
CA LEU F 275 -31.68 -10.88 -15.39
C LEU F 275 -33.02 -10.16 -15.46
N THR F 276 -33.85 -10.45 -16.45
CA THR F 276 -35.16 -9.82 -16.59
C THR F 276 -36.27 -10.61 -15.92
N THR F 277 -35.97 -11.81 -15.44
CA THR F 277 -36.98 -12.52 -14.71
C THR F 277 -37.32 -11.65 -13.52
N ASN F 278 -36.34 -11.28 -12.72
CA ASN F 278 -36.54 -10.37 -11.60
C ASN F 278 -36.22 -8.96 -12.08
N ARG F 279 -37.26 -8.16 -12.28
CA ARG F 279 -37.12 -6.82 -12.82
C ARG F 279 -36.22 -5.94 -11.95
N SER F 287 -36.64 5.64 -16.56
CA SER F 287 -36.61 4.19 -16.35
C SER F 287 -35.70 3.52 -17.36
N TYR F 288 -34.89 4.30 -18.07
CA TYR F 288 -33.99 3.74 -19.09
C TYR F 288 -32.81 2.99 -18.47
N ASP F 289 -32.14 3.59 -17.49
CA ASP F 289 -31.03 2.94 -16.78
C ASP F 289 -29.87 2.59 -17.70
N PHE F 290 -29.69 3.35 -18.76
CA PHE F 290 -28.53 3.20 -19.63
C PHE F 290 -28.10 1.81 -20.02
N GLU F 291 -29.06 0.95 -20.28
CA GLU F 291 -28.71 -0.43 -20.63
C GLU F 291 -28.32 -0.60 -22.10
N CYS F 292 -28.57 0.41 -22.94
CA CYS F 292 -28.18 0.39 -24.34
C CYS F 292 -27.10 1.41 -24.66
N ASP F 293 -26.40 1.92 -23.64
CA ASP F 293 -25.41 2.96 -23.83
C ASP F 293 -24.09 2.43 -24.37
N TRP F 294 -23.83 1.13 -24.27
CA TRP F 294 -22.58 0.54 -24.69
C TRP F 294 -22.76 -0.13 -26.05
N THR F 295 -22.04 0.36 -27.06
CA THR F 295 -22.18 -0.32 -28.35
C THR F 295 -21.09 -1.38 -28.51
N PRO F 296 -21.36 -2.41 -29.32
CA PRO F 296 -20.33 -3.43 -29.56
C PRO F 296 -19.03 -2.86 -30.12
N GLU F 297 -19.08 -1.82 -30.90
CA GLU F 297 -17.85 -1.27 -31.41
C GLU F 297 -17.05 -0.55 -30.34
N MET F 298 -17.70 0.31 -29.58
CA MET F 298 -16.97 1.06 -28.55
C MET F 298 -16.37 0.13 -27.51
N VAL F 299 -17.00 -1.01 -27.25
CA VAL F 299 -16.44 -1.98 -26.32
C VAL F 299 -15.29 -2.75 -26.96
N TYR F 300 -15.45 -3.16 -28.22
CA TYR F 300 -14.42 -3.94 -28.90
C TYR F 300 -13.16 -3.14 -29.15
N ASN F 301 -13.29 -1.83 -29.40
CA ASN F 301 -12.11 -1.02 -29.71
C ASN F 301 -11.22 -0.83 -28.49
N GLN F 302 -11.79 -0.83 -27.29
CA GLN F 302 -11.03 -0.67 -26.06
C GLN F 302 -10.57 -2.00 -25.47
N ALA F 303 -10.93 -3.12 -26.10
CA ALA F 303 -10.58 -4.46 -25.66
C ALA F 303 -9.39 -4.99 -26.44
N PRO F 304 -8.64 -5.94 -25.88
CA PRO F 304 -7.50 -6.51 -26.61
C PRO F 304 -7.90 -7.41 -27.77
N ILE F 305 -6.93 -8.05 -28.40
CA ILE F 305 -7.20 -8.93 -29.53
C ILE F 305 -8.21 -10.01 -29.20
C4 02J G 1 40.33 31.58 8.64
C5 02J G 1 41.60 32.09 8.20
C6 02J G 1 42.77 31.26 7.60
O1 02J G 1 41.59 33.39 8.41
N 02J G 1 40.42 33.80 8.95
CA 02J G 1 39.60 32.76 9.12
C 02J G 1 38.14 32.80 9.71
O 02J G 1 37.59 31.81 10.06
N ALA G 2 37.48 34.08 9.82
CA ALA G 2 36.12 34.20 10.34
C ALA G 2 35.42 35.16 9.39
N VAL G 3 33.97 35.17 9.22
CA VAL G 3 33.44 36.12 8.26
C VAL G 3 32.35 37.04 8.92
N LEU G 4 32.43 38.54 8.70
CA LEU G 4 31.40 39.38 9.31
C LEU G 4 30.11 39.09 8.55
CA PJE G 5 27.69 38.41 8.47
C20 PJE G 5 26.77 39.67 8.44
C21 PJE G 5 27.10 40.65 7.51
C PJE G 5 26.27 41.97 7.36
C25 PJE G 5 26.94 37.20 8.97
C26 PJE G 5 27.62 35.95 8.59
C27 PJE G 5 28.00 35.94 7.12
C28 PJE G 5 27.99 34.64 6.77
N6 PJE G 5 26.96 33.89 7.77
C29 PJE G 5 26.63 34.73 8.73
O8 PJE G 5 26.78 34.12 10.02
N PJE G 5 28.88 38.67 9.28
O PJE G 5 25.11 41.94 7.61
C 010 G 6 26.62 43.49 5.56
O 010 G 6 26.89 43.18 6.92
C1 010 G 6 28.28 44.40 3.79
C2 010 G 6 29.45 44.30 3.07
C3 010 G 6 30.29 43.20 3.26
C4 010 G 6 29.95 42.19 4.19
C5 010 G 6 28.78 42.29 4.92
C6 010 G 6 27.94 43.38 4.73
C4 02J H 1 -45.49 13.36 -23.47
C5 02J H 1 -45.79 12.59 -24.66
C6 02J H 1 -45.92 11.04 -24.73
O1 02J H 1 -45.95 13.44 -25.64
N 02J H 1 -45.79 14.72 -25.24
CA 02J H 1 -45.50 14.76 -23.93
C 02J H 1 -45.22 16.00 -23.00
O 02J H 1 -45.23 15.83 -21.82
N ALA H 2 -44.95 17.37 -23.46
CA ALA H 2 -44.88 17.83 -24.86
C ALA H 2 -44.37 19.27 -24.80
N VAL H 3 -42.94 19.58 -24.68
CA VAL H 3 -42.54 20.97 -24.61
C VAL H 3 -41.33 21.29 -25.56
N LEU H 4 -41.42 22.48 -26.51
CA LEU H 4 -40.30 22.80 -27.38
C LEU H 4 -39.17 23.29 -26.50
CA PJE H 5 -36.72 23.37 -25.84
C20 PJE H 5 -35.89 24.51 -26.54
C21 PJE H 5 -36.22 25.83 -26.22
C PJE H 5 -35.44 27.04 -26.87
C25 PJE H 5 -35.82 22.25 -25.40
C26 PJE H 5 -36.48 21.38 -24.41
C27 PJE H 5 -37.23 22.19 -23.36
C28 PJE H 5 -37.21 21.40 -22.26
N6 PJE H 5 -35.86 20.50 -22.35
C29 PJE H 5 -35.40 20.59 -23.58
O8 PJE H 5 -35.20 19.27 -24.13
N PJE H 5 -37.75 22.87 -26.75
O PJE H 5 -34.45 26.84 -27.48
C 010 H 6 -36.84 28.76 -27.75
O 010 H 6 -35.94 28.36 -26.72
C1 010 H 6 -38.41 30.74 -27.22
C2 010 H 6 -39.53 31.27 -26.63
C3 010 H 6 -40.39 30.44 -25.90
C4 010 H 6 -40.09 29.06 -25.75
C5 010 H 6 -38.97 28.54 -26.33
C6 010 H 6 -38.12 29.35 -27.07
C4 02J I 1 -18.41 -45.69 5.11
C5 02J I 1 -19.53 -46.09 5.93
C6 02J I 1 -20.85 -45.29 6.11
O1 02J I 1 -19.23 -47.24 6.49
N 02J I 1 -18.00 -47.67 6.12
CA 02J I 1 -17.44 -46.78 5.29
C 02J I 1 -16.02 -46.91 4.63
O 02J I 1 -15.59 -46.05 3.93
N ALA I 2 -15.24 -48.10 4.89
CA ALA I 2 -13.90 -48.28 4.30
C ALA I 2 -13.75 -49.78 4.04
N VAL I 3 -12.91 -50.26 2.94
CA VAL I 3 -12.80 -51.68 2.72
C VAL I 3 -11.29 -52.06 2.55
N LEU I 4 -10.74 -53.31 3.24
CA LEU I 4 -9.34 -53.68 3.07
C LEU I 4 -9.16 -54.15 1.65
CA PJE I 5 -7.88 -54.19 -0.53
C20 PJE I 5 -6.81 -55.31 -0.55
C21 PJE I 5 -7.21 -56.56 -0.07
C PJE I 5 -6.23 -57.78 -0.05
C25 PJE I 5 -7.56 -53.07 -1.47
C26 PJE I 5 -8.77 -52.31 -1.82
C27 PJE I 5 -9.93 -53.23 -2.18
C28 PJE I 5 -10.72 -52.48 -2.98
N6 PJE I 5 -9.77 -51.36 -3.68
C29 PJE I 5 -8.57 -51.52 -3.17
O8 PJE I 5 -7.98 -50.24 -2.90
N PJE I 5 -7.99 -53.69 0.85
O PJE I 5 -5.41 -57.87 -0.90
C 010 I 6 -6.20 -60.10 0.58
O 010 I 6 -6.33 -58.75 0.99
C1 010 I 6 -8.59 -60.55 1.45
C2 010 I 6 -9.85 -61.11 1.32
C3 010 I 6 -10.16 -61.86 0.18
C4 010 I 6 -9.19 -62.04 -0.84
C5 010 I 6 -7.93 -61.49 -0.71
C6 010 I 6 -7.63 -60.74 0.43
C4 02J J 1 1.84 -10.29 15.07
C5 02J J 1 1.43 -9.15 14.30
C6 02J J 1 0.11 -8.33 14.50
O1 02J J 1 2.36 -8.91 13.41
N 02J J 1 3.38 -9.80 13.48
CA 02J J 1 3.13 -10.67 14.48
C 02J J 1 4.07 -11.87 14.90
O 02J J 1 3.79 -12.55 15.83
N ALA J 2 5.27 -12.11 14.12
CA ALA J 2 6.20 -13.19 14.45
C ALA J 2 7.59 -12.56 14.45
N VAL J 3 8.69 -13.10 15.26
CA VAL J 3 9.95 -12.39 15.16
C VAL J 3 11.09 -13.34 14.68
N LEU J 4 12.06 -12.83 13.61
CA LEU J 4 13.14 -13.67 13.13
C LEU J 4 14.14 -13.78 14.26
CA PJE J 5 15.65 -15.13 15.75
C20 PJE J 5 17.10 -15.30 15.19
C21 PJE J 5 17.74 -14.12 14.89
C PJE J 5 19.21 -14.09 14.34
C25 PJE J 5 15.30 -16.21 16.75
C26 PJE J 5 14.16 -15.80 17.58
C27 PJE J 5 14.35 -14.40 18.16
C28 PJE J 5 13.64 -14.40 19.30
N6 PJE J 5 13.48 -15.95 19.78
C29 PJE J 5 14.09 -16.69 18.88
O8 PJE J 5 13.33 -17.88 18.61
N PJE J 5 14.69 -15.10 14.66
O PJE J 5 19.98 -14.89 14.72
C 010 J 6 20.31 -12.00 13.92
O 010 J 6 19.59 -13.10 13.38
C1 010 J 6 19.98 -9.44 13.94
C2 010 J 6 19.50 -8.29 13.37
C3 010 J 6 18.83 -8.34 12.14
C4 010 J 6 18.64 -9.57 11.49
C5 010 J 6 19.12 -10.74 12.06
C6 010 J 6 19.78 -10.69 13.28
C4 02J K 1 1.70 -7.01 -16.83
C5 02J K 1 0.95 -8.22 -16.63
C6 02J K 1 1.06 -9.51 -17.48
O1 02J K 1 0.17 -8.03 -15.58
N 02J K 1 0.31 -6.79 -15.05
CA 02J K 1 1.24 -6.12 -15.77
C 02J K 1 1.71 -4.65 -15.53
O 02J K 1 1.07 -3.89 -14.89
N ALA K 2 2.98 -4.23 -16.10
CA ALA K 2 3.48 -2.86 -15.91
C ALA K 2 4.00 -2.37 -17.26
N VAL K 3 3.08 -1.77 -18.23
CA VAL K 3 3.61 -1.34 -19.52
C VAL K 3 3.58 0.22 -19.63
N LEU K 4 4.85 0.94 -20.07
CA LEU K 4 4.83 2.40 -20.19
C LEU K 4 3.96 2.68 -21.40
CA PJE K 5 2.03 3.84 -22.53
C20 PJE K 5 2.54 5.10 -23.30
C21 PJE K 5 3.51 4.87 -24.28
C PJE K 5 4.12 6.04 -25.13
C25 PJE K 5 0.57 3.96 -22.20
C26 PJE K 5 -0.01 2.65 -21.87
C27 PJE K 5 0.24 1.64 -22.98
C28 PJE K 5 -0.76 0.75 -22.85
N6 PJE K 5 -2.01 1.54 -22.21
C29 PJE K 5 -1.58 2.72 -21.81
O8 PJE K 5 -2.01 2.97 -20.46
N PJE K 5 2.82 3.65 -21.32
O PJE K 5 3.41 6.89 -25.55
C 010 K 6 5.86 6.49 -26.71
O 010 K 6 5.52 6.06 -25.41
C1 010 K 6 7.54 4.59 -27.21
C2 010 K 6 7.95 3.51 -27.95
C3 010 K 6 7.17 3.06 -29.03
C4 010 K 6 5.97 3.73 -29.36
C5 010 K 6 5.55 4.82 -28.62
C6 010 K 6 6.32 5.26 -27.55
C4 02J L 1 -8.77 5.06 23.14
C5 02J L 1 -9.76 4.10 23.57
C6 02J L 1 -9.45 2.68 24.14
O1 02J L 1 -10.95 4.62 23.40
N 02J L 1 -10.87 5.88 22.89
CA 02J L 1 -9.58 6.21 22.70
C 02J L 1 -9.05 7.56 22.13
O 02J L 1 -7.89 7.81 22.14
N ALA L 2 -9.97 8.52 21.57
CA ALA L 2 -9.50 9.80 21.04
C ALA L 2 -9.84 10.91 22.04
N VAL L 3 -9.21 12.24 21.91
CA VAL L 3 -9.54 13.27 22.87
C VAL L 3 -9.82 14.59 22.09
N LEU L 4 -11.21 15.25 22.16
CA LEU L 4 -11.45 16.49 21.43
C LEU L 4 -10.63 17.57 22.09
CA PJE L 5 -8.82 19.34 22.03
C20 PJE L 5 -9.44 20.75 21.76
C21 PJE L 5 -10.22 21.27 22.79
C PJE L 5 -10.92 22.67 22.69
C25 PJE L 5 -7.36 19.29 21.62
C26 PJE L 5 -6.69 18.15 22.27
C27 PJE L 5 -7.01 18.08 23.75
C28 PJE L 5 -5.96 17.42 24.30
N6 PJE L 5 -4.68 17.71 23.34
C29 PJE L 5 -5.11 18.35 22.28
O8 PJE L 5 -4.54 17.81 21.08
N PJE L 5 -9.58 18.31 21.33
O PJE L 5 -10.72 23.37 21.75
C 010 L 6 -13.11 23.40 23.30
O 010 L 6 -11.79 23.12 23.73
C1 010 L 6 -14.89 21.54 23.59
C2 010 L 6 -15.75 20.80 24.37
C3 010 L 6 -15.82 21.03 25.75
C4 010 L 6 -15.04 22.04 26.33
C5 010 L 6 -14.17 22.79 25.56
C6 010 L 6 -14.08 22.55 24.18
#